data_7AIQ
#
_entry.id   7AIQ
#
_cell.length_a   1.00
_cell.length_b   1.00
_cell.length_c   1.00
_cell.angle_alpha   90.00
_cell.angle_beta   90.00
_cell.angle_gamma   90.00
#
_symmetry.space_group_name_H-M   'P 1'
#
loop_
_entity.id
_entity.type
_entity.pdbx_description
1 polymer 'Solute carrier family 12 member 4'
2 branched beta-D-mannopyranose-(1-4)-2-acetamido-2-deoxy-beta-D-glucopyranose-(1-4)-2-acetamido-2-deoxy-beta-D-glucopyranose
3 non-polymer 2-acetamido-2-deoxy-beta-D-glucopyranose
4 non-polymer "ADENOSINE-5'-TRIPHOSPHATE"
#
_entity_poly.entity_id   1
_entity_poly.type   'polypeptide(L)'
_entity_poly.pdbx_seq_one_letter_code
;MLEGLSWVDYGERAELDDSDGHGNHRESSPFLSPLEASRGIDYYDRNLALFEEELDIRPKVSSLLGKLVSYTNLTQGAKE
HEEAESGEGTRRRAAEAPSMGTLMGVYLPCLQNIFGVILFLRLTWMVGTAGVLQALLIVLICCCCTLLTAISMSAIATNG
VVPAGGSYFMISRSLGPEFGGAVGLCFYLGTTFAAAMYILGAIEILLTYIAPPAAIFYPSGAHDTSNATLNNMRVYGTIF
LTFMTLVVFVGVKYVNKFASLFLACVIISILSIYAGGIKSIFDPPVFPVCMLGNRTLSRDQFDICAKTAVVDNETVATQL
WSFFCHSPNLTTDSCDPYFMLNNVTEIPGIPGAAAGVLQENLWSAYLEKGDIVEKHGLPSADAPSLKESLPLYVVADIAT
SFTVLVGIFFPSVTGIMAGSNRSGDLRDAQKSIPVGTILAIITTSLVYFSSVVLFGACIEGVVLRDKYGDGVSRNLVVGT
LAWPSPWVIVIGSFFSTCGAGLQSLTGAPRLLQAIAKDNIIPFLRVFGHGKVNGEPTWALLLTALIAELGILIASLDMVA
PILSMFFLMCYLFVNLACAVQTLLRTPNWRPRFKYYHWALSFLGMSLCLALMFVSSWYYALVAMLIAGMIYKYIEYQGAE
KEWGDGIRGLSLSAARYALLRLEEGPPHTKNWRPQLLVLLKLDEDLHVKYPRLLTFASQLKAGKGLTIVGSVIQGSFLES
YGEAQAAEQTIKNMMEIEKVKGFCQVVVASKVREGLAHLIQSCGLGGMRHNSVVLGWPYGWRQSEDPRAWKTFIDTVRCT
TAAHLALLVPKNIAFYPSNHERYLEGHIDVWWIVHDGGMLMLLPFLLRQHKVWRKCRMRIFTVAQMDDNSIQMKKDLAVF
LYHLRLEAEVEVVEMHNSDISAYTYERTLMMEQRSQMLRQMRLTKTEREREAQLVKDRHSALRLESLYSDEEDESAVGAD
KIQMTWTRDKYMTETWDPSHAPDNFRELVHIKPDQSNVRRMHTAVKLNEVIVTRSHDARLVLLNMPGPPRNSEGDENYME
FLEVLTEGLERVLLVRGGGREVITIYSAENLYFQ
;
_entity_poly.pdbx_strand_id   A,B
#
# COMPACT_ATOMS: atom_id res chain seq x y z
N PRO A 98 -41.41 -3.42 14.02
CA PRO A 98 -40.88 -4.06 12.82
C PRO A 98 -40.22 -5.41 13.07
N SER A 99 -40.81 -6.47 12.52
CA SER A 99 -40.29 -7.82 12.74
C SER A 99 -40.79 -8.71 11.61
N MET A 100 -39.87 -9.24 10.82
CA MET A 100 -40.21 -10.22 9.80
C MET A 100 -39.08 -11.25 9.74
N GLY A 101 -39.43 -12.44 9.29
CA GLY A 101 -38.54 -13.58 9.41
C GLY A 101 -37.39 -13.51 8.44
N THR A 102 -36.69 -14.63 8.33
CA THR A 102 -35.55 -14.71 7.43
C THR A 102 -35.99 -14.75 5.99
N LEU A 103 -37.03 -15.54 5.70
CA LEU A 103 -37.44 -15.75 4.33
C LEU A 103 -37.81 -14.46 3.62
N MET A 104 -38.90 -13.83 4.02
CA MET A 104 -39.40 -12.65 3.32
C MET A 104 -38.61 -11.40 3.60
N GLY A 105 -37.46 -11.51 4.27
CA GLY A 105 -36.66 -10.35 4.55
C GLY A 105 -35.30 -10.40 3.89
N VAL A 106 -34.76 -11.60 3.71
CA VAL A 106 -33.46 -11.78 3.12
C VAL A 106 -33.48 -12.69 1.90
N TYR A 107 -34.19 -13.80 1.98
CA TYR A 107 -34.04 -14.81 0.93
C TYR A 107 -34.61 -14.32 -0.39
N LEU A 108 -35.87 -13.93 -0.41
CA LEU A 108 -36.52 -13.59 -1.67
C LEU A 108 -35.91 -12.38 -2.36
N PRO A 109 -35.54 -11.30 -1.67
CA PRO A 109 -34.87 -10.19 -2.38
C PRO A 109 -33.56 -10.57 -3.04
N CYS A 110 -32.71 -11.35 -2.37
CA CYS A 110 -31.45 -11.72 -3.01
C CYS A 110 -31.70 -12.56 -4.26
N LEU A 111 -32.63 -13.50 -4.17
CA LEU A 111 -32.96 -14.32 -5.33
C LEU A 111 -33.49 -13.44 -6.46
N GLN A 112 -34.36 -12.50 -6.14
CA GLN A 112 -34.92 -11.63 -7.18
C GLN A 112 -33.83 -10.75 -7.79
N ASN A 113 -32.81 -10.41 -7.03
CA ASN A 113 -31.75 -9.59 -7.59
C ASN A 113 -30.77 -10.39 -8.42
N ILE A 114 -30.62 -11.68 -8.15
CA ILE A 114 -29.63 -12.45 -8.90
C ILE A 114 -30.20 -12.87 -10.26
N PHE A 115 -31.38 -13.48 -10.27
CA PHE A 115 -31.95 -13.90 -11.55
C PHE A 115 -32.19 -12.67 -12.41
N GLY A 116 -31.40 -12.53 -13.47
CA GLY A 116 -31.47 -11.35 -14.29
C GLY A 116 -31.70 -11.73 -15.72
N VAL A 117 -31.25 -10.88 -16.63
CA VAL A 117 -31.43 -11.14 -18.05
C VAL A 117 -30.24 -11.88 -18.61
N ILE A 118 -29.10 -11.85 -17.93
CA ILE A 118 -27.90 -12.53 -18.41
C ILE A 118 -28.19 -14.00 -18.66
N LEU A 119 -29.00 -14.62 -17.80
CA LEU A 119 -29.22 -16.05 -17.96
C LEU A 119 -29.86 -16.36 -19.31
N PHE A 120 -30.98 -15.71 -19.61
CA PHE A 120 -31.68 -16.03 -20.85
C PHE A 120 -30.89 -15.60 -22.07
N LEU A 121 -30.50 -14.34 -22.11
CA LEU A 121 -29.93 -13.82 -23.34
C LEU A 121 -28.54 -14.36 -23.62
N ARG A 122 -27.74 -14.66 -22.59
CA ARG A 122 -26.38 -15.00 -22.92
C ARG A 122 -25.88 -16.24 -22.18
N LEU A 123 -26.77 -17.16 -21.80
CA LEU A 123 -26.27 -18.38 -21.20
C LEU A 123 -26.03 -19.45 -22.25
N THR A 124 -27.03 -19.69 -23.10
CA THR A 124 -26.91 -20.72 -24.10
C THR A 124 -25.73 -20.44 -25.02
N TRP A 125 -25.58 -19.19 -25.43
CA TRP A 125 -24.50 -18.85 -26.33
C TRP A 125 -23.16 -19.11 -25.65
N MET A 126 -23.06 -18.76 -24.37
CA MET A 126 -21.83 -18.98 -23.63
C MET A 126 -21.50 -20.46 -23.48
N VAL A 127 -22.51 -21.29 -23.21
CA VAL A 127 -22.25 -22.72 -23.03
C VAL A 127 -21.84 -23.37 -24.33
N GLY A 128 -22.57 -23.07 -25.42
CA GLY A 128 -22.22 -23.68 -26.69
C GLY A 128 -20.86 -23.26 -27.20
N THR A 129 -20.52 -21.98 -27.08
CA THR A 129 -19.24 -21.52 -27.59
C THR A 129 -18.05 -22.10 -26.83
N ALA A 130 -18.17 -22.27 -25.52
CA ALA A 130 -17.03 -22.68 -24.71
C ALA A 130 -17.08 -24.12 -24.26
N GLY A 131 -18.15 -24.84 -24.56
CA GLY A 131 -18.25 -26.21 -24.12
C GLY A 131 -18.84 -26.31 -22.74
N VAL A 132 -19.01 -27.56 -22.30
CA VAL A 132 -19.62 -27.80 -20.99
C VAL A 132 -18.57 -27.67 -19.89
N LEU A 133 -17.37 -28.18 -20.12
CA LEU A 133 -16.34 -28.15 -19.09
C LEU A 133 -15.96 -26.74 -18.69
N GLN A 134 -15.56 -25.92 -19.67
CA GLN A 134 -15.15 -24.57 -19.32
C GLN A 134 -16.30 -23.73 -18.77
N ALA A 135 -17.53 -24.03 -19.18
CA ALA A 135 -18.67 -23.33 -18.60
C ALA A 135 -18.82 -23.67 -17.12
N LEU A 136 -18.76 -24.95 -16.79
CA LEU A 136 -18.84 -25.32 -15.39
C LEU A 136 -17.70 -24.71 -14.58
N LEU A 137 -16.50 -24.67 -15.16
CA LEU A 137 -15.38 -24.08 -14.42
C LEU A 137 -15.60 -22.59 -14.21
N ILE A 138 -16.14 -21.90 -15.21
CA ILE A 138 -16.43 -20.48 -15.06
C ILE A 138 -17.45 -20.25 -13.96
N VAL A 139 -18.51 -21.06 -13.93
CA VAL A 139 -19.52 -20.87 -12.90
C VAL A 139 -18.92 -21.10 -11.52
N LEU A 140 -18.06 -22.12 -11.38
CA LEU A 140 -17.44 -22.37 -10.09
C LEU A 140 -16.55 -21.21 -9.68
N ILE A 141 -15.75 -20.68 -10.61
CA ILE A 141 -14.87 -19.56 -10.27
C ILE A 141 -15.69 -18.35 -9.86
N CYS A 142 -16.80 -18.11 -10.55
CA CYS A 142 -17.62 -16.94 -10.24
C CYS A 142 -18.45 -17.13 -8.99
N CYS A 143 -18.65 -18.37 -8.53
CA CYS A 143 -19.36 -18.54 -7.27
C CYS A 143 -18.43 -18.53 -6.08
N CYS A 144 -17.17 -18.93 -6.24
CA CYS A 144 -16.28 -18.93 -5.08
C CYS A 144 -15.96 -17.53 -4.58
N CYS A 145 -15.71 -16.57 -5.49
CA CYS A 145 -15.44 -15.20 -5.05
C CYS A 145 -16.65 -14.63 -4.33
N THR A 146 -17.84 -14.91 -4.85
CA THR A 146 -19.04 -14.39 -4.20
C THR A 146 -19.29 -15.09 -2.87
N LEU A 147 -18.85 -16.33 -2.72
CA LEU A 147 -19.00 -17.02 -1.44
C LEU A 147 -18.07 -16.46 -0.39
N LEU A 148 -16.82 -16.20 -0.75
CA LEU A 148 -15.91 -15.61 0.22
C LEU A 148 -16.33 -14.19 0.59
N THR A 149 -16.85 -13.43 -0.37
CA THR A 149 -17.35 -12.11 -0.03
C THR A 149 -18.58 -12.21 0.87
N ALA A 150 -19.44 -13.20 0.65
CA ALA A 150 -20.60 -13.37 1.53
C ALA A 150 -20.19 -13.76 2.94
N ILE A 151 -19.16 -14.59 3.07
CA ILE A 151 -18.70 -14.95 4.42
C ILE A 151 -18.13 -13.73 5.13
N SER A 152 -17.33 -12.91 4.42
CA SER A 152 -16.82 -11.70 5.04
C SER A 152 -17.95 -10.75 5.42
N MET A 153 -18.95 -10.64 4.55
CA MET A 153 -20.10 -9.79 4.85
C MET A 153 -20.84 -10.27 6.08
N SER A 154 -20.93 -11.58 6.26
CA SER A 154 -21.56 -12.08 7.48
C SER A 154 -20.73 -11.79 8.70
N ALA A 155 -19.40 -11.99 8.61
CA ALA A 155 -18.54 -11.66 9.74
C ALA A 155 -18.69 -10.20 10.14
N ILE A 156 -18.87 -9.33 9.15
CA ILE A 156 -19.13 -7.93 9.48
C ILE A 156 -20.49 -7.78 10.12
N ALA A 157 -21.50 -8.46 9.59
CA ALA A 157 -22.87 -8.26 10.04
C ALA A 157 -23.14 -8.87 11.40
N THR A 158 -22.21 -9.64 11.96
CA THR A 158 -22.47 -10.19 13.28
C THR A 158 -21.83 -9.43 14.43
N ASN A 159 -20.64 -8.85 14.26
CA ASN A 159 -20.00 -8.20 15.40
C ASN A 159 -20.84 -7.03 15.87
N GLY A 160 -21.20 -7.04 17.15
CA GLY A 160 -21.95 -5.98 17.74
C GLY A 160 -23.39 -5.93 17.26
N VAL A 161 -24.03 -4.80 17.52
CA VAL A 161 -25.35 -4.53 16.98
C VAL A 161 -25.23 -4.06 15.54
N VAL A 162 -26.29 -4.26 14.78
CA VAL A 162 -26.34 -3.90 13.37
C VAL A 162 -27.14 -2.61 13.23
N PRO A 163 -26.59 -1.57 12.62
CA PRO A 163 -27.35 -0.33 12.46
C PRO A 163 -28.57 -0.60 11.59
N ALA A 164 -29.66 0.08 11.90
CA ALA A 164 -30.93 -0.21 11.25
C ALA A 164 -31.13 0.54 9.94
N GLY A 165 -30.14 1.31 9.50
CA GLY A 165 -30.33 2.10 8.29
C GLY A 165 -30.40 1.27 7.03
N GLY A 166 -29.39 0.42 6.79
CA GLY A 166 -29.34 -0.32 5.54
C GLY A 166 -28.12 -1.18 5.39
N SER A 167 -27.62 -1.31 4.16
CA SER A 167 -26.43 -2.11 3.91
C SER A 167 -25.16 -1.30 3.84
N TYR A 168 -25.27 0.02 3.80
CA TYR A 168 -24.08 0.84 3.80
C TYR A 168 -23.70 1.28 5.20
N PHE A 169 -24.68 1.40 6.09
CA PHE A 169 -24.38 1.86 7.44
C PHE A 169 -23.63 0.80 8.23
N MET A 170 -23.91 -0.47 7.98
CA MET A 170 -23.17 -1.52 8.68
C MET A 170 -21.71 -1.48 8.29
N ILE A 171 -21.43 -1.39 6.98
CA ILE A 171 -20.06 -1.38 6.51
C ILE A 171 -19.29 -0.23 7.11
N SER A 172 -19.89 0.96 7.09
CA SER A 172 -19.22 2.13 7.64
C SER A 172 -18.99 1.97 9.12
N ARG A 173 -20.04 1.66 9.87
CA ARG A 173 -19.92 1.56 11.32
C ARG A 173 -18.90 0.50 11.74
N SER A 174 -18.72 -0.54 10.93
CA SER A 174 -17.82 -1.60 11.34
C SER A 174 -16.44 -1.52 10.70
N LEU A 175 -16.22 -0.60 9.76
CA LEU A 175 -14.93 -0.52 9.11
C LEU A 175 -14.34 0.88 9.05
N GLY A 176 -15.02 1.89 9.60
CA GLY A 176 -14.49 3.21 9.59
C GLY A 176 -15.03 4.03 8.44
N PRO A 177 -15.06 5.34 8.61
CA PRO A 177 -15.60 6.22 7.56
C PRO A 177 -14.85 6.12 6.27
N GLU A 178 -13.54 5.90 6.29
CA GLU A 178 -12.78 5.83 5.05
C GLU A 178 -13.30 4.70 4.17
N PHE A 179 -13.24 3.49 4.69
CA PHE A 179 -13.71 2.34 3.94
C PHE A 179 -15.17 2.52 3.56
N GLY A 180 -16.02 2.85 4.54
CA GLY A 180 -17.43 2.94 4.24
C GLY A 180 -17.72 3.92 3.13
N GLY A 181 -17.03 5.05 3.12
CA GLY A 181 -17.20 5.98 2.03
C GLY A 181 -16.74 5.38 0.70
N ALA A 182 -15.60 4.68 0.72
CA ALA A 182 -15.11 4.08 -0.51
C ALA A 182 -16.06 3.01 -1.05
N VAL A 183 -16.61 2.17 -0.17
CA VAL A 183 -17.51 1.12 -0.63
C VAL A 183 -18.77 1.70 -1.24
N GLY A 184 -19.31 2.76 -0.65
CA GLY A 184 -20.57 3.28 -1.13
C GLY A 184 -20.52 3.79 -2.57
N LEU A 185 -19.40 4.38 -2.96
CA LEU A 185 -19.34 4.97 -4.30
C LEU A 185 -19.21 3.90 -5.38
N CYS A 186 -18.35 2.91 -5.17
CA CYS A 186 -18.24 1.83 -6.15
C CYS A 186 -19.57 1.12 -6.31
N PHE A 187 -20.28 0.93 -5.19
CA PHE A 187 -21.60 0.31 -5.27
C PHE A 187 -22.57 1.19 -6.02
N TYR A 188 -22.50 2.50 -5.83
CA TYR A 188 -23.40 3.38 -6.56
C TYR A 188 -23.17 3.29 -8.06
N LEU A 189 -21.90 3.31 -8.48
CA LEU A 189 -21.62 3.22 -9.91
C LEU A 189 -22.07 1.88 -10.48
N GLY A 190 -21.82 0.81 -9.73
CA GLY A 190 -22.30 -0.49 -10.17
C GLY A 190 -23.81 -0.51 -10.35
N THR A 191 -24.54 0.11 -9.42
CA THR A 191 -25.99 0.06 -9.52
C THR A 191 -26.50 0.84 -10.72
N THR A 192 -25.92 2.01 -10.99
CA THR A 192 -26.45 2.77 -12.12
C THR A 192 -26.13 2.09 -13.44
N PHE A 193 -24.93 1.52 -13.59
CA PHE A 193 -24.68 0.78 -14.82
C PHE A 193 -25.52 -0.48 -14.93
N ALA A 194 -25.89 -1.09 -13.81
CA ALA A 194 -26.79 -2.25 -13.89
C ALA A 194 -28.17 -1.86 -14.39
N ALA A 195 -28.66 -0.70 -13.94
CA ALA A 195 -29.92 -0.22 -14.49
C ALA A 195 -29.81 0.00 -16.01
N ALA A 196 -28.70 0.61 -16.43
CA ALA A 196 -28.49 0.81 -17.86
C ALA A 196 -28.47 -0.52 -18.63
N MET A 197 -27.77 -1.52 -18.10
CA MET A 197 -27.65 -2.79 -18.81
C MET A 197 -28.99 -3.49 -18.91
N TYR A 198 -29.81 -3.41 -17.86
CA TYR A 198 -31.13 -4.04 -17.97
C TYR A 198 -31.97 -3.33 -19.01
N ILE A 199 -31.83 -2.01 -19.12
CA ILE A 199 -32.57 -1.33 -20.17
C ILE A 199 -32.11 -1.82 -21.55
N LEU A 200 -30.81 -2.01 -21.71
CA LEU A 200 -30.32 -2.55 -22.98
C LEU A 200 -30.91 -3.93 -23.26
N GLY A 201 -31.01 -4.76 -22.23
CA GLY A 201 -31.58 -6.07 -22.43
C GLY A 201 -33.03 -6.02 -22.84
N ALA A 202 -33.82 -5.16 -22.20
CA ALA A 202 -35.22 -5.05 -22.58
C ALA A 202 -35.38 -4.54 -24.00
N ILE A 203 -34.55 -3.57 -24.41
CA ILE A 203 -34.63 -3.09 -25.79
C ILE A 203 -34.26 -4.19 -26.77
N GLU A 204 -33.17 -4.91 -26.48
CA GLU A 204 -32.75 -5.98 -27.39
C GLU A 204 -33.82 -7.04 -27.52
N ILE A 205 -34.48 -7.40 -26.42
CA ILE A 205 -35.53 -8.38 -26.52
C ILE A 205 -36.74 -7.81 -27.25
N LEU A 206 -36.90 -6.49 -27.28
CA LEU A 206 -38.09 -5.98 -27.97
C LEU A 206 -37.88 -5.86 -29.47
N LEU A 207 -36.69 -5.46 -29.92
CA LEU A 207 -36.49 -5.16 -31.32
C LEU A 207 -36.07 -6.36 -32.17
N THR A 208 -35.73 -7.49 -31.58
CA THR A 208 -35.20 -8.60 -32.34
C THR A 208 -36.16 -9.76 -32.47
N TYR A 209 -36.88 -10.13 -31.43
CA TYR A 209 -37.78 -11.26 -31.49
C TYR A 209 -39.25 -10.89 -31.40
N ILE A 210 -39.64 -9.99 -30.49
CA ILE A 210 -41.05 -9.72 -30.29
C ILE A 210 -41.68 -9.11 -31.54
N ALA A 211 -41.13 -8.00 -32.00
CA ALA A 211 -41.67 -7.32 -33.18
C ALA A 211 -40.53 -6.57 -33.85
N PRO A 212 -39.99 -7.12 -34.93
CA PRO A 212 -38.92 -6.43 -35.66
C PRO A 212 -39.40 -5.35 -36.63
N PRO A 213 -40.65 -5.35 -37.15
CA PRO A 213 -40.99 -4.28 -38.10
C PRO A 213 -40.86 -2.89 -37.54
N ALA A 214 -41.20 -2.67 -36.26
CA ALA A 214 -41.15 -1.33 -35.67
C ALA A 214 -39.73 -1.02 -35.25
N ALA A 215 -38.85 -0.89 -36.25
CA ALA A 215 -37.45 -0.58 -36.03
C ALA A 215 -37.03 0.65 -36.82
N SER A 226 -24.49 -4.43 -38.82
CA SER A 226 -24.39 -3.05 -39.26
C SER A 226 -24.59 -2.08 -38.10
N ASN A 227 -24.78 -0.81 -38.42
CA ASN A 227 -24.95 0.22 -37.41
C ASN A 227 -26.38 0.71 -37.29
N ALA A 228 -27.27 0.31 -38.19
CA ALA A 228 -28.68 0.67 -38.05
C ALA A 228 -29.26 0.05 -36.79
N THR A 229 -28.88 -1.19 -36.48
CA THR A 229 -29.32 -1.82 -35.25
C THR A 229 -28.79 -1.06 -34.04
N LEU A 230 -27.53 -0.63 -34.07
CA LEU A 230 -26.98 0.12 -32.95
C LEU A 230 -27.71 1.44 -32.77
N ASN A 231 -28.06 2.09 -33.87
CA ASN A 231 -28.76 3.36 -33.77
C ASN A 231 -30.17 3.16 -33.24
N ASN A 232 -30.83 2.08 -33.68
CA ASN A 232 -32.13 1.75 -33.12
C ASN A 232 -32.02 1.52 -31.63
N MET A 233 -30.98 0.80 -31.22
CA MET A 233 -30.77 0.56 -29.79
C MET A 233 -30.56 1.86 -29.04
N ARG A 234 -29.75 2.76 -29.58
CA ARG A 234 -29.51 4.04 -28.91
C ARG A 234 -30.80 4.83 -28.75
N VAL A 235 -31.54 5.00 -29.84
CA VAL A 235 -32.76 5.80 -29.79
C VAL A 235 -33.75 5.19 -28.81
N TYR A 236 -34.02 3.89 -28.95
CA TYR A 236 -35.03 3.28 -28.11
C TYR A 236 -34.60 3.24 -26.66
N GLY A 237 -33.30 3.06 -26.41
CA GLY A 237 -32.82 3.08 -25.04
C GLY A 237 -32.95 4.45 -24.42
N THR A 238 -32.71 5.49 -25.20
CA THR A 238 -32.91 6.84 -24.66
C THR A 238 -34.38 7.08 -24.32
N ILE A 239 -35.29 6.68 -25.21
CA ILE A 239 -36.70 6.88 -24.93
C ILE A 239 -37.12 6.11 -23.67
N PHE A 240 -36.69 4.85 -23.58
CA PHE A 240 -37.03 4.06 -22.40
C PHE A 240 -36.43 4.66 -21.14
N LEU A 241 -35.19 5.13 -21.21
CA LEU A 241 -34.58 5.71 -20.02
C LEU A 241 -35.36 6.92 -19.55
N THR A 242 -35.80 7.76 -20.49
CA THR A 242 -36.62 8.90 -20.12
C THR A 242 -37.90 8.46 -19.43
N PHE A 243 -38.59 7.49 -20.03
CA PHE A 243 -39.88 7.07 -19.46
C PHE A 243 -39.69 6.42 -18.10
N MET A 244 -38.64 5.63 -17.93
CA MET A 244 -38.41 4.96 -16.65
C MET A 244 -37.99 5.96 -15.59
N THR A 245 -37.21 6.96 -15.95
CA THR A 245 -36.84 7.99 -14.99
C THR A 245 -38.07 8.76 -14.54
N LEU A 246 -38.97 9.07 -15.47
CA LEU A 246 -40.17 9.80 -15.08
C LEU A 246 -41.05 8.96 -14.17
N VAL A 247 -41.18 7.67 -14.49
CA VAL A 247 -41.97 6.78 -13.65
C VAL A 247 -41.38 6.73 -12.25
N VAL A 248 -40.05 6.58 -12.18
CA VAL A 248 -39.37 6.52 -10.89
C VAL A 248 -39.57 7.82 -10.14
N PHE A 249 -39.67 8.93 -10.86
CA PHE A 249 -39.92 10.21 -10.20
C PHE A 249 -41.31 10.26 -9.57
N VAL A 250 -42.32 9.73 -10.24
CA VAL A 250 -43.69 9.92 -9.81
C VAL A 250 -44.22 8.74 -9.00
N GLY A 251 -43.85 7.51 -9.35
CA GLY A 251 -44.60 6.38 -8.84
C GLY A 251 -43.88 5.29 -8.07
N VAL A 252 -42.97 5.66 -7.17
CA VAL A 252 -42.21 4.66 -6.42
C VAL A 252 -43.14 3.71 -5.68
N LYS A 253 -44.28 4.22 -5.21
CA LYS A 253 -45.20 3.40 -4.42
C LYS A 253 -45.71 2.22 -5.25
N TYR A 254 -46.10 2.48 -6.49
CA TYR A 254 -46.61 1.41 -7.33
C TYR A 254 -45.53 0.38 -7.66
N VAL A 255 -44.28 0.82 -7.80
CA VAL A 255 -43.18 -0.13 -8.02
C VAL A 255 -43.04 -1.05 -6.82
N ASN A 256 -43.04 -0.47 -5.61
CA ASN A 256 -42.92 -1.29 -4.41
C ASN A 256 -44.14 -2.20 -4.27
N LYS A 257 -45.27 -1.79 -4.84
CA LYS A 257 -46.45 -2.64 -4.82
C LYS A 257 -46.27 -3.84 -5.75
N PHE A 258 -45.83 -3.58 -6.98
CA PHE A 258 -45.75 -4.58 -8.03
C PHE A 258 -44.47 -5.40 -8.01
N ALA A 259 -43.58 -5.19 -7.02
CA ALA A 259 -42.31 -5.92 -7.02
C ALA A 259 -42.47 -7.44 -6.94
N SER A 260 -43.56 -7.94 -6.34
CA SER A 260 -43.73 -9.39 -6.27
C SER A 260 -43.93 -10.02 -7.65
N LEU A 261 -44.59 -9.31 -8.56
CA LEU A 261 -44.91 -9.89 -9.87
C LEU A 261 -43.65 -10.29 -10.62
N PHE A 262 -42.61 -9.47 -10.54
CA PHE A 262 -41.41 -9.75 -11.31
C PHE A 262 -40.77 -11.06 -10.85
N LEU A 263 -40.74 -11.31 -9.55
CA LEU A 263 -40.21 -12.59 -9.08
C LEU A 263 -41.11 -13.73 -9.50
N ALA A 264 -42.43 -13.51 -9.48
CA ALA A 264 -43.33 -14.56 -9.92
C ALA A 264 -43.07 -14.92 -11.38
N CYS A 265 -42.87 -13.92 -12.23
CA CYS A 265 -42.58 -14.18 -13.64
C CYS A 265 -41.29 -14.95 -13.80
N VAL A 266 -40.25 -14.57 -13.06
CA VAL A 266 -38.98 -15.28 -13.17
C VAL A 266 -39.17 -16.74 -12.80
N ILE A 267 -39.89 -17.00 -11.71
CA ILE A 267 -40.09 -18.39 -11.27
C ILE A 267 -40.88 -19.17 -12.31
N ILE A 268 -41.90 -18.54 -12.90
CA ILE A 268 -42.69 -19.25 -13.91
C ILE A 268 -41.83 -19.59 -15.11
N SER A 269 -40.94 -18.67 -15.48
CA SER A 269 -40.05 -18.94 -16.61
C SER A 269 -39.12 -20.12 -16.33
N ILE A 270 -38.48 -20.13 -15.16
CA ILE A 270 -37.54 -21.22 -14.89
C ILE A 270 -38.28 -22.55 -14.78
N LEU A 271 -39.45 -22.54 -14.15
CA LEU A 271 -40.23 -23.77 -14.07
C LEU A 271 -40.56 -24.28 -15.46
N SER A 272 -40.91 -23.37 -16.37
CA SER A 272 -41.23 -23.80 -17.72
C SER A 272 -40.01 -24.36 -18.44
N ILE A 273 -38.84 -23.76 -18.24
CA ILE A 273 -37.62 -24.28 -18.88
C ILE A 273 -37.35 -25.71 -18.42
N TYR A 274 -37.42 -25.95 -17.13
CA TYR A 274 -37.10 -27.30 -16.67
C TYR A 274 -38.18 -28.28 -17.08
N ALA A 275 -39.44 -27.86 -17.08
CA ALA A 275 -40.51 -28.73 -17.56
C ALA A 275 -40.28 -29.09 -19.03
N GLY A 276 -39.85 -28.13 -19.83
CA GLY A 276 -39.54 -28.42 -21.21
C GLY A 276 -38.42 -29.42 -21.36
N GLY A 277 -37.39 -29.31 -20.52
CA GLY A 277 -36.31 -30.28 -20.58
C GLY A 277 -36.80 -31.69 -20.24
N ILE A 278 -37.53 -31.81 -19.13
CA ILE A 278 -38.04 -33.10 -18.73
C ILE A 278 -38.96 -33.68 -19.79
N LYS A 279 -39.70 -32.83 -20.49
CA LYS A 279 -40.51 -33.33 -21.60
C LYS A 279 -39.65 -33.66 -22.80
N SER A 280 -38.47 -33.05 -22.91
CA SER A 280 -37.57 -33.34 -24.01
C SER A 280 -37.01 -34.74 -23.90
N ILE A 281 -36.81 -35.19 -22.66
CA ILE A 281 -36.13 -36.46 -22.46
C ILE A 281 -36.90 -37.58 -23.16
N PHE A 282 -38.23 -37.54 -23.11
CA PHE A 282 -39.02 -38.61 -23.69
C PHE A 282 -39.77 -38.23 -24.96
N ASP A 283 -39.98 -36.93 -25.20
CA ASP A 283 -40.65 -36.53 -26.44
C ASP A 283 -40.29 -35.09 -26.81
N PRO A 284 -39.25 -34.86 -27.60
CA PRO A 284 -38.79 -33.50 -27.83
C PRO A 284 -39.62 -32.83 -28.90
N PRO A 285 -39.46 -31.53 -29.08
CA PRO A 285 -40.18 -30.81 -30.14
C PRO A 285 -39.44 -30.93 -31.48
N VAL A 286 -40.07 -30.37 -32.51
CA VAL A 286 -39.54 -30.41 -33.88
C VAL A 286 -39.17 -28.99 -34.32
N PHE A 287 -37.91 -28.81 -34.70
CA PHE A 287 -37.40 -27.52 -35.16
C PHE A 287 -36.28 -27.74 -36.15
N PRO A 288 -36.62 -27.99 -37.41
CA PRO A 288 -35.60 -28.34 -38.41
C PRO A 288 -34.68 -27.17 -38.71
N VAL A 289 -33.38 -27.43 -38.65
CA VAL A 289 -32.34 -26.48 -39.03
C VAL A 289 -31.68 -26.98 -40.31
N CYS A 290 -31.44 -26.07 -41.24
CA CYS A 290 -30.95 -26.43 -42.57
C CYS A 290 -29.44 -26.34 -42.62
N MET A 291 -28.84 -27.17 -43.48
CA MET A 291 -27.40 -27.33 -43.50
C MET A 291 -26.88 -27.31 -44.93
N LEU A 292 -25.63 -26.85 -45.07
CA LEU A 292 -24.90 -26.86 -46.33
C LEU A 292 -23.51 -27.41 -46.07
N GLY A 293 -23.36 -28.72 -46.26
CA GLY A 293 -22.08 -29.32 -45.93
C GLY A 293 -21.93 -29.25 -44.44
N ASN A 294 -21.03 -28.39 -44.00
CA ASN A 294 -20.80 -28.19 -42.58
C ASN A 294 -20.92 -26.71 -42.21
N ARG A 295 -21.79 -26.01 -42.92
CA ARG A 295 -22.12 -24.61 -42.65
C ARG A 295 -23.52 -24.52 -42.02
N THR A 296 -23.96 -23.30 -41.75
CA THR A 296 -25.26 -23.05 -41.13
C THR A 296 -26.02 -22.00 -41.91
N LEU A 297 -27.15 -22.37 -42.50
CA LEU A 297 -27.95 -21.45 -43.29
C LEU A 297 -28.95 -20.68 -42.46
N SER A 298 -29.12 -19.41 -42.78
CA SER A 298 -30.16 -18.56 -42.18
C SER A 298 -31.54 -18.91 -42.74
N ARG A 299 -32.41 -19.47 -41.91
CA ARG A 299 -33.73 -19.89 -42.36
C ARG A 299 -34.70 -18.73 -42.57
N ASP A 300 -34.28 -17.49 -42.37
CA ASP A 300 -35.22 -16.39 -42.46
C ASP A 300 -35.73 -16.21 -43.89
N GLN A 301 -34.83 -16.20 -44.87
CA GLN A 301 -35.23 -15.92 -46.25
C GLN A 301 -35.93 -17.10 -46.91
N PHE A 302 -35.29 -18.27 -46.92
CA PHE A 302 -35.77 -19.40 -47.71
C PHE A 302 -37.12 -19.92 -47.24
N ASP A 303 -37.91 -20.39 -48.20
CA ASP A 303 -39.15 -21.07 -47.86
C ASP A 303 -38.85 -22.48 -47.36
N ILE A 304 -38.03 -23.23 -48.11
CA ILE A 304 -37.64 -24.59 -47.75
C ILE A 304 -36.20 -24.82 -48.17
N CYS A 305 -35.50 -25.64 -47.39
CA CYS A 305 -34.10 -25.97 -47.69
C CYS A 305 -34.01 -27.27 -48.48
N ALA A 306 -33.93 -27.14 -49.80
CA ALA A 306 -33.78 -28.25 -50.71
C ALA A 306 -33.31 -27.69 -52.05
N LYS A 307 -32.32 -28.35 -52.65
CA LYS A 307 -31.74 -27.80 -53.88
C LYS A 307 -32.79 -27.71 -54.98
N THR A 308 -33.68 -28.69 -55.06
CA THR A 308 -34.70 -28.72 -56.11
C THR A 308 -35.99 -29.26 -55.53
N ALA A 309 -37.10 -28.77 -56.06
CA ALA A 309 -38.42 -29.22 -55.66
C ALA A 309 -39.22 -29.57 -56.90
N VAL A 310 -40.21 -30.43 -56.72
CA VAL A 310 -41.01 -30.96 -57.82
C VAL A 310 -42.34 -30.21 -57.85
N VAL A 311 -42.53 -29.40 -58.88
CA VAL A 311 -43.75 -28.62 -59.06
C VAL A 311 -44.31 -28.91 -60.44
N ASP A 312 -45.60 -29.22 -60.50
CA ASP A 312 -46.28 -29.55 -61.75
C ASP A 312 -45.60 -30.71 -62.46
N ASN A 313 -45.40 -31.81 -61.72
CA ASN A 313 -44.84 -33.05 -62.23
C ASN A 313 -43.38 -32.93 -62.66
N GLU A 314 -42.70 -31.86 -62.27
CA GLU A 314 -41.32 -31.64 -62.69
C GLU A 314 -40.60 -30.80 -61.65
N THR A 315 -39.26 -30.84 -61.71
CA THR A 315 -38.41 -30.17 -60.75
C THR A 315 -38.14 -28.71 -61.11
N VAL A 316 -38.08 -27.86 -60.09
CA VAL A 316 -37.84 -26.44 -60.30
C VAL A 316 -36.99 -25.90 -59.17
N ALA A 317 -36.14 -24.91 -59.51
CA ALA A 317 -35.27 -24.28 -58.54
C ALA A 317 -36.08 -23.59 -57.46
N THR A 318 -35.60 -23.68 -56.23
CA THR A 318 -36.28 -23.08 -55.11
C THR A 318 -35.69 -21.70 -54.82
N GLN A 319 -36.30 -20.99 -53.86
CA GLN A 319 -35.81 -19.67 -53.52
C GLN A 319 -34.37 -19.74 -53.02
N LEU A 320 -34.02 -20.84 -52.36
CA LEU A 320 -32.65 -21.04 -51.92
C LEU A 320 -31.70 -21.06 -53.10
N TRP A 321 -32.12 -21.70 -54.19
CA TRP A 321 -31.30 -21.71 -55.40
C TRP A 321 -31.13 -20.30 -55.95
N SER A 322 -32.23 -19.56 -56.10
CA SER A 322 -32.14 -18.21 -56.64
C SER A 322 -31.32 -17.29 -55.76
N PHE A 323 -31.28 -17.56 -54.45
CA PHE A 323 -30.45 -16.75 -53.54
C PHE A 323 -29.00 -17.15 -53.62
N PHE A 324 -28.73 -18.43 -53.81
CA PHE A 324 -27.36 -18.90 -53.89
C PHE A 324 -26.83 -18.83 -55.31
N CYS A 325 -27.68 -19.09 -56.29
CA CYS A 325 -27.31 -18.96 -57.68
C CYS A 325 -28.08 -17.80 -58.32
N HIS A 326 -27.35 -16.90 -58.98
CA HIS A 326 -27.97 -15.71 -59.52
C HIS A 326 -28.88 -16.03 -60.70
N SER A 327 -28.76 -17.21 -61.26
CA SER A 327 -29.52 -17.70 -62.39
C SER A 327 -30.83 -18.32 -61.93
N PRO A 328 -31.96 -17.96 -62.53
CA PRO A 328 -33.24 -18.59 -62.19
C PRO A 328 -33.55 -19.83 -63.01
N ASN A 329 -32.57 -20.35 -63.74
CA ASN A 329 -32.69 -21.57 -64.52
C ASN A 329 -31.66 -22.58 -64.04
N LEU A 330 -32.09 -23.82 -63.85
CA LEU A 330 -31.17 -24.86 -63.38
C LEU A 330 -29.99 -25.03 -64.32
N THR A 331 -30.24 -24.85 -65.62
CA THR A 331 -29.20 -25.05 -66.63
C THR A 331 -28.24 -23.87 -66.63
N THR A 332 -27.39 -23.83 -65.62
CA THR A 332 -26.38 -22.80 -65.50
C THR A 332 -25.14 -23.40 -64.84
N ASP A 333 -23.98 -22.87 -65.19
CA ASP A 333 -22.72 -23.34 -64.63
C ASP A 333 -21.80 -22.16 -64.33
N SER A 334 -22.34 -21.16 -63.63
CA SER A 334 -21.57 -19.99 -63.25
C SER A 334 -21.73 -19.68 -61.77
N CYS A 335 -22.04 -20.69 -60.96
CA CYS A 335 -22.28 -20.48 -59.55
C CYS A 335 -21.06 -20.89 -58.72
N ASP A 336 -21.13 -20.60 -57.42
CA ASP A 336 -20.02 -20.90 -56.55
C ASP A 336 -19.84 -22.41 -56.41
N PRO A 337 -18.61 -22.88 -56.24
CA PRO A 337 -18.38 -24.33 -56.15
C PRO A 337 -18.91 -24.97 -54.89
N TYR A 338 -19.02 -24.23 -53.79
CA TYR A 338 -19.43 -24.85 -52.54
C TYR A 338 -20.90 -25.28 -52.58
N PHE A 339 -21.75 -24.53 -53.29
CA PHE A 339 -23.14 -24.90 -53.33
C PHE A 339 -23.37 -26.19 -54.09
N MET A 340 -22.78 -26.30 -55.28
CA MET A 340 -22.99 -27.50 -56.07
C MET A 340 -22.20 -28.69 -55.54
N LEU A 341 -21.06 -28.44 -54.89
CA LEU A 341 -20.22 -29.56 -54.47
C LEU A 341 -20.78 -30.30 -53.27
N ASN A 342 -21.50 -29.63 -52.39
CA ASN A 342 -22.03 -30.25 -51.18
C ASN A 342 -23.54 -30.35 -51.25
N ASN A 343 -24.13 -30.96 -50.24
CA ASN A 343 -25.56 -31.21 -50.21
C ASN A 343 -26.28 -30.19 -49.35
N VAL A 344 -27.58 -30.43 -49.14
CA VAL A 344 -28.45 -29.62 -48.30
C VAL A 344 -29.25 -30.59 -47.45
N THR A 345 -29.01 -30.58 -46.15
CA THR A 345 -29.67 -31.51 -45.24
C THR A 345 -30.59 -30.75 -44.29
N GLU A 346 -31.47 -31.51 -43.63
CA GLU A 346 -32.43 -30.98 -42.68
C GLU A 346 -32.40 -31.84 -41.43
N ILE A 347 -31.52 -31.49 -40.49
CA ILE A 347 -31.37 -32.25 -39.26
C ILE A 347 -32.28 -31.67 -38.19
N PRO A 348 -32.77 -32.48 -37.26
CA PRO A 348 -33.57 -31.93 -36.17
C PRO A 348 -32.68 -31.16 -35.21
N GLY A 349 -33.20 -30.03 -34.73
CA GLY A 349 -32.46 -29.12 -33.90
C GLY A 349 -32.55 -29.44 -32.42
N ILE A 350 -33.59 -30.15 -32.03
CA ILE A 350 -33.80 -30.54 -30.64
C ILE A 350 -33.66 -32.06 -30.53
N PRO A 351 -32.43 -32.57 -30.37
CA PRO A 351 -32.25 -34.00 -30.19
C PRO A 351 -32.56 -34.38 -28.75
N GLY A 352 -33.31 -35.46 -28.57
CA GLY A 352 -33.71 -35.84 -27.22
C GLY A 352 -32.51 -36.15 -26.35
N ALA A 353 -32.69 -35.96 -25.05
CA ALA A 353 -31.61 -36.10 -24.09
C ALA A 353 -30.85 -37.41 -24.30
N ALA A 354 -29.53 -37.30 -24.38
CA ALA A 354 -28.69 -38.47 -24.56
C ALA A 354 -27.27 -38.13 -24.13
N ALA A 355 -26.43 -39.16 -24.04
CA ALA A 355 -25.05 -38.96 -23.65
C ALA A 355 -24.13 -38.74 -24.84
N GLY A 356 -24.64 -38.87 -26.07
CA GLY A 356 -23.83 -38.62 -27.23
C GLY A 356 -23.73 -37.15 -27.55
N VAL A 357 -24.78 -36.39 -27.25
CA VAL A 357 -24.76 -34.97 -27.53
C VAL A 357 -23.91 -34.24 -26.51
N LEU A 358 -24.05 -34.60 -25.23
CA LEU A 358 -23.21 -33.99 -24.20
C LEU A 358 -21.76 -34.40 -24.44
N GLN A 359 -21.56 -35.49 -25.16
CA GLN A 359 -20.23 -35.88 -25.58
C GLN A 359 -19.81 -35.04 -26.78
N GLU A 360 -20.79 -34.65 -27.61
CA GLU A 360 -20.48 -33.86 -28.78
C GLU A 360 -19.98 -32.47 -28.40
N ASN A 361 -20.80 -31.69 -27.71
CA ASN A 361 -20.45 -30.33 -27.33
C ASN A 361 -19.75 -30.39 -25.99
N LEU A 362 -18.49 -30.81 -26.03
CA LEU A 362 -17.70 -30.98 -24.83
C LEU A 362 -16.36 -30.31 -24.88
N TRP A 363 -15.90 -29.86 -26.04
CA TRP A 363 -14.62 -29.21 -26.19
C TRP A 363 -14.83 -27.79 -26.72
N SER A 364 -13.88 -26.92 -26.41
CA SER A 364 -14.04 -25.51 -26.70
C SER A 364 -14.25 -25.30 -28.20
N ALA A 365 -14.98 -24.24 -28.53
CA ALA A 365 -15.24 -23.90 -29.92
C ALA A 365 -15.15 -22.40 -30.11
N TYR A 366 -14.12 -21.79 -29.54
CA TYR A 366 -13.96 -20.34 -29.65
C TYR A 366 -13.78 -19.94 -31.10
N LEU A 367 -14.75 -19.18 -31.61
CA LEU A 367 -14.71 -18.70 -32.97
C LEU A 367 -14.04 -17.32 -33.03
N GLU A 368 -13.98 -16.77 -34.24
CA GLU A 368 -13.48 -15.42 -34.44
C GLU A 368 -14.59 -14.54 -35.01
N LYS A 369 -14.34 -13.24 -35.02
CA LYS A 369 -15.33 -12.29 -35.49
C LYS A 369 -15.54 -12.45 -36.99
N GLY A 370 -16.77 -12.74 -37.38
CA GLY A 370 -17.11 -12.91 -38.77
C GLY A 370 -17.06 -14.32 -39.27
N ASP A 371 -16.62 -15.27 -38.45
CA ASP A 371 -16.58 -16.65 -38.91
C ASP A 371 -17.99 -17.21 -39.03
N ILE A 372 -18.07 -18.44 -39.53
CA ILE A 372 -19.32 -19.10 -39.81
C ILE A 372 -19.52 -20.23 -38.79
N VAL A 373 -20.76 -20.37 -38.33
CA VAL A 373 -21.11 -21.41 -37.34
C VAL A 373 -21.16 -22.76 -38.04
N GLU A 374 -20.21 -23.63 -37.70
CA GLU A 374 -20.00 -24.88 -38.41
C GLU A 374 -20.27 -26.07 -37.51
N LYS A 375 -20.86 -27.11 -38.07
CA LYS A 375 -21.24 -28.32 -37.34
C LYS A 375 -20.11 -29.33 -37.47
N HIS A 376 -19.25 -29.41 -36.47
CA HIS A 376 -18.12 -30.33 -36.53
C HIS A 376 -18.62 -31.76 -36.58
N GLY A 377 -18.33 -32.45 -37.67
CA GLY A 377 -18.75 -33.84 -37.82
C GLY A 377 -19.60 -34.15 -39.03
N LEU A 378 -19.43 -33.39 -40.10
CA LEU A 378 -20.13 -33.66 -41.34
C LEU A 378 -19.16 -33.57 -42.51
N PRO A 379 -19.36 -34.38 -43.55
CA PRO A 379 -18.43 -34.36 -44.68
C PRO A 379 -18.55 -33.06 -45.46
N SER A 380 -17.40 -32.42 -45.69
CA SER A 380 -17.36 -31.13 -46.39
C SER A 380 -16.12 -31.09 -47.27
N ALA A 381 -16.31 -30.89 -48.57
CA ALA A 381 -15.23 -30.73 -49.53
C ALA A 381 -15.07 -29.25 -49.86
N ASP A 382 -13.94 -28.68 -49.46
CA ASP A 382 -13.74 -27.24 -49.53
C ASP A 382 -13.68 -26.78 -50.99
N ALA A 383 -13.93 -25.48 -51.16
CA ALA A 383 -13.99 -24.84 -52.47
C ALA A 383 -14.15 -23.34 -52.24
N PRO A 384 -13.79 -22.52 -53.23
CA PRO A 384 -14.00 -21.08 -53.10
C PRO A 384 -15.48 -20.74 -53.08
N SER A 385 -15.76 -19.48 -52.78
CA SER A 385 -17.15 -19.03 -52.70
C SER A 385 -17.22 -17.55 -53.06
N LEU A 386 -18.43 -17.13 -53.44
CA LEU A 386 -18.66 -15.76 -53.86
C LEU A 386 -18.76 -14.85 -52.64
N LYS A 387 -18.94 -13.56 -52.89
CA LYS A 387 -19.08 -12.57 -51.84
C LYS A 387 -20.51 -12.10 -51.67
N GLU A 388 -21.43 -12.56 -52.51
CA GLU A 388 -22.85 -12.29 -52.34
C GLU A 388 -23.57 -13.38 -51.58
N SER A 389 -22.83 -14.33 -51.01
CA SER A 389 -23.42 -15.41 -50.23
C SER A 389 -23.29 -15.20 -48.73
N LEU A 390 -22.33 -14.38 -48.29
CA LEU A 390 -22.18 -14.16 -46.86
C LEU A 390 -23.44 -13.66 -46.18
N PRO A 391 -24.31 -12.85 -46.81
CA PRO A 391 -25.56 -12.49 -46.15
C PRO A 391 -26.52 -13.66 -46.03
N LEU A 392 -26.08 -14.85 -46.44
CA LEU A 392 -26.95 -16.02 -46.41
C LEU A 392 -26.53 -17.05 -45.39
N TYR A 393 -25.31 -16.98 -44.87
CA TYR A 393 -24.89 -17.80 -43.76
C TYR A 393 -25.06 -17.07 -42.43
N VAL A 394 -25.21 -17.82 -41.36
CA VAL A 394 -25.19 -17.25 -40.03
C VAL A 394 -23.74 -16.98 -39.66
N VAL A 395 -23.50 -15.87 -38.97
CA VAL A 395 -22.15 -15.38 -38.75
C VAL A 395 -21.89 -15.20 -37.26
N ALA A 396 -20.64 -15.39 -36.87
CA ALA A 396 -20.23 -15.08 -35.51
C ALA A 396 -20.17 -13.58 -35.33
N ASP A 397 -20.79 -13.08 -34.25
CA ASP A 397 -20.96 -11.64 -34.13
C ASP A 397 -19.77 -10.93 -33.49
N ILE A 398 -19.22 -11.48 -32.42
CA ILE A 398 -18.09 -10.86 -31.74
C ILE A 398 -17.04 -11.92 -31.49
N ALA A 399 -15.81 -11.46 -31.33
CA ALA A 399 -14.74 -12.38 -30.99
C ALA A 399 -14.98 -12.92 -29.59
N THR A 400 -14.91 -14.24 -29.46
CA THR A 400 -15.19 -14.90 -28.20
C THR A 400 -13.89 -15.46 -27.65
N SER A 401 -13.75 -15.43 -26.34
CA SER A 401 -12.57 -15.96 -25.68
C SER A 401 -12.99 -16.46 -24.32
N PHE A 402 -12.02 -16.64 -23.43
CA PHE A 402 -12.36 -17.01 -22.06
C PHE A 402 -12.62 -15.77 -21.20
N THR A 403 -11.78 -14.75 -21.31
CA THR A 403 -11.97 -13.55 -20.50
C THR A 403 -13.25 -12.83 -20.88
N VAL A 404 -13.61 -12.84 -22.16
CA VAL A 404 -14.85 -12.20 -22.58
C VAL A 404 -16.03 -12.90 -21.94
N LEU A 405 -16.02 -14.24 -21.90
CA LEU A 405 -17.13 -14.95 -21.29
C LEU A 405 -17.19 -14.70 -19.79
N VAL A 406 -16.02 -14.61 -19.15
CA VAL A 406 -16.01 -14.28 -17.74
C VAL A 406 -16.70 -12.94 -17.52
N GLY A 407 -16.32 -11.94 -18.31
CA GLY A 407 -16.91 -10.63 -18.16
C GLY A 407 -18.40 -10.60 -18.45
N ILE A 408 -18.84 -11.37 -19.44
CA ILE A 408 -20.25 -11.31 -19.77
C ILE A 408 -21.07 -12.04 -18.72
N PHE A 409 -20.54 -13.10 -18.12
CA PHE A 409 -21.34 -13.85 -17.16
C PHE A 409 -21.34 -13.25 -15.77
N PHE A 410 -20.27 -12.57 -15.37
CA PHE A 410 -20.15 -12.14 -13.98
C PHE A 410 -21.33 -11.33 -13.43
N PRO A 411 -21.97 -10.44 -14.17
CA PRO A 411 -23.07 -9.67 -13.57
C PRO A 411 -24.29 -10.50 -13.21
N SER A 412 -24.20 -11.82 -13.34
CA SER A 412 -25.29 -12.69 -12.96
C SER A 412 -25.10 -13.37 -11.61
N VAL A 413 -24.05 -13.05 -10.88
CA VAL A 413 -23.84 -13.64 -9.57
C VAL A 413 -23.65 -12.54 -8.54
N THR A 414 -23.90 -11.31 -8.95
CA THR A 414 -23.74 -10.15 -8.10
C THR A 414 -25.06 -9.77 -7.44
N GLY A 415 -24.96 -9.16 -6.27
CA GLY A 415 -26.13 -8.75 -5.54
C GLY A 415 -26.23 -9.31 -4.14
N ILE A 416 -25.12 -9.77 -3.56
CA ILE A 416 -25.23 -10.32 -2.22
C ILE A 416 -25.37 -9.22 -1.18
N MET A 417 -25.17 -7.97 -1.56
CA MET A 417 -25.34 -6.87 -0.64
C MET A 417 -26.76 -6.33 -0.72
N ALA A 418 -27.56 -6.86 -1.63
CA ALA A 418 -28.95 -6.46 -1.75
C ALA A 418 -29.84 -7.22 -0.80
N GLY A 419 -29.36 -8.33 -0.25
CA GLY A 419 -30.15 -9.08 0.70
C GLY A 419 -30.23 -8.39 2.04
N SER A 420 -29.10 -7.84 2.49
CA SER A 420 -29.04 -7.13 3.76
C SER A 420 -29.44 -5.67 3.55
N ASN A 421 -30.67 -5.48 3.09
CA ASN A 421 -31.13 -4.18 2.68
C ASN A 421 -32.40 -3.74 3.38
N ARG A 422 -33.02 -4.60 4.17
CA ARG A 422 -34.11 -4.21 5.04
C ARG A 422 -33.74 -4.58 6.46
N SER A 423 -32.48 -4.29 6.80
CA SER A 423 -31.92 -4.66 8.09
C SER A 423 -32.76 -4.17 9.26
N GLY A 424 -33.33 -2.96 9.13
CA GLY A 424 -34.07 -2.39 10.24
C GLY A 424 -35.31 -3.19 10.59
N ASP A 425 -36.06 -3.63 9.57
CA ASP A 425 -37.29 -4.37 9.81
C ASP A 425 -37.02 -5.87 9.78
N LEU A 426 -36.17 -6.29 10.71
CA LEU A 426 -35.82 -7.70 10.87
C LEU A 426 -35.98 -8.12 12.31
N ARG A 427 -36.34 -9.38 12.50
CA ARG A 427 -36.55 -9.91 13.84
C ARG A 427 -35.23 -10.02 14.60
N ASP A 428 -34.30 -10.84 14.08
CA ASP A 428 -32.98 -11.01 14.71
C ASP A 428 -31.93 -11.10 13.62
N ALA A 429 -31.35 -9.96 13.27
CA ALA A 429 -30.53 -9.87 12.08
C ALA A 429 -29.25 -10.70 12.18
N GLN A 430 -28.65 -10.77 13.38
CA GLN A 430 -27.37 -11.45 13.54
C GLN A 430 -27.44 -12.92 13.13
N LYS A 431 -28.62 -13.53 13.27
CA LYS A 431 -28.78 -14.94 12.98
C LYS A 431 -29.58 -15.16 11.71
N SER A 432 -30.13 -14.11 11.13
CA SER A 432 -31.05 -14.23 10.02
C SER A 432 -30.49 -13.76 8.70
N ILE A 433 -29.53 -12.83 8.71
CA ILE A 433 -28.96 -12.34 7.46
C ILE A 433 -27.94 -13.31 6.88
N PRO A 434 -26.92 -13.75 7.63
CA PRO A 434 -25.89 -14.59 6.98
C PRO A 434 -26.44 -15.89 6.43
N VAL A 435 -27.28 -16.59 7.19
CA VAL A 435 -27.82 -17.86 6.71
C VAL A 435 -28.66 -17.65 5.46
N GLY A 436 -29.44 -16.57 5.42
CA GLY A 436 -30.25 -16.30 4.25
C GLY A 436 -29.41 -16.03 3.01
N THR A 437 -28.39 -15.18 3.16
CA THR A 437 -27.53 -14.88 2.04
C THR A 437 -26.85 -16.13 1.52
N ILE A 438 -26.31 -16.96 2.42
CA ILE A 438 -25.60 -18.13 1.94
C ILE A 438 -26.57 -19.12 1.30
N LEU A 439 -27.81 -19.21 1.80
CA LEU A 439 -28.76 -20.09 1.15
C LEU A 439 -29.10 -19.60 -0.24
N ALA A 440 -29.20 -18.28 -0.43
CA ALA A 440 -29.43 -17.75 -1.76
C ALA A 440 -28.28 -18.08 -2.69
N ILE A 441 -27.05 -17.95 -2.19
CA ILE A 441 -25.89 -18.26 -3.01
C ILE A 441 -25.93 -19.71 -3.46
N ILE A 442 -26.22 -20.61 -2.52
CA ILE A 442 -26.24 -22.03 -2.87
C ILE A 442 -27.33 -22.32 -3.89
N THR A 443 -28.51 -21.71 -3.73
CA THR A 443 -29.58 -21.96 -4.68
C THR A 443 -29.20 -21.48 -6.06
N THR A 444 -28.59 -20.30 -6.15
CA THR A 444 -28.19 -19.79 -7.45
C THR A 444 -27.13 -20.67 -8.09
N SER A 445 -26.17 -21.15 -7.29
CA SER A 445 -25.10 -21.97 -7.86
C SER A 445 -25.66 -23.26 -8.41
N LEU A 446 -26.59 -23.89 -7.68
CA LEU A 446 -27.15 -25.13 -8.17
C LEU A 446 -28.04 -24.90 -9.39
N VAL A 447 -28.78 -23.80 -9.42
CA VAL A 447 -29.63 -23.56 -10.58
C VAL A 447 -28.78 -23.37 -11.83
N TYR A 448 -27.68 -22.61 -11.72
CA TYR A 448 -26.83 -22.45 -12.89
C TYR A 448 -26.17 -23.75 -13.29
N PHE A 449 -25.66 -24.53 -12.34
CA PHE A 449 -25.02 -25.79 -12.73
C PHE A 449 -26.00 -26.71 -13.44
N SER A 450 -27.18 -26.90 -12.85
CA SER A 450 -28.16 -27.81 -13.45
C SER A 450 -28.60 -27.31 -14.82
N SER A 451 -28.81 -25.99 -14.96
CA SER A 451 -29.25 -25.50 -16.25
C SER A 451 -28.16 -25.59 -17.30
N VAL A 452 -26.90 -25.36 -16.91
CA VAL A 452 -25.79 -25.50 -17.84
C VAL A 452 -25.72 -26.92 -18.37
N VAL A 453 -25.78 -27.90 -17.46
CA VAL A 453 -25.69 -29.28 -17.92
C VAL A 453 -26.88 -29.66 -18.78
N LEU A 454 -28.09 -29.22 -18.41
CA LEU A 454 -29.25 -29.60 -19.20
C LEU A 454 -29.20 -29.01 -20.61
N PHE A 455 -28.88 -27.72 -20.71
CA PHE A 455 -28.75 -27.11 -22.03
C PHE A 455 -27.65 -27.77 -22.85
N GLY A 456 -26.46 -27.94 -22.26
CA GLY A 456 -25.38 -28.56 -22.99
C GLY A 456 -25.75 -29.94 -23.51
N ALA A 457 -26.49 -30.71 -22.72
CA ALA A 457 -26.75 -32.10 -23.04
C ALA A 457 -28.08 -32.35 -23.76
N CYS A 458 -28.87 -31.32 -24.02
CA CYS A 458 -30.16 -31.55 -24.64
C CYS A 458 -30.35 -30.91 -26.02
N ILE A 459 -29.51 -29.97 -26.41
CA ILE A 459 -29.67 -29.24 -27.66
C ILE A 459 -28.44 -29.41 -28.52
N GLU A 460 -28.65 -29.34 -29.83
CA GLU A 460 -27.56 -29.48 -30.79
C GLU A 460 -26.51 -28.40 -30.61
N GLY A 461 -25.26 -28.75 -30.88
CA GLY A 461 -24.14 -27.84 -30.75
C GLY A 461 -24.05 -26.76 -31.81
N VAL A 462 -24.93 -26.78 -32.81
CA VAL A 462 -24.87 -25.77 -33.87
C VAL A 462 -25.96 -24.72 -33.75
N VAL A 463 -27.07 -25.00 -33.08
CA VAL A 463 -28.11 -24.00 -32.90
C VAL A 463 -27.94 -23.20 -31.63
N LEU A 464 -27.02 -23.59 -30.75
CA LEU A 464 -26.74 -22.76 -29.58
C LEU A 464 -25.98 -21.51 -29.96
N ARG A 465 -25.24 -21.53 -31.06
CA ARG A 465 -24.39 -20.41 -31.40
C ARG A 465 -25.09 -19.29 -32.16
N ASP A 466 -26.38 -19.40 -32.47
CA ASP A 466 -27.09 -18.29 -33.08
C ASP A 466 -27.47 -17.29 -32.01
N LYS A 467 -26.69 -16.22 -31.89
CA LYS A 467 -26.95 -15.24 -30.85
C LYS A 467 -28.36 -14.69 -30.98
N TYR A 468 -28.86 -14.57 -32.21
CA TYR A 468 -30.18 -14.04 -32.47
C TYR A 468 -31.13 -15.11 -33.00
N GLY A 469 -30.82 -16.38 -32.79
CA GLY A 469 -31.71 -17.44 -33.23
C GLY A 469 -31.94 -17.43 -34.72
N ASP A 470 -30.88 -17.61 -35.49
CA ASP A 470 -31.01 -17.57 -36.94
C ASP A 470 -31.37 -18.93 -37.54
N GLY A 471 -30.82 -20.01 -36.98
CA GLY A 471 -31.16 -21.33 -37.48
C GLY A 471 -32.65 -21.62 -37.42
N VAL A 472 -33.26 -21.38 -36.28
CA VAL A 472 -34.70 -21.43 -36.18
C VAL A 472 -35.29 -20.15 -36.74
N SER A 473 -36.60 -20.18 -36.98
CA SER A 473 -37.29 -19.10 -37.68
C SER A 473 -37.41 -17.91 -36.74
N ARG A 474 -36.27 -17.33 -36.38
CA ARG A 474 -36.17 -16.17 -35.52
C ARG A 474 -36.98 -16.37 -34.23
N ASN A 475 -36.59 -17.38 -33.47
CA ASN A 475 -37.14 -17.65 -32.15
C ASN A 475 -36.07 -17.51 -31.08
N LEU A 476 -36.52 -17.44 -29.84
CA LEU A 476 -35.61 -17.46 -28.71
C LEU A 476 -35.02 -18.85 -28.57
N VAL A 477 -33.70 -18.96 -28.73
CA VAL A 477 -33.06 -20.27 -28.72
C VAL A 477 -33.36 -21.04 -27.42
N VAL A 478 -33.31 -20.35 -26.28
CA VAL A 478 -33.67 -21.02 -25.04
C VAL A 478 -35.17 -21.21 -24.90
N GLY A 479 -35.97 -20.46 -25.66
CA GLY A 479 -37.39 -20.63 -25.63
C GLY A 479 -37.91 -21.74 -26.50
N THR A 480 -37.01 -22.34 -27.29
CA THR A 480 -37.41 -23.45 -28.14
C THR A 480 -37.87 -24.63 -27.33
N LEU A 481 -37.18 -24.93 -26.23
CA LEU A 481 -37.58 -25.98 -25.29
C LEU A 481 -38.35 -25.31 -24.17
N ALA A 482 -39.67 -25.39 -24.24
CA ALA A 482 -40.55 -24.87 -23.20
C ALA A 482 -41.92 -25.51 -23.41
N TRP A 483 -42.51 -26.02 -22.33
CA TRP A 483 -43.67 -26.90 -22.51
C TRP A 483 -44.86 -26.16 -23.08
N PRO A 484 -45.40 -25.12 -22.43
CA PRO A 484 -46.65 -24.54 -22.94
C PRO A 484 -46.53 -23.93 -24.32
N SER A 485 -45.58 -23.01 -24.50
CA SER A 485 -45.31 -22.37 -25.78
C SER A 485 -44.05 -21.53 -25.61
N PRO A 486 -43.30 -21.29 -26.68
CA PRO A 486 -42.15 -20.37 -26.57
C PRO A 486 -42.53 -18.94 -26.25
N TRP A 487 -43.81 -18.63 -26.14
CA TRP A 487 -44.22 -17.25 -25.89
C TRP A 487 -44.25 -16.88 -24.41
N VAL A 488 -44.17 -17.83 -23.50
CA VAL A 488 -44.22 -17.47 -22.10
C VAL A 488 -42.88 -16.95 -21.60
N ILE A 489 -41.78 -17.52 -22.08
CA ILE A 489 -40.47 -17.11 -21.59
C ILE A 489 -40.11 -15.73 -22.09
N VAL A 490 -40.50 -15.39 -23.32
CA VAL A 490 -40.15 -14.09 -23.86
C VAL A 490 -40.80 -12.99 -23.03
N ILE A 491 -42.11 -13.09 -22.83
CA ILE A 491 -42.82 -12.07 -22.06
C ILE A 491 -42.32 -12.06 -20.63
N GLY A 492 -42.05 -13.25 -20.07
CA GLY A 492 -41.53 -13.31 -18.71
C GLY A 492 -40.21 -12.58 -18.54
N SER A 493 -39.27 -12.82 -19.45
CA SER A 493 -37.98 -12.16 -19.36
C SER A 493 -38.10 -10.66 -19.61
N PHE A 494 -39.03 -10.27 -20.48
CA PHE A 494 -39.25 -8.83 -20.69
C PHE A 494 -39.67 -8.16 -19.39
N PHE A 495 -40.67 -8.73 -18.72
CA PHE A 495 -41.12 -8.11 -17.48
C PHE A 495 -40.04 -8.17 -16.42
N SER A 496 -39.26 -9.24 -16.38
CA SER A 496 -38.17 -9.31 -15.41
C SER A 496 -37.16 -8.20 -15.64
N THR A 497 -36.83 -7.94 -16.90
CA THR A 497 -35.87 -6.88 -17.19
C THR A 497 -36.41 -5.52 -16.80
N CYS A 498 -37.67 -5.25 -17.12
CA CYS A 498 -38.27 -3.98 -16.71
C CYS A 498 -38.25 -3.81 -15.20
N GLY A 499 -38.60 -4.87 -14.47
CA GLY A 499 -38.61 -4.79 -13.02
C GLY A 499 -37.23 -4.58 -12.43
N ALA A 500 -36.23 -5.25 -12.98
CA ALA A 500 -34.88 -5.08 -12.47
C ALA A 500 -34.38 -3.67 -12.73
N GLY A 501 -34.69 -3.13 -13.90
CA GLY A 501 -34.34 -1.75 -14.17
C GLY A 501 -35.01 -0.78 -13.21
N LEU A 502 -36.31 -0.97 -12.99
CA LEU A 502 -37.03 -0.07 -12.08
C LEU A 502 -36.46 -0.13 -10.67
N GLN A 503 -36.16 -1.34 -10.18
CA GLN A 503 -35.66 -1.43 -8.81
C GLN A 503 -34.26 -0.86 -8.69
N SER A 504 -33.42 -1.02 -9.71
CA SER A 504 -32.10 -0.41 -9.61
C SER A 504 -32.19 1.11 -9.64
N LEU A 505 -33.05 1.66 -10.49
CA LEU A 505 -33.22 3.11 -10.47
C LEU A 505 -33.89 3.61 -9.22
N THR A 506 -34.56 2.74 -8.46
CA THR A 506 -35.08 3.20 -7.18
C THR A 506 -33.99 3.14 -6.11
N GLY A 507 -33.11 2.14 -6.18
CA GLY A 507 -32.14 1.93 -5.12
C GLY A 507 -30.81 2.63 -5.27
N ALA A 508 -30.49 3.19 -6.42
CA ALA A 508 -29.22 3.91 -6.48
C ALA A 508 -29.28 5.31 -5.87
N PRO A 509 -30.29 6.12 -6.20
CA PRO A 509 -30.34 7.46 -5.62
C PRO A 509 -30.47 7.47 -4.11
N ARG A 510 -31.12 6.48 -3.50
CA ARG A 510 -31.18 6.47 -2.04
C ARG A 510 -29.79 6.34 -1.45
N LEU A 511 -28.96 5.49 -2.04
CA LEU A 511 -27.59 5.36 -1.55
C LEU A 511 -26.81 6.66 -1.75
N LEU A 512 -26.99 7.31 -2.90
CA LEU A 512 -26.27 8.56 -3.08
C LEU A 512 -26.71 9.61 -2.08
N GLN A 513 -28.00 9.67 -1.79
CA GLN A 513 -28.49 10.65 -0.83
C GLN A 513 -27.97 10.38 0.57
N ALA A 514 -27.89 9.11 0.97
CA ALA A 514 -27.32 8.80 2.27
C ALA A 514 -25.87 9.22 2.36
N ILE A 515 -25.07 8.89 1.34
CA ILE A 515 -23.67 9.29 1.37
C ILE A 515 -23.55 10.80 1.40
N ALA A 516 -24.44 11.51 0.71
CA ALA A 516 -24.32 12.95 0.67
C ALA A 516 -24.70 13.59 2.00
N LYS A 517 -25.70 13.06 2.68
CA LYS A 517 -26.06 13.64 3.97
C LYS A 517 -25.13 13.22 5.08
N ASP A 518 -24.32 12.18 4.87
CA ASP A 518 -23.34 11.87 5.89
C ASP A 518 -22.17 12.85 5.93
N ASN A 519 -22.02 13.71 4.93
CA ASN A 519 -21.01 14.77 4.95
C ASN A 519 -19.60 14.21 5.04
N ILE A 520 -19.36 13.10 4.36
CA ILE A 520 -18.01 12.56 4.32
C ILE A 520 -17.19 13.23 3.23
N ILE A 521 -17.66 13.19 1.99
CA ILE A 521 -16.97 13.90 0.92
C ILE A 521 -17.62 15.28 0.85
N PRO A 522 -16.88 16.34 0.89
CA PRO A 522 -17.51 17.65 1.07
C PRO A 522 -18.07 18.25 -0.20
N PHE A 523 -17.55 17.91 -1.37
CA PHE A 523 -18.00 18.64 -2.55
C PHE A 523 -19.36 18.18 -3.06
N LEU A 524 -19.91 17.09 -2.56
CA LEU A 524 -21.23 16.64 -2.97
C LEU A 524 -22.25 16.76 -1.84
N ARG A 525 -22.18 17.87 -1.11
CA ARG A 525 -23.19 18.12 -0.10
C ARG A 525 -24.53 18.50 -0.75
N VAL A 526 -24.49 19.06 -1.94
CA VAL A 526 -25.70 19.53 -2.60
C VAL A 526 -26.61 18.35 -2.97
N PHE A 527 -26.05 17.19 -3.26
CA PHE A 527 -26.86 16.06 -3.68
C PHE A 527 -27.76 15.53 -2.58
N GLY A 528 -27.72 16.13 -1.40
CA GLY A 528 -28.63 15.72 -0.35
C GLY A 528 -29.89 16.52 -0.27
N HIS A 529 -30.18 17.38 -1.24
CA HIS A 529 -31.35 18.25 -1.15
C HIS A 529 -32.59 17.47 -1.59
N GLY A 530 -32.97 16.53 -0.73
CA GLY A 530 -34.10 15.68 -1.00
C GLY A 530 -35.40 16.46 -1.12
N LYS A 531 -36.43 15.74 -1.53
CA LYS A 531 -37.75 16.33 -1.67
C LYS A 531 -38.37 16.54 -0.29
N VAL A 532 -39.62 16.99 -0.27
CA VAL A 532 -40.30 17.19 1.00
C VAL A 532 -40.49 15.86 1.71
N ASN A 533 -40.59 14.78 0.96
CA ASN A 533 -40.76 13.45 1.52
C ASN A 533 -39.44 12.75 1.79
N GLY A 534 -38.34 13.26 1.24
CA GLY A 534 -37.04 12.62 1.36
C GLY A 534 -36.52 12.03 0.07
N GLU A 535 -37.36 11.88 -0.94
CA GLU A 535 -36.91 11.30 -2.20
C GLU A 535 -35.93 12.23 -2.88
N PRO A 536 -34.75 11.74 -3.28
CA PRO A 536 -33.72 12.63 -3.81
C PRO A 536 -34.17 13.35 -5.08
N THR A 537 -33.58 14.52 -5.32
CA THR A 537 -33.90 15.32 -6.49
C THR A 537 -32.73 15.46 -7.45
N TRP A 538 -31.59 15.97 -7.01
CA TRP A 538 -30.46 16.16 -7.92
C TRP A 538 -29.50 14.99 -7.87
N ALA A 539 -29.92 13.87 -7.32
CA ALA A 539 -29.17 12.64 -7.41
C ALA A 539 -29.75 11.74 -8.48
N LEU A 540 -31.05 11.88 -8.67
CA LEU A 540 -31.76 11.18 -9.73
C LEU A 540 -31.29 11.68 -11.09
N LEU A 541 -31.06 12.98 -11.21
CA LEU A 541 -30.58 13.54 -12.46
C LEU A 541 -29.20 13.02 -12.80
N LEU A 542 -28.29 13.00 -11.81
CA LEU A 542 -26.96 12.46 -12.06
C LEU A 542 -27.00 11.00 -12.46
N THR A 543 -27.86 10.22 -11.80
CA THR A 543 -27.92 8.81 -12.15
C THR A 543 -28.46 8.62 -13.55
N ALA A 544 -29.51 9.36 -13.92
CA ALA A 544 -30.05 9.25 -15.26
C ALA A 544 -29.04 9.67 -16.32
N LEU A 545 -28.25 10.70 -16.05
CA LEU A 545 -27.27 11.11 -17.04
C LEU A 545 -26.18 10.05 -17.22
N ILE A 546 -25.70 9.46 -16.12
CA ILE A 546 -24.71 8.41 -16.27
C ILE A 546 -25.30 7.21 -16.99
N ALA A 547 -26.57 6.91 -16.72
CA ALA A 547 -27.22 5.79 -17.40
C ALA A 547 -27.31 6.06 -18.89
N GLU A 548 -27.55 7.30 -19.27
CA GLU A 548 -27.56 7.62 -20.69
C GLU A 548 -26.18 7.45 -21.30
N LEU A 549 -25.15 7.95 -20.60
CA LEU A 549 -23.79 7.77 -21.10
C LEU A 549 -23.46 6.30 -21.26
N GLY A 550 -24.06 5.44 -20.44
CA GLY A 550 -23.84 4.01 -20.63
C GLY A 550 -24.66 3.43 -21.76
N ILE A 551 -25.88 3.95 -21.96
CA ILE A 551 -26.72 3.45 -23.03
C ILE A 551 -26.12 3.79 -24.38
N LEU A 552 -25.45 4.93 -24.49
CA LEU A 552 -24.90 5.33 -25.77
C LEU A 552 -23.91 4.30 -26.32
N ILE A 553 -23.46 3.36 -25.50
CA ILE A 553 -22.62 2.29 -26.04
C ILE A 553 -23.48 1.22 -26.71
N ALA A 554 -24.61 0.87 -26.10
CA ALA A 554 -25.63 0.04 -26.76
C ALA A 554 -25.09 -1.32 -27.18
N SER A 555 -24.44 -2.01 -26.25
CA SER A 555 -23.98 -3.37 -26.52
C SER A 555 -23.70 -4.05 -25.20
N LEU A 556 -24.45 -5.13 -24.93
CA LEU A 556 -24.28 -5.85 -23.68
C LEU A 556 -22.84 -6.30 -23.49
N ASP A 557 -22.19 -6.75 -24.56
CA ASP A 557 -20.84 -7.30 -24.44
C ASP A 557 -19.81 -6.25 -24.09
N MET A 558 -20.16 -4.96 -24.13
CA MET A 558 -19.25 -3.91 -23.69
C MET A 558 -19.72 -3.24 -22.41
N VAL A 559 -21.00 -3.30 -22.08
CA VAL A 559 -21.45 -2.77 -20.81
C VAL A 559 -21.14 -3.74 -19.68
N ALA A 560 -21.18 -5.03 -19.95
CA ALA A 560 -20.98 -5.99 -18.86
C ALA A 560 -19.62 -5.91 -18.18
N PRO A 561 -18.49 -5.75 -18.88
CA PRO A 561 -17.21 -5.68 -18.15
C PRO A 561 -17.05 -4.49 -17.24
N ILE A 562 -17.63 -3.33 -17.57
CA ILE A 562 -17.54 -2.16 -16.71
C ILE A 562 -18.25 -2.41 -15.38
N LEU A 563 -19.48 -2.89 -15.49
CA LEU A 563 -20.24 -3.32 -14.33
C LEU A 563 -19.43 -4.30 -13.50
N SER A 564 -18.82 -5.28 -14.16
CA SER A 564 -18.03 -6.25 -13.44
C SER A 564 -16.86 -5.60 -12.72
N MET A 565 -16.21 -4.62 -13.33
CA MET A 565 -15.10 -3.96 -12.66
C MET A 565 -15.56 -3.27 -11.39
N PHE A 566 -16.69 -2.56 -11.45
CA PHE A 566 -17.13 -1.87 -10.24
C PHE A 566 -17.45 -2.85 -9.13
N PHE A 567 -18.17 -3.91 -9.46
CA PHE A 567 -18.55 -4.84 -8.42
C PHE A 567 -17.35 -5.60 -7.86
N LEU A 568 -16.41 -5.97 -8.71
CA LEU A 568 -15.23 -6.66 -8.21
C LEU A 568 -14.41 -5.74 -7.31
N MET A 569 -14.34 -4.46 -7.65
CA MET A 569 -13.62 -3.53 -6.79
C MET A 569 -14.29 -3.44 -5.43
N CYS A 570 -15.63 -3.33 -5.40
CA CYS A 570 -16.35 -3.28 -4.14
C CYS A 570 -16.08 -4.52 -3.29
N TYR A 571 -16.18 -5.70 -3.87
CA TYR A 571 -15.97 -6.92 -3.11
C TYR A 571 -14.54 -7.03 -2.61
N LEU A 572 -13.58 -6.68 -3.46
CA LEU A 572 -12.18 -6.73 -3.03
C LEU A 572 -11.96 -5.82 -1.84
N PHE A 573 -12.59 -4.65 -1.84
CA PHE A 573 -12.41 -3.73 -0.73
C PHE A 573 -13.00 -4.27 0.55
N VAL A 574 -14.20 -4.84 0.48
CA VAL A 574 -14.80 -5.41 1.68
C VAL A 574 -13.90 -6.50 2.28
N ASN A 575 -13.45 -7.43 1.43
CA ASN A 575 -12.63 -8.53 1.94
C ASN A 575 -11.32 -8.04 2.54
N LEU A 576 -10.64 -7.14 1.84
CA LEU A 576 -9.36 -6.66 2.34
C LEU A 576 -9.54 -5.95 3.68
N ALA A 577 -10.59 -5.14 3.80
CA ALA A 577 -10.82 -4.45 5.07
C ALA A 577 -11.00 -5.45 6.19
N CYS A 578 -11.81 -6.48 5.95
CA CYS A 578 -12.03 -7.48 7.00
C CYS A 578 -10.72 -8.11 7.42
N ALA A 579 -9.92 -8.56 6.45
CA ALA A 579 -8.69 -9.25 6.79
C ALA A 579 -7.74 -8.36 7.59
N VAL A 580 -7.58 -7.11 7.14
CA VAL A 580 -6.66 -6.22 7.84
C VAL A 580 -7.14 -5.95 9.25
N GLN A 581 -8.42 -5.68 9.42
CA GLN A 581 -8.90 -5.37 10.76
C GLN A 581 -8.78 -6.57 11.69
N THR A 582 -8.89 -7.78 11.14
CA THR A 582 -8.70 -8.97 11.98
C THR A 582 -7.23 -9.18 12.34
N LEU A 583 -6.31 -8.94 11.41
CA LEU A 583 -4.90 -9.24 11.69
C LEU A 583 -4.32 -8.38 12.79
N LEU A 584 -4.41 -7.07 12.65
CA LEU A 584 -3.72 -6.16 13.55
C LEU A 584 -4.42 -5.98 14.89
N ARG A 585 -5.52 -6.69 15.12
CA ARG A 585 -6.28 -6.60 16.37
C ARG A 585 -6.84 -5.20 16.55
N THR A 586 -7.73 -4.82 15.64
CA THR A 586 -8.38 -3.54 15.75
C THR A 586 -9.17 -3.51 17.06
N PRO A 587 -9.25 -2.37 17.74
CA PRO A 587 -9.87 -2.36 19.07
C PRO A 587 -11.34 -2.77 19.09
N ASN A 588 -12.14 -2.31 18.14
CA ASN A 588 -13.57 -2.50 18.19
C ASN A 588 -14.04 -3.63 17.30
N TRP A 589 -13.18 -4.57 16.92
CA TRP A 589 -13.52 -5.57 15.94
C TRP A 589 -13.42 -6.95 16.59
N ARG A 590 -14.57 -7.52 16.95
CA ARG A 590 -14.64 -8.90 17.46
C ARG A 590 -15.87 -9.58 16.86
N PRO A 591 -15.70 -10.39 15.83
CA PRO A 591 -16.85 -11.05 15.19
C PRO A 591 -17.27 -12.30 15.94
N ARG A 592 -18.56 -12.61 15.86
CA ARG A 592 -19.08 -13.77 16.55
C ARG A 592 -19.32 -14.97 15.63
N PHE A 593 -19.10 -14.83 14.34
CA PHE A 593 -19.30 -15.96 13.43
C PHE A 593 -18.39 -17.13 13.80
N LYS A 594 -18.94 -18.34 13.73
CA LYS A 594 -18.14 -19.51 14.09
C LYS A 594 -17.16 -19.86 12.96
N TYR A 595 -17.67 -20.16 11.77
CA TYR A 595 -16.81 -20.57 10.66
C TYR A 595 -16.29 -19.33 9.93
N TYR A 596 -15.48 -18.56 10.64
CA TYR A 596 -14.88 -17.39 10.02
C TYR A 596 -13.43 -17.30 10.47
N HIS A 597 -12.53 -17.05 9.53
CA HIS A 597 -11.13 -16.96 9.85
C HIS A 597 -10.49 -16.10 8.77
N TRP A 598 -9.57 -15.21 9.17
CA TRP A 598 -9.02 -14.25 8.24
C TRP A 598 -8.42 -14.90 7.00
N ALA A 599 -8.08 -16.19 7.05
CA ALA A 599 -7.59 -16.86 5.85
C ALA A 599 -8.63 -16.89 4.76
N LEU A 600 -9.91 -17.01 5.12
CA LEU A 600 -10.96 -17.02 4.11
C LEU A 600 -11.05 -15.68 3.40
N SER A 601 -11.01 -14.58 4.15
CA SER A 601 -11.04 -13.26 3.54
C SER A 601 -9.81 -13.04 2.67
N PHE A 602 -8.65 -13.53 3.11
CA PHE A 602 -7.47 -13.38 2.29
C PHE A 602 -7.63 -14.12 0.97
N LEU A 603 -8.15 -15.34 1.01
CA LEU A 603 -8.36 -16.11 -0.22
C LEU A 603 -9.38 -15.41 -1.12
N GLY A 604 -10.42 -14.82 -0.53
CA GLY A 604 -11.38 -14.09 -1.33
C GLY A 604 -10.77 -12.90 -2.01
N MET A 605 -9.94 -12.15 -1.28
CA MET A 605 -9.22 -11.04 -1.91
C MET A 605 -8.40 -11.54 -3.09
N SER A 606 -7.69 -12.65 -2.92
CA SER A 606 -6.86 -13.14 -4.01
C SER A 606 -7.69 -13.52 -5.22
N LEU A 607 -8.78 -14.27 -5.01
CA LEU A 607 -9.57 -14.74 -6.14
C LEU A 607 -10.26 -13.59 -6.87
N CYS A 608 -10.85 -12.67 -6.12
CA CYS A 608 -11.55 -11.58 -6.78
C CYS A 608 -10.56 -10.62 -7.43
N LEU A 609 -9.34 -10.50 -6.89
CA LEU A 609 -8.33 -9.73 -7.59
C LEU A 609 -7.93 -10.40 -8.90
N ALA A 610 -7.79 -11.72 -8.88
CA ALA A 610 -7.47 -12.43 -10.11
C ALA A 610 -8.54 -12.20 -11.17
N LEU A 611 -9.81 -12.24 -10.76
CA LEU A 611 -10.88 -11.94 -11.70
C LEU A 611 -10.77 -10.51 -12.22
N MET A 612 -10.58 -9.56 -11.30
CA MET A 612 -10.49 -8.15 -11.69
C MET A 612 -9.36 -7.91 -12.68
N PHE A 613 -8.31 -8.74 -12.65
CA PHE A 613 -7.21 -8.55 -13.58
C PHE A 613 -7.37 -9.34 -14.86
N VAL A 614 -8.12 -10.44 -14.84
CA VAL A 614 -8.33 -11.20 -16.06
C VAL A 614 -9.09 -10.38 -17.09
N SER A 615 -10.12 -9.65 -16.65
CA SER A 615 -10.95 -8.92 -17.60
C SER A 615 -10.15 -7.88 -18.38
N SER A 616 -9.49 -6.96 -17.67
CA SER A 616 -8.68 -5.96 -18.35
C SER A 616 -7.72 -5.33 -17.35
N TRP A 617 -6.41 -5.54 -17.52
CA TRP A 617 -5.48 -5.03 -16.53
C TRP A 617 -5.53 -3.51 -16.42
N TYR A 618 -5.63 -2.81 -17.55
CA TYR A 618 -5.58 -1.35 -17.47
C TYR A 618 -6.83 -0.81 -16.78
N TYR A 619 -7.99 -1.37 -17.10
CA TYR A 619 -9.20 -0.94 -16.41
C TYR A 619 -9.10 -1.18 -14.93
N ALA A 620 -8.51 -2.31 -14.54
CA ALA A 620 -8.33 -2.59 -13.12
C ALA A 620 -7.42 -1.55 -12.48
N LEU A 621 -6.39 -1.12 -13.20
CA LEU A 621 -5.51 -0.09 -12.65
C LEU A 621 -6.27 1.21 -12.46
N VAL A 622 -7.11 1.58 -13.42
CA VAL A 622 -7.88 2.81 -13.30
C VAL A 622 -8.82 2.72 -12.10
N ALA A 623 -9.48 1.58 -11.93
CA ALA A 623 -10.39 1.43 -10.79
C ALA A 623 -9.63 1.52 -9.48
N MET A 624 -8.47 0.88 -9.40
CA MET A 624 -7.69 0.92 -8.18
C MET A 624 -7.21 2.34 -7.86
N LEU A 625 -6.83 3.10 -8.89
CA LEU A 625 -6.40 4.46 -8.64
C LEU A 625 -7.56 5.34 -8.18
N ILE A 626 -8.74 5.14 -8.75
CA ILE A 626 -9.91 5.89 -8.26
C ILE A 626 -10.15 5.56 -6.80
N ALA A 627 -10.10 4.27 -6.46
CA ALA A 627 -10.35 3.87 -5.09
C ALA A 627 -9.33 4.46 -4.12
N GLY A 628 -8.05 4.41 -4.50
CA GLY A 628 -7.03 4.97 -3.63
C GLY A 628 -7.18 6.46 -3.45
N MET A 629 -7.54 7.17 -4.53
CA MET A 629 -7.73 8.61 -4.42
C MET A 629 -8.86 8.94 -3.47
N ILE A 630 -9.99 8.22 -3.57
CA ILE A 630 -11.10 8.54 -2.70
C ILE A 630 -10.78 8.17 -1.25
N TYR A 631 -10.06 7.08 -1.05
CA TYR A 631 -9.66 6.71 0.30
C TYR A 631 -8.80 7.78 0.95
N LYS A 632 -7.73 8.19 0.26
CA LYS A 632 -6.85 9.19 0.86
C LYS A 632 -7.56 10.52 1.04
N TYR A 633 -8.47 10.87 0.14
CA TYR A 633 -9.17 12.13 0.30
C TYR A 633 -10.10 12.10 1.51
N ILE A 634 -10.79 10.99 1.74
CA ILE A 634 -11.61 10.89 2.95
C ILE A 634 -10.74 10.97 4.19
N GLU A 635 -9.59 10.29 4.19
CA GLU A 635 -8.74 10.34 5.36
C GLU A 635 -8.30 11.76 5.66
N TYR A 636 -7.89 12.48 4.63
CA TYR A 636 -7.46 13.86 4.84
C TYR A 636 -8.59 14.71 5.37
N GLN A 637 -9.80 14.56 4.83
CA GLN A 637 -10.89 15.39 5.30
C GLN A 637 -11.23 15.09 6.75
N GLY A 638 -11.21 13.82 7.14
CA GLY A 638 -11.46 13.49 8.53
C GLY A 638 -10.42 14.07 9.45
N ALA A 639 -9.14 14.00 9.05
CA ALA A 639 -8.10 14.59 9.87
C ALA A 639 -8.30 16.09 10.01
N GLU A 640 -8.62 16.77 8.92
CA GLU A 640 -8.83 18.21 9.00
C GLU A 640 -10.04 18.56 9.85
N LYS A 641 -11.03 17.67 9.92
CA LYS A 641 -12.19 18.01 10.73
C LYS A 641 -12.01 17.74 12.21
N GLU A 642 -11.24 16.71 12.58
CA GLU A 642 -11.12 16.42 14.00
C GLU A 642 -10.13 17.35 14.69
N TRP A 643 -8.97 17.58 14.10
CA TRP A 643 -7.90 18.27 14.81
C TRP A 643 -7.75 19.72 14.37
N GLY A 644 -7.64 19.98 13.07
CA GLY A 644 -7.50 21.35 12.62
C GLY A 644 -6.53 21.57 11.47
N ASP A 645 -5.53 20.71 11.35
CA ASP A 645 -4.54 20.84 10.30
C ASP A 645 -4.58 19.63 9.36
N GLY A 646 -4.02 19.82 8.18
CA GLY A 646 -3.97 18.77 7.18
C GLY A 646 -2.86 17.78 7.45
N ILE A 647 -1.62 18.24 7.37
CA ILE A 647 -0.49 17.33 7.55
C ILE A 647 -0.34 16.96 9.01
N ARG A 648 -0.27 17.98 9.87
CA ARG A 648 -0.19 17.76 11.30
C ARG A 648 -1.37 16.95 11.82
N GLY A 649 -2.55 17.16 11.23
CA GLY A 649 -3.69 16.36 11.62
C GLY A 649 -3.53 14.90 11.28
N LEU A 650 -2.96 14.60 10.11
CA LEU A 650 -2.71 13.20 9.77
C LEU A 650 -1.80 12.53 10.78
N SER A 651 -0.73 13.20 11.16
CA SER A 651 0.19 12.61 12.12
C SER A 651 -0.47 12.42 13.47
N LEU A 652 -1.25 13.39 13.92
CA LEU A 652 -1.93 13.23 15.20
C LEU A 652 -2.86 12.04 15.17
N SER A 653 -3.61 11.88 14.07
CA SER A 653 -4.55 10.78 14.00
C SER A 653 -3.83 9.44 13.98
N ALA A 654 -2.73 9.35 13.22
CA ALA A 654 -1.99 8.10 13.20
C ALA A 654 -1.47 7.76 14.58
N ALA A 655 -0.95 8.75 15.30
CA ALA A 655 -0.43 8.49 16.63
C ALA A 655 -1.51 7.99 17.57
N ARG A 656 -2.67 8.65 17.54
CA ARG A 656 -3.74 8.23 18.44
C ARG A 656 -4.20 6.83 18.11
N TYR A 657 -4.32 6.52 16.82
CA TYR A 657 -4.76 5.19 16.44
C TYR A 657 -3.79 4.14 16.95
N ALA A 658 -2.49 4.39 16.77
CA ALA A 658 -1.50 3.42 17.21
C ALA A 658 -1.55 3.21 18.72
N LEU A 659 -1.66 4.29 19.48
CA LEU A 659 -1.70 4.14 20.93
C LEU A 659 -2.95 3.38 21.37
N LEU A 660 -4.10 3.71 20.78
CA LEU A 660 -5.32 3.02 21.18
C LEU A 660 -5.22 1.53 20.89
N ARG A 661 -4.64 1.17 19.75
CA ARG A 661 -4.52 -0.24 19.44
C ARG A 661 -3.55 -0.92 20.40
N LEU A 662 -2.48 -0.23 20.77
CA LEU A 662 -1.53 -0.81 21.69
C LEU A 662 -2.07 -0.92 23.11
N GLU A 663 -3.13 -0.19 23.43
CA GLU A 663 -3.66 -0.19 24.80
C GLU A 663 -4.04 -1.59 25.24
N GLU A 664 -4.89 -2.27 24.47
CA GLU A 664 -5.36 -3.59 24.86
C GLU A 664 -4.26 -4.62 24.64
N GLY A 665 -4.35 -5.72 25.38
CA GLY A 665 -3.39 -6.79 25.27
C GLY A 665 -2.48 -6.89 26.47
N PRO A 666 -1.76 -8.00 26.58
CA PRO A 666 -0.85 -8.21 27.71
C PRO A 666 0.22 -7.14 27.74
N PRO A 667 0.44 -6.52 28.89
CA PRO A 667 1.36 -5.38 28.97
C PRO A 667 2.79 -5.75 29.27
N HIS A 668 3.17 -6.99 28.98
CA HIS A 668 4.53 -7.46 29.22
C HIS A 668 5.15 -7.97 27.94
N THR A 669 6.37 -7.51 27.66
CA THR A 669 7.09 -7.93 26.47
C THR A 669 7.99 -9.11 26.80
N LYS A 670 8.08 -10.05 25.86
CA LYS A 670 8.89 -11.25 26.08
C LYS A 670 10.37 -10.92 26.26
N ASN A 671 10.81 -9.78 25.75
CA ASN A 671 12.19 -9.34 25.87
C ASN A 671 12.23 -8.06 26.69
N TRP A 672 13.45 -7.67 27.09
CA TRP A 672 13.64 -6.48 27.88
C TRP A 672 14.70 -5.60 27.24
N ARG A 673 14.31 -4.41 26.80
CA ARG A 673 15.25 -3.43 26.31
C ARG A 673 15.12 -2.14 27.10
N PRO A 674 16.23 -1.54 27.52
CA PRO A 674 16.15 -0.32 28.33
C PRO A 674 15.56 0.84 27.54
N GLN A 675 14.52 1.44 28.10
CA GLN A 675 13.94 2.68 27.59
C GLN A 675 14.14 3.74 28.67
N LEU A 676 15.05 4.68 28.41
CA LEU A 676 15.57 5.47 29.52
C LEU A 676 14.72 6.71 29.75
N LEU A 677 14.78 7.21 30.98
CA LEU A 677 14.29 8.53 31.35
C LEU A 677 15.41 9.25 32.08
N VAL A 678 16.04 10.22 31.42
CA VAL A 678 17.21 10.90 31.96
C VAL A 678 16.79 12.08 32.81
N LEU A 679 17.00 11.98 34.13
CA LEU A 679 16.61 13.06 35.05
C LEU A 679 17.70 14.12 35.15
N LEU A 680 17.63 15.15 34.31
CA LEU A 680 18.61 16.22 34.35
C LEU A 680 18.26 17.18 35.46
N LYS A 681 19.28 17.83 36.02
CA LYS A 681 19.07 18.81 37.08
C LYS A 681 19.54 20.16 36.58
N LEU A 682 18.58 21.05 36.37
CA LEU A 682 18.87 22.38 35.85
C LEU A 682 19.55 23.24 36.90
N ASP A 683 20.37 24.17 36.43
CA ASP A 683 21.07 25.06 37.34
C ASP A 683 20.18 26.22 37.76
N GLU A 684 20.69 27.03 38.69
CA GLU A 684 19.95 28.20 39.12
C GLU A 684 19.82 29.21 37.99
N ASP A 685 20.77 29.20 37.06
CA ASP A 685 20.74 30.03 35.87
C ASP A 685 20.18 29.30 34.67
N LEU A 686 19.51 28.16 34.90
CA LEU A 686 18.85 27.40 33.85
C LEU A 686 19.87 26.93 32.82
N HIS A 687 20.90 26.26 33.30
CA HIS A 687 21.86 25.59 32.45
C HIS A 687 21.99 24.13 32.84
N VAL A 688 22.18 23.27 31.84
CA VAL A 688 22.34 21.85 32.10
C VAL A 688 23.61 21.64 32.91
N LYS A 689 23.47 21.05 34.10
CA LYS A 689 24.64 20.85 34.95
C LYS A 689 25.62 19.86 34.35
N TYR A 690 25.12 18.68 33.99
CA TYR A 690 25.96 17.60 33.45
C TYR A 690 25.55 17.28 32.03
N PRO A 691 26.09 17.97 31.03
CA PRO A 691 25.74 17.64 29.64
C PRO A 691 26.30 16.32 29.17
N ARG A 692 26.98 15.57 30.04
CA ARG A 692 27.43 14.24 29.68
C ARG A 692 26.36 13.17 29.85
N LEU A 693 25.33 13.42 30.66
CA LEU A 693 24.25 12.45 30.75
C LEU A 693 23.55 12.29 29.41
N LEU A 694 23.33 13.38 28.70
CA LEU A 694 22.70 13.27 27.40
C LEU A 694 23.60 12.52 26.44
N THR A 695 24.91 12.76 26.50
CA THR A 695 25.83 12.03 25.66
C THR A 695 25.77 10.53 25.96
N PHE A 696 25.75 10.18 27.24
CA PHE A 696 25.70 8.78 27.61
C PHE A 696 24.41 8.12 27.15
N ALA A 697 23.30 8.84 27.27
CA ALA A 697 22.04 8.28 26.79
C ALA A 697 22.09 8.07 25.29
N SER A 698 22.69 9.02 24.57
CA SER A 698 22.78 8.85 23.12
C SER A 698 23.69 7.71 22.75
N GLN A 699 24.73 7.46 23.53
CA GLN A 699 25.59 6.32 23.21
C GLN A 699 24.91 5.01 23.54
N LEU A 700 24.06 4.98 24.55
CA LEU A 700 23.47 3.70 24.91
C LEU A 700 22.25 3.38 24.06
N LYS A 701 21.52 4.39 23.58
CA LYS A 701 20.36 4.13 22.75
C LYS A 701 20.68 4.15 21.27
N ALA A 702 21.57 5.05 20.84
CA ALA A 702 21.92 5.19 19.43
C ALA A 702 20.72 5.63 18.60
N GLY A 703 19.92 6.52 19.17
CA GLY A 703 18.85 7.13 18.41
C GLY A 703 17.70 6.24 18.04
N LYS A 704 17.56 5.09 18.68
CA LYS A 704 16.45 4.19 18.37
C LYS A 704 15.84 3.68 19.66
N GLY A 705 14.55 3.95 19.83
CA GLY A 705 13.83 3.62 21.04
C GLY A 705 13.16 4.86 21.54
N LEU A 706 12.74 4.85 22.79
CA LEU A 706 12.08 5.99 23.41
C LEU A 706 13.01 6.59 24.46
N THR A 707 13.12 7.91 24.47
CA THR A 707 13.99 8.59 25.45
C THR A 707 13.35 9.90 25.86
N ILE A 708 12.76 9.93 27.03
CA ILE A 708 12.17 11.14 27.61
C ILE A 708 13.16 11.77 28.56
N VAL A 709 13.20 13.10 28.58
CA VAL A 709 14.17 13.85 29.36
C VAL A 709 13.41 14.82 30.25
N GLY A 710 13.21 14.45 31.51
CA GLY A 710 12.50 15.28 32.44
C GLY A 710 13.42 16.07 33.34
N SER A 711 12.84 17.06 34.01
CA SER A 711 13.57 17.90 34.95
C SER A 711 12.58 18.72 35.75
N VAL A 712 12.89 18.94 37.02
CA VAL A 712 12.02 19.67 37.94
C VAL A 712 12.63 21.03 38.24
N ILE A 713 11.77 22.04 38.35
CA ILE A 713 12.19 23.40 38.65
C ILE A 713 11.49 23.84 39.92
N GLN A 714 12.25 24.11 40.97
CA GLN A 714 11.64 24.50 42.22
C GLN A 714 11.02 25.89 42.11
N GLY A 715 9.92 26.09 42.82
CA GLY A 715 9.24 27.37 42.83
C GLY A 715 7.74 27.21 42.90
N SER A 716 7.01 28.13 42.30
CA SER A 716 5.55 28.08 42.28
C SER A 716 5.09 28.14 40.83
N PHE A 717 4.09 27.33 40.51
CA PHE A 717 3.61 27.30 39.13
C PHE A 717 2.88 28.58 38.76
N LEU A 718 2.16 29.17 39.71
CA LEU A 718 1.28 30.27 39.36
C LEU A 718 2.03 31.42 38.71
N GLU A 719 3.28 31.65 39.09
CA GLU A 719 4.01 32.79 38.55
C GLU A 719 5.29 32.42 37.80
N SER A 720 5.47 31.18 37.37
CA SER A 720 6.74 30.83 36.72
C SER A 720 6.52 29.99 35.46
N TYR A 721 5.56 30.36 34.62
CA TYR A 721 5.31 29.56 33.43
C TYR A 721 6.35 29.84 32.34
N GLY A 722 6.73 31.10 32.20
CA GLY A 722 7.68 31.45 31.16
C GLY A 722 9.01 30.80 31.41
N GLU A 723 9.37 30.65 32.68
CA GLU A 723 10.61 29.97 33.02
C GLU A 723 10.56 28.54 32.50
N ALA A 724 9.41 27.91 32.65
CA ALA A 724 9.26 26.54 32.18
C ALA A 724 9.41 26.46 30.67
N GLN A 725 8.78 27.38 29.95
CA GLN A 725 8.88 27.32 28.51
C GLN A 725 10.31 27.57 28.04
N ALA A 726 10.99 28.53 28.67
CA ALA A 726 12.37 28.80 28.32
C ALA A 726 13.26 27.59 28.58
N ALA A 727 13.07 26.95 29.73
CA ALA A 727 13.87 25.77 30.03
C ALA A 727 13.59 24.66 29.05
N GLU A 728 12.34 24.54 28.59
CA GLU A 728 12.01 23.51 27.62
C GLU A 728 12.75 23.74 26.32
N GLN A 729 12.77 24.98 25.85
CA GLN A 729 13.51 25.27 24.63
C GLN A 729 15.00 25.04 24.81
N THR A 730 15.53 25.41 25.99
CA THR A 730 16.94 25.23 26.24
C THR A 730 17.33 23.76 26.17
N ILE A 731 16.56 22.91 26.85
CA ILE A 731 16.86 21.49 26.83
C ILE A 731 16.69 20.92 25.43
N LYS A 732 15.71 21.40 24.68
CA LYS A 732 15.58 20.89 23.32
C LYS A 732 16.80 21.22 22.48
N ASN A 733 17.33 22.43 22.59
CA ASN A 733 18.52 22.76 21.83
C ASN A 733 19.70 21.90 22.25
N MET A 734 19.94 21.82 23.57
CA MET A 734 21.07 21.02 24.04
C MET A 734 20.91 19.57 23.66
N MET A 735 19.68 19.09 23.56
CA MET A 735 19.43 17.71 23.19
C MET A 735 19.59 17.49 21.69
N GLU A 736 19.25 18.49 20.89
CA GLU A 736 19.51 18.39 19.47
C GLU A 736 21.00 18.40 19.17
N ILE A 737 21.79 19.12 19.95
CA ILE A 737 23.22 19.16 19.69
C ILE A 737 23.84 17.80 19.90
N GLU A 738 23.55 17.16 21.02
CA GLU A 738 24.18 15.87 21.31
C GLU A 738 23.63 14.74 20.48
N LYS A 739 22.68 15.03 19.57
CA LYS A 739 22.11 14.03 18.67
C LYS A 739 21.46 12.88 19.45
N VAL A 740 20.42 13.23 20.19
CA VAL A 740 19.56 12.26 20.84
C VAL A 740 18.12 12.68 20.57
N LYS A 741 17.34 11.79 19.99
CA LYS A 741 15.99 12.10 19.54
C LYS A 741 14.98 11.71 20.62
N GLY A 742 14.44 12.70 21.31
CA GLY A 742 13.49 12.43 22.37
C GLY A 742 12.63 13.64 22.68
N PHE A 743 11.61 13.40 23.49
CA PHE A 743 10.67 14.41 23.94
C PHE A 743 11.20 15.02 25.24
N CYS A 744 10.62 16.14 25.64
CA CYS A 744 11.13 16.84 26.82
C CYS A 744 9.97 17.35 27.66
N GLN A 745 9.93 16.91 28.91
CA GLN A 745 8.92 17.33 29.88
C GLN A 745 9.56 18.19 30.95
N VAL A 746 8.92 19.30 31.30
CA VAL A 746 9.36 20.14 32.41
C VAL A 746 8.18 20.45 33.32
N VAL A 747 8.33 20.17 34.60
CA VAL A 747 7.27 20.43 35.56
C VAL A 747 7.78 21.42 36.59
N VAL A 748 6.87 22.18 37.19
CA VAL A 748 7.22 23.17 38.19
C VAL A 748 6.59 22.71 39.50
N ALA A 749 7.40 22.26 40.43
CA ALA A 749 6.91 21.77 41.70
C ALA A 749 7.28 22.73 42.81
N SER A 750 6.81 22.42 44.01
CA SER A 750 7.16 23.22 45.17
C SER A 750 8.42 22.73 45.86
N LYS A 751 8.56 21.41 46.00
CA LYS A 751 9.79 20.81 46.48
C LYS A 751 10.24 19.77 45.47
N VAL A 752 11.55 19.72 45.22
CA VAL A 752 12.06 18.88 44.15
C VAL A 752 11.76 17.42 44.38
N ARG A 753 11.57 17.01 45.63
CA ARG A 753 11.31 15.61 45.92
C ARG A 753 9.98 15.15 45.32
N GLU A 754 8.90 15.86 45.61
CA GLU A 754 7.61 15.46 45.07
C GLU A 754 7.56 15.65 43.56
N GLY A 755 8.29 16.64 43.05
CA GLY A 755 8.41 16.76 41.61
C GLY A 755 9.03 15.52 40.99
N LEU A 756 10.09 15.02 41.60
CA LEU A 756 10.71 13.79 41.11
C LEU A 756 9.73 12.63 41.18
N ALA A 757 8.96 12.54 42.26
CA ALA A 757 8.01 11.43 42.36
C ALA A 757 6.96 11.50 41.24
N HIS A 758 6.36 12.67 41.06
CA HIS A 758 5.34 12.80 40.02
C HIS A 758 5.93 12.59 38.64
N LEU A 759 7.20 12.93 38.45
CA LEU A 759 7.82 12.68 37.16
C LEU A 759 8.11 11.21 36.95
N ILE A 760 8.48 10.50 38.02
CA ILE A 760 8.85 9.11 37.87
C ILE A 760 7.63 8.27 37.56
N GLN A 761 6.53 8.53 38.23
CA GLN A 761 5.38 7.66 38.07
C GLN A 761 4.41 8.10 36.97
N SER A 762 4.62 9.26 36.35
CA SER A 762 3.70 9.71 35.30
C SER A 762 4.49 10.35 34.17
N CYS A 763 4.89 9.54 33.19
CA CYS A 763 5.55 10.06 32.00
C CYS A 763 5.28 9.09 30.87
N GLY A 764 4.53 9.53 29.88
CA GLY A 764 4.13 8.68 28.78
C GLY A 764 2.64 8.66 28.61
N LEU A 765 2.18 7.84 27.67
CA LEU A 765 0.77 7.75 27.39
C LEU A 765 0.38 6.30 27.17
N GLY A 766 -0.16 5.66 28.20
CA GLY A 766 -0.59 4.30 28.05
C GLY A 766 0.56 3.33 27.97
N GLY A 767 0.79 2.77 26.78
CA GLY A 767 1.83 1.78 26.64
C GLY A 767 3.20 2.33 26.33
N MET A 768 3.30 3.61 25.96
CA MET A 768 4.59 4.21 25.65
C MET A 768 5.20 4.75 26.94
N ARG A 769 5.62 3.82 27.77
CA ARG A 769 6.16 4.15 29.07
C ARG A 769 7.64 3.83 29.12
N HIS A 770 8.33 4.48 30.05
CA HIS A 770 9.72 4.20 30.29
C HIS A 770 9.85 2.99 31.21
N ASN A 771 11.04 2.41 31.24
CA ASN A 771 11.27 1.35 32.22
C ASN A 771 12.68 1.41 32.78
N SER A 772 13.24 2.62 32.87
CA SER A 772 14.58 2.77 33.42
C SER A 772 14.80 4.24 33.73
N VAL A 773 15.35 4.50 34.90
CA VAL A 773 15.60 5.84 35.37
C VAL A 773 17.08 5.99 35.61
N VAL A 774 17.71 6.89 34.87
CA VAL A 774 19.14 7.11 34.98
C VAL A 774 19.37 8.45 35.67
N LEU A 775 19.75 8.39 36.93
CA LEU A 775 20.01 9.57 37.74
C LEU A 775 21.49 9.63 38.10
N GLY A 776 22.00 10.83 38.27
CA GLY A 776 23.40 11.01 38.58
C GLY A 776 23.74 10.72 40.02
N TRP A 777 24.98 10.97 40.35
CA TRP A 777 25.58 10.78 41.65
C TRP A 777 25.65 12.10 42.41
N PRO A 778 25.42 12.10 43.72
CA PRO A 778 25.52 13.36 44.47
C PRO A 778 26.98 13.66 44.80
N TYR A 779 27.50 14.75 44.27
CA TYR A 779 28.87 15.14 44.53
C TYR A 779 28.94 16.13 45.68
N GLY A 780 29.97 15.99 46.52
CA GLY A 780 30.12 16.89 47.63
C GLY A 780 29.06 16.79 48.68
N TRP A 781 28.48 15.60 48.88
CA TRP A 781 27.43 15.48 49.87
C TRP A 781 27.99 15.59 51.29
N ARG A 782 29.11 14.93 51.56
CA ARG A 782 29.69 15.03 52.89
C ARG A 782 30.51 16.30 53.04
N GLN A 783 30.97 16.86 51.92
CA GLN A 783 31.75 18.08 51.98
C GLN A 783 30.91 19.23 52.54
N SER A 784 29.75 19.47 51.95
CA SER A 784 28.94 20.56 52.45
C SER A 784 28.25 20.12 53.74
N GLU A 785 27.78 21.11 54.49
CA GLU A 785 27.07 20.82 55.73
C GLU A 785 25.59 20.55 55.52
N ASP A 786 25.02 21.05 54.44
CA ASP A 786 23.64 20.77 54.13
C ASP A 786 23.48 19.31 53.78
N PRO A 787 22.69 18.53 54.52
CA PRO A 787 22.57 17.09 54.24
C PRO A 787 21.51 16.76 53.20
N ARG A 788 20.92 17.77 52.57
CA ARG A 788 19.85 17.58 51.60
C ARG A 788 20.20 16.56 50.52
N ALA A 789 21.44 16.61 50.04
CA ALA A 789 21.78 15.87 48.82
C ALA A 789 21.56 14.38 49.00
N TRP A 790 22.15 13.80 50.05
CA TRP A 790 22.09 12.35 50.16
C TRP A 790 20.70 11.88 50.50
N LYS A 791 19.95 12.65 51.28
CA LYS A 791 18.58 12.22 51.57
C LYS A 791 17.72 12.28 50.31
N THR A 792 17.91 13.31 49.48
CA THR A 792 17.17 13.35 48.23
C THR A 792 17.53 12.18 47.33
N PHE A 793 18.82 11.87 47.25
CA PHE A 793 19.26 10.75 46.43
C PHE A 793 18.66 9.44 46.92
N ILE A 794 18.73 9.18 48.22
CA ILE A 794 18.22 7.93 48.76
C ILE A 794 16.71 7.87 48.57
N ASP A 795 16.03 9.01 48.68
CA ASP A 795 14.59 9.00 48.51
C ASP A 795 14.23 8.66 47.07
N THR A 796 14.98 9.21 46.13
CA THR A 796 14.70 8.88 44.73
C THR A 796 14.99 7.42 44.46
N VAL A 797 16.04 6.87 45.08
CA VAL A 797 16.34 5.45 44.89
C VAL A 797 15.20 4.60 45.41
N ARG A 798 14.72 4.91 46.61
CA ARG A 798 13.64 4.13 47.19
C ARG A 798 12.37 4.27 46.40
N CYS A 799 12.17 5.42 45.76
CA CYS A 799 10.97 5.62 44.96
C CYS A 799 11.06 4.93 43.62
N THR A 800 12.26 4.76 43.07
CA THR A 800 12.38 4.03 41.82
C THR A 800 12.53 2.53 42.00
N THR A 801 12.81 2.07 43.21
CA THR A 801 12.84 0.63 43.42
C THR A 801 11.47 0.09 43.82
N ALA A 802 10.57 0.93 44.30
CA ALA A 802 9.25 0.46 44.67
C ALA A 802 8.27 0.48 43.51
N ALA A 803 8.67 1.04 42.37
CA ALA A 803 7.83 1.01 41.19
C ALA A 803 8.26 -0.10 40.24
N HIS A 804 9.22 -0.92 40.65
CA HIS A 804 9.76 -1.99 39.82
C HIS A 804 10.28 -1.43 38.49
N LEU A 805 11.29 -0.59 38.60
CA LEU A 805 11.98 -0.02 37.45
C LEU A 805 13.47 -0.29 37.56
N ALA A 806 14.13 -0.45 36.41
CA ALA A 806 15.57 -0.61 36.44
C ALA A 806 16.24 0.70 36.83
N LEU A 807 17.53 0.64 37.11
CA LEU A 807 18.22 1.80 37.64
C LEU A 807 19.66 1.84 37.14
N LEU A 808 20.09 2.98 36.64
CA LEU A 808 21.44 3.17 36.12
C LEU A 808 22.06 4.40 36.76
N VAL A 809 23.10 4.20 37.56
CA VAL A 809 23.69 5.30 38.30
C VAL A 809 25.12 5.55 37.83
N PRO A 810 25.33 6.25 36.72
CA PRO A 810 26.70 6.47 36.26
C PRO A 810 27.48 7.35 37.23
N LYS A 811 28.44 6.77 37.91
CA LYS A 811 29.28 7.51 38.84
C LYS A 811 30.45 8.16 38.11
N ASN A 812 30.90 9.29 38.63
CA ASN A 812 32.00 10.06 38.05
C ASN A 812 31.71 10.38 36.58
N ILE A 813 30.63 11.14 36.37
CA ILE A 813 30.20 11.45 35.03
C ILE A 813 31.10 12.45 34.32
N ALA A 814 32.02 13.08 35.03
CA ALA A 814 32.88 14.06 34.37
C ALA A 814 34.00 13.41 33.57
N PHE A 815 34.21 12.10 33.71
CA PHE A 815 35.27 11.42 33.00
C PHE A 815 34.74 10.55 31.87
N TYR A 816 33.45 10.60 31.59
CA TYR A 816 32.93 9.76 30.53
C TYR A 816 33.25 10.35 29.15
N PRO A 817 33.45 9.50 28.17
CA PRO A 817 33.84 9.98 26.84
C PRO A 817 32.75 10.75 26.13
N SER A 818 33.18 11.55 25.16
CA SER A 818 32.26 12.25 24.28
C SER A 818 32.08 11.42 23.02
N ASN A 819 31.31 11.93 22.07
CA ASN A 819 31.08 11.20 20.84
C ASN A 819 32.26 11.29 19.88
N HIS A 820 32.99 12.40 19.88
CA HIS A 820 34.14 12.51 19.00
C HIS A 820 35.32 11.70 19.49
N GLU A 821 35.40 11.43 20.78
CA GLU A 821 36.47 10.60 21.29
C GLU A 821 36.35 9.20 20.72
N ARG A 822 37.47 8.51 20.68
CA ARG A 822 37.48 7.12 20.23
C ARG A 822 38.43 6.33 21.10
N TYR A 823 38.11 5.06 21.27
CA TYR A 823 38.90 4.15 22.08
C TYR A 823 39.47 3.08 21.16
N LEU A 824 40.77 2.83 21.31
CA LEU A 824 41.43 1.83 20.49
C LEU A 824 41.87 0.64 21.30
N GLU A 825 42.47 0.85 22.45
CA GLU A 825 42.88 -0.24 23.33
C GLU A 825 42.18 -0.08 24.67
N GLY A 826 41.57 -1.15 25.14
CA GLY A 826 40.85 -1.13 26.38
C GLY A 826 39.89 -2.29 26.43
N HIS A 827 39.39 -2.56 27.63
CA HIS A 827 38.48 -3.67 27.80
C HIS A 827 37.47 -3.34 28.87
N ILE A 828 36.19 -3.40 28.49
CA ILE A 828 35.12 -3.17 29.45
C ILE A 828 35.14 -4.29 30.46
N ASP A 829 34.87 -3.96 31.72
CA ASP A 829 34.89 -4.94 32.78
C ASP A 829 33.52 -5.06 33.43
N VAL A 830 33.05 -6.29 33.56
CA VAL A 830 31.77 -6.59 34.19
C VAL A 830 32.07 -7.37 35.45
N TRP A 831 31.41 -7.01 36.54
CA TRP A 831 31.72 -7.62 37.82
C TRP A 831 30.44 -8.11 38.47
N TRP A 832 29.62 -8.80 37.69
CA TRP A 832 28.33 -9.30 38.15
C TRP A 832 28.48 -10.15 39.40
N ILE A 833 27.83 -9.74 40.48
CA ILE A 833 28.06 -10.38 41.76
C ILE A 833 27.08 -11.51 42.03
N VAL A 834 25.77 -11.22 42.11
CA VAL A 834 24.83 -12.30 42.34
C VAL A 834 23.65 -12.28 41.37
N HIS A 835 22.78 -11.29 41.50
CA HIS A 835 21.59 -11.22 40.69
C HIS A 835 21.74 -10.25 39.53
N ASP A 836 20.64 -10.04 38.81
CA ASP A 836 20.57 -9.09 37.70
C ASP A 836 21.60 -9.43 36.62
N GLY A 837 21.68 -10.70 36.28
CA GLY A 837 22.64 -11.14 35.31
C GLY A 837 22.19 -10.74 33.92
N GLY A 838 20.90 -10.88 33.65
CA GLY A 838 20.37 -10.55 32.35
C GLY A 838 20.70 -9.13 31.90
N MET A 839 20.33 -8.14 32.70
CA MET A 839 20.60 -6.77 32.27
C MET A 839 22.08 -6.45 32.37
N LEU A 840 22.77 -7.06 33.34
CA LEU A 840 24.21 -6.82 33.45
C LEU A 840 24.95 -7.37 32.26
N MET A 841 24.39 -8.31 31.54
CA MET A 841 24.99 -8.80 30.32
C MET A 841 24.46 -8.08 29.09
N LEU A 842 23.23 -7.54 29.18
CA LEU A 842 22.67 -6.86 28.03
C LEU A 842 23.22 -5.45 27.87
N LEU A 843 23.68 -4.85 28.96
CA LEU A 843 24.20 -3.48 28.84
C LEU A 843 25.50 -3.40 28.05
N PRO A 844 26.52 -4.21 28.32
CA PRO A 844 27.77 -4.03 27.58
C PRO A 844 27.61 -4.30 26.11
N PHE A 845 26.71 -5.20 25.74
CA PHE A 845 26.50 -5.49 24.33
C PHE A 845 25.91 -4.28 23.62
N LEU A 846 24.82 -3.75 24.15
CA LEU A 846 24.23 -2.55 23.56
C LEU A 846 25.21 -1.39 23.56
N LEU A 847 26.15 -1.38 24.50
CA LEU A 847 27.14 -0.30 24.51
C LEU A 847 28.14 -0.49 23.38
N ARG A 848 28.75 -1.67 23.32
CA ARG A 848 29.74 -1.95 22.30
C ARG A 848 29.13 -1.89 20.89
N GLN A 849 27.81 -1.95 20.78
CA GLN A 849 27.26 -1.80 19.44
C GLN A 849 27.50 -0.41 18.86
N HIS A 850 27.95 0.53 19.67
CA HIS A 850 28.26 1.87 19.19
C HIS A 850 29.74 1.99 18.85
N LYS A 851 30.04 2.89 17.91
CA LYS A 851 31.42 3.06 17.48
C LYS A 851 32.33 3.57 18.58
N VAL A 852 31.79 4.20 19.63
CA VAL A 852 32.66 4.71 20.67
C VAL A 852 33.34 3.58 21.42
N TRP A 853 32.62 2.49 21.67
CA TRP A 853 33.17 1.28 22.26
C TRP A 853 33.26 0.15 21.25
N ARG A 854 33.58 0.50 20.00
CA ARG A 854 33.43 -0.46 18.90
C ARG A 854 34.24 -1.72 19.11
N LYS A 855 35.40 -1.65 19.75
CA LYS A 855 36.18 -2.87 19.89
C LYS A 855 36.76 -3.10 21.27
N CYS A 856 36.18 -2.55 22.32
CA CYS A 856 36.65 -2.84 23.66
C CYS A 856 36.33 -4.28 24.07
N ARG A 857 37.36 -4.99 24.51
CA ARG A 857 37.24 -6.38 24.96
C ARG A 857 36.36 -6.48 26.21
N MET A 858 35.50 -7.48 26.25
CA MET A 858 34.64 -7.70 27.40
C MET A 858 35.17 -8.83 28.28
N ARG A 859 35.19 -8.59 29.58
CA ARG A 859 35.63 -9.55 30.59
C ARG A 859 34.55 -9.74 31.63
N ILE A 860 34.04 -10.96 31.76
CA ILE A 860 32.99 -11.27 32.72
C ILE A 860 33.64 -11.76 34.01
N PHE A 861 33.54 -10.97 35.06
CA PHE A 861 34.10 -11.35 36.36
C PHE A 861 32.91 -11.70 37.25
N THR A 862 32.91 -12.91 37.81
CA THR A 862 31.80 -13.42 38.62
C THR A 862 32.21 -13.78 40.04
N VAL A 863 31.43 -13.34 41.02
CA VAL A 863 31.74 -13.59 42.41
C VAL A 863 30.48 -14.11 43.10
N ALA A 864 30.19 -15.39 42.91
CA ALA A 864 29.07 -16.02 43.58
C ALA A 864 29.44 -17.46 43.95
N GLN A 865 30.54 -17.63 44.69
CA GLN A 865 31.00 -18.99 44.96
C GLN A 865 29.95 -19.80 45.70
N MET A 866 29.50 -19.24 46.84
CA MET A 866 28.45 -19.83 47.71
C MET A 866 28.66 -21.34 47.90
N ASP A 867 29.92 -21.74 48.12
CA ASP A 867 30.28 -23.14 48.33
C ASP A 867 29.79 -24.02 47.17
N ASP A 868 30.03 -23.55 45.93
CA ASP A 868 29.63 -24.28 44.74
C ASP A 868 30.81 -24.35 43.77
N ASN A 869 30.60 -25.05 42.65
CA ASN A 869 31.65 -25.23 41.66
C ASN A 869 31.43 -24.33 40.44
N SER A 870 32.52 -23.71 39.98
CA SER A 870 32.53 -22.82 38.83
C SER A 870 32.49 -23.54 37.49
N ILE A 871 32.79 -24.83 37.44
CA ILE A 871 32.77 -25.56 36.18
C ILE A 871 31.38 -25.54 35.56
N GLN A 872 30.35 -25.70 36.38
CA GLN A 872 28.99 -25.69 35.85
C GLN A 872 28.54 -24.28 35.50
N MET A 873 28.96 -23.29 36.28
CA MET A 873 28.55 -21.95 35.95
C MET A 873 29.28 -21.42 34.75
N LYS A 874 30.45 -21.96 34.43
CA LYS A 874 31.16 -21.47 33.26
C LYS A 874 30.46 -21.98 32.02
N LYS A 875 30.06 -23.25 32.04
CA LYS A 875 29.34 -23.82 30.91
C LYS A 875 28.03 -23.09 30.69
N ASP A 876 27.36 -22.71 31.79
CA ASP A 876 26.10 -21.99 31.65
C ASP A 876 26.32 -20.60 31.06
N LEU A 877 27.24 -19.83 31.64
CA LEU A 877 27.53 -18.51 31.09
C LEU A 877 27.96 -18.58 29.63
N ALA A 878 28.77 -19.57 29.26
CA ALA A 878 29.22 -19.68 27.88
C ALA A 878 28.07 -20.02 26.94
N VAL A 879 27.24 -20.99 27.30
CA VAL A 879 26.12 -21.33 26.44
C VAL A 879 25.16 -20.15 26.30
N PHE A 880 24.92 -19.43 27.40
CA PHE A 880 24.06 -18.26 27.31
C PHE A 880 24.67 -17.22 26.40
N LEU A 881 25.99 -17.01 26.50
CA LEU A 881 26.68 -16.05 25.66
C LEU A 881 26.67 -16.47 24.20
N TYR A 882 26.53 -17.77 23.93
CA TYR A 882 26.54 -18.24 22.55
C TYR A 882 25.38 -17.65 21.77
N HIS A 883 24.19 -17.62 22.37
CA HIS A 883 23.04 -17.00 21.70
C HIS A 883 23.30 -15.52 21.50
N LEU A 884 23.82 -14.84 22.52
CA LEU A 884 24.16 -13.43 22.39
C LEU A 884 25.28 -13.23 21.37
N ARG A 885 26.23 -14.18 21.32
CA ARG A 885 27.41 -14.21 20.44
C ARG A 885 28.50 -13.26 20.90
N LEU A 886 28.43 -12.74 22.13
CA LEU A 886 29.49 -11.86 22.62
C LEU A 886 30.81 -12.61 22.73
N GLU A 887 30.76 -13.88 23.12
CA GLU A 887 31.94 -14.74 23.23
C GLU A 887 33.01 -14.16 24.16
N ALA A 888 32.60 -13.33 25.11
CA ALA A 888 33.55 -12.74 26.03
C ALA A 888 34.20 -13.79 26.92
N GLU A 889 35.48 -13.59 27.23
CA GLU A 889 36.20 -14.52 28.08
C GLU A 889 35.57 -14.53 29.47
N VAL A 890 35.41 -15.73 30.03
CA VAL A 890 34.78 -15.89 31.33
C VAL A 890 35.82 -16.42 32.32
N GLU A 891 36.03 -15.68 33.40
CA GLU A 891 36.92 -16.12 34.46
C GLU A 891 36.21 -15.95 35.80
N VAL A 892 36.28 -16.97 36.65
CA VAL A 892 35.61 -16.91 37.94
C VAL A 892 36.65 -16.75 39.02
N VAL A 893 36.55 -15.66 39.76
CA VAL A 893 37.42 -15.39 40.90
C VAL A 893 36.98 -16.21 42.08
N GLU A 894 37.94 -16.61 42.91
CA GLU A 894 37.68 -17.37 44.13
C GLU A 894 36.92 -16.48 45.10
N MET A 895 35.63 -16.73 45.23
CA MET A 895 34.75 -15.94 46.08
C MET A 895 34.47 -16.67 47.37
N HIS A 896 34.01 -15.92 48.39
CA HIS A 896 33.67 -16.51 49.67
C HIS A 896 32.33 -16.00 50.18
N ASN A 897 31.66 -16.85 50.96
CA ASN A 897 30.37 -16.51 51.55
C ASN A 897 30.48 -15.33 52.50
N SER A 898 31.49 -15.32 53.37
CA SER A 898 31.63 -14.23 54.32
C SER A 898 32.02 -12.95 53.62
N ASP A 899 32.65 -13.04 52.45
CA ASP A 899 33.04 -11.85 51.70
C ASP A 899 31.81 -11.22 51.05
N ILE A 900 30.88 -12.05 50.62
CA ILE A 900 29.68 -11.60 49.93
C ILE A 900 28.48 -11.56 50.88
N SER A 901 28.75 -11.54 52.18
CA SER A 901 27.68 -11.59 53.17
C SER A 901 26.67 -10.46 52.95
N ALA A 902 27.16 -9.27 52.60
CA ALA A 902 26.26 -8.13 52.39
C ALA A 902 25.27 -8.44 51.28
N TYR A 903 25.75 -8.97 50.16
CA TYR A 903 24.86 -9.28 49.05
C TYR A 903 24.02 -10.51 49.34
N THR A 904 24.58 -11.49 50.06
CA THR A 904 23.86 -12.72 50.31
C THR A 904 22.66 -12.51 51.22
N TYR A 905 22.76 -11.62 52.20
CA TYR A 905 21.60 -11.36 53.05
C TYR A 905 20.41 -10.94 52.21
N GLU A 906 20.62 -9.96 51.35
CA GLU A 906 19.58 -9.46 50.47
C GLU A 906 19.15 -10.54 49.48
N ARG A 907 20.10 -11.31 48.96
CA ARG A 907 19.74 -12.35 48.00
C ARG A 907 18.85 -13.39 48.63
N THR A 908 19.16 -13.79 49.86
CA THR A 908 18.33 -14.77 50.57
C THR A 908 16.94 -14.21 50.84
N LEU A 909 16.86 -12.93 51.24
CA LEU A 909 15.55 -12.34 51.45
C LEU A 909 14.76 -12.27 50.15
N MET A 910 15.42 -11.92 49.05
CA MET A 910 14.76 -11.89 47.76
C MET A 910 14.29 -13.27 47.34
N MET A 911 15.11 -14.29 47.59
CA MET A 911 14.72 -15.65 47.25
C MET A 911 13.50 -16.07 48.04
N GLU A 912 13.47 -15.73 49.33
CA GLU A 912 12.31 -16.06 50.16
C GLU A 912 11.07 -15.34 49.66
N GLN A 913 11.22 -14.06 49.28
CA GLN A 913 10.08 -13.29 48.76
C GLN A 913 9.57 -13.88 47.46
N ARG A 914 10.48 -14.31 46.58
CA ARG A 914 10.15 -14.89 45.28
C ARG A 914 9.11 -16.01 45.37
N PRO A 993 20.59 -5.49 59.99
CA PRO A 993 20.50 -4.06 60.28
C PRO A 993 21.85 -3.47 60.64
N ASP A 994 21.94 -2.80 61.80
CA ASP A 994 23.21 -2.20 62.21
C ASP A 994 24.27 -3.26 62.40
N GLN A 995 23.91 -4.39 63.02
CA GLN A 995 24.88 -5.48 63.19
C GLN A 995 25.32 -5.99 61.83
N SER A 996 24.39 -6.09 60.89
CA SER A 996 24.69 -6.54 59.55
C SER A 996 25.40 -5.45 58.77
N ASN A 997 25.09 -4.18 59.07
CA ASN A 997 25.69 -3.06 58.35
C ASN A 997 27.18 -2.97 58.66
N VAL A 998 27.55 -3.02 59.94
CA VAL A 998 28.96 -2.98 60.29
C VAL A 998 29.73 -4.04 59.51
N ARG A 999 29.15 -5.23 59.41
CA ARG A 999 29.74 -6.28 58.59
C ARG A 999 29.74 -5.87 57.13
N ARG A 1000 28.66 -5.22 56.68
CA ARG A 1000 28.56 -4.81 55.29
C ARG A 1000 29.69 -3.86 54.89
N MET A 1001 30.02 -2.88 55.73
CA MET A 1001 31.12 -1.98 55.39
C MET A 1001 32.43 -2.73 55.18
N HIS A 1002 32.72 -3.68 56.06
CA HIS A 1002 33.96 -4.46 55.95
C HIS A 1002 33.97 -5.28 54.67
N THR A 1003 32.83 -5.91 54.35
CA THR A 1003 32.79 -6.68 53.11
C THR A 1003 32.97 -5.74 51.93
N ALA A 1004 32.32 -4.58 51.98
CA ALA A 1004 32.44 -3.59 50.92
C ALA A 1004 33.90 -3.23 50.70
N VAL A 1005 34.67 -3.14 51.78
CA VAL A 1005 36.05 -2.70 51.62
C VAL A 1005 36.93 -3.84 51.13
N LYS A 1006 36.60 -5.08 51.51
CA LYS A 1006 37.38 -6.19 50.97
C LYS A 1006 37.10 -6.37 49.48
N LEU A 1007 35.84 -6.29 49.09
CA LEU A 1007 35.47 -6.33 47.69
C LEU A 1007 36.11 -5.19 46.91
N ASN A 1008 36.14 -3.99 47.51
CA ASN A 1008 36.79 -2.86 46.85
C ASN A 1008 38.27 -3.11 46.66
N GLU A 1009 38.90 -3.71 47.68
CA GLU A 1009 40.30 -4.08 47.56
C GLU A 1009 40.52 -5.01 46.39
N VAL A 1010 39.71 -6.07 46.31
CA VAL A 1010 39.88 -7.05 45.24
C VAL A 1010 39.68 -6.41 43.88
N ILE A 1011 38.60 -5.65 43.72
CA ILE A 1011 38.29 -5.07 42.40
C ILE A 1011 39.34 -4.04 42.01
N VAL A 1012 39.85 -3.28 42.98
CA VAL A 1012 40.80 -2.23 42.61
C VAL A 1012 42.16 -2.83 42.32
N THR A 1013 42.46 -4.01 42.86
CA THR A 1013 43.73 -4.64 42.52
C THR A 1013 43.67 -5.49 41.25
N ARG A 1014 42.50 -5.95 40.82
CA ARG A 1014 42.45 -6.76 39.60
C ARG A 1014 41.74 -6.10 38.43
N SER A 1015 41.19 -4.91 38.59
CA SER A 1015 40.47 -4.26 37.50
C SER A 1015 40.72 -2.76 37.48
N HIS A 1016 41.87 -2.33 38.01
CA HIS A 1016 42.15 -0.91 38.12
C HIS A 1016 42.28 -0.28 36.75
N ASP A 1017 42.97 -0.96 35.84
CA ASP A 1017 43.27 -0.43 34.52
C ASP A 1017 42.15 -0.63 33.53
N ALA A 1018 40.96 -0.96 34.00
CA ALA A 1018 39.83 -1.21 33.11
C ALA A 1018 39.32 0.10 32.53
N ARG A 1019 38.71 0.01 31.35
CA ARG A 1019 38.15 1.20 30.73
C ARG A 1019 36.83 1.60 31.39
N LEU A 1020 35.84 0.71 31.35
CA LEU A 1020 34.55 0.93 32.00
C LEU A 1020 34.23 -0.27 32.89
N VAL A 1021 33.82 -0.01 34.12
CA VAL A 1021 33.50 -1.08 35.07
C VAL A 1021 32.03 -1.01 35.46
N LEU A 1022 31.33 -2.14 35.31
CA LEU A 1022 29.93 -2.28 35.68
C LEU A 1022 29.78 -3.32 36.77
N LEU A 1023 29.19 -2.94 37.89
CA LEU A 1023 28.88 -3.91 38.93
C LEU A 1023 27.54 -3.55 39.55
N ASN A 1024 26.77 -4.56 39.92
CA ASN A 1024 25.47 -4.31 40.52
C ASN A 1024 25.61 -3.96 41.99
N MET A 1025 24.88 -2.98 42.42
CA MET A 1025 24.80 -2.40 43.74
C MET A 1025 23.75 -3.09 44.59
N PRO A 1026 23.96 -3.14 45.90
CA PRO A 1026 22.95 -3.71 46.80
C PRO A 1026 21.80 -2.74 47.03
N GLY A 1027 20.67 -3.32 47.41
CA GLY A 1027 19.48 -2.54 47.66
C GLY A 1027 19.62 -1.63 48.87
N PRO A 1028 18.87 -0.54 48.88
CA PRO A 1028 18.92 0.38 50.01
C PRO A 1028 18.32 -0.28 51.23
N PRO A 1029 18.68 0.17 52.43
CA PRO A 1029 18.16 -0.47 53.63
C PRO A 1029 16.69 -0.19 53.84
N ARG A 1030 16.07 -1.09 54.60
CA ARG A 1030 14.67 -0.91 54.98
C ARG A 1030 14.54 0.14 56.07
N ASN A 1031 15.55 0.23 56.94
CA ASN A 1031 15.55 1.22 58.00
C ASN A 1031 15.87 2.60 57.44
N SER A 1032 15.04 3.59 57.77
CA SER A 1032 15.24 4.92 57.24
C SER A 1032 16.40 5.65 57.90
N GLU A 1033 17.03 5.07 58.92
CA GLU A 1033 18.12 5.75 59.59
C GLU A 1033 19.50 5.24 59.20
N GLY A 1034 19.62 4.00 58.72
CA GLY A 1034 20.91 3.48 58.34
C GLY A 1034 21.32 3.92 56.94
N ASP A 1035 20.77 5.04 56.50
CA ASP A 1035 21.09 5.52 55.15
C ASP A 1035 22.52 6.02 55.07
N GLU A 1036 23.01 6.64 56.14
CA GLU A 1036 24.40 7.12 56.13
C GLU A 1036 25.35 5.96 55.93
N ASN A 1037 25.10 4.84 56.60
CA ASN A 1037 25.98 3.68 56.45
C ASN A 1037 25.90 3.16 55.02
N TYR A 1038 24.70 3.19 54.42
CA TYR A 1038 24.56 2.74 53.05
C TYR A 1038 25.35 3.63 52.10
N MET A 1039 25.34 4.95 52.36
CA MET A 1039 26.13 5.87 51.54
C MET A 1039 27.62 5.64 51.75
N GLU A 1040 28.04 5.36 52.98
CA GLU A 1040 29.44 5.05 53.22
C GLU A 1040 29.83 3.78 52.48
N PHE A 1041 28.91 2.82 52.41
CA PHE A 1041 29.17 1.58 51.70
C PHE A 1041 29.36 1.87 50.22
N LEU A 1042 28.48 2.69 49.66
CA LEU A 1042 28.59 2.99 48.23
C LEU A 1042 29.83 3.81 47.93
N GLU A 1043 30.29 4.60 48.88
CA GLU A 1043 31.48 5.41 48.62
C GLU A 1043 32.75 4.59 48.75
N VAL A 1044 32.83 3.76 49.80
CA VAL A 1044 34.03 2.97 50.00
C VAL A 1044 34.10 1.82 49.01
N LEU A 1045 32.98 1.46 48.40
CA LEU A 1045 33.04 0.40 47.41
C LEU A 1045 33.75 0.85 46.15
N THR A 1046 33.33 1.99 45.60
CA THR A 1046 33.93 2.53 44.38
C THR A 1046 34.95 3.61 44.73
N GLU A 1047 36.04 3.17 45.34
CA GLU A 1047 37.14 4.03 45.71
C GLU A 1047 38.34 3.65 44.85
N GLY A 1048 38.76 4.54 43.96
CA GLY A 1048 39.90 4.31 43.10
C GLY A 1048 39.53 4.07 41.65
N LEU A 1049 38.38 3.45 41.40
CA LEU A 1049 37.97 3.14 40.06
C LEU A 1049 37.77 4.42 39.25
N GLU A 1050 38.37 4.47 38.07
CA GLU A 1050 38.26 5.68 37.26
C GLU A 1050 36.84 5.92 36.78
N ARG A 1051 36.18 4.91 36.22
CA ARG A 1051 34.82 5.05 35.72
C ARG A 1051 34.03 3.81 36.07
N VAL A 1052 32.97 3.99 36.86
CA VAL A 1052 32.20 2.88 37.39
C VAL A 1052 30.72 3.20 37.23
N LEU A 1053 29.98 2.26 36.65
CA LEU A 1053 28.55 2.39 36.47
C LEU A 1053 27.85 1.29 37.24
N LEU A 1054 26.90 1.66 38.08
CA LEU A 1054 26.17 0.70 38.90
C LEU A 1054 24.73 0.58 38.42
N VAL A 1055 24.27 -0.66 38.24
CA VAL A 1055 22.91 -0.95 37.78
C VAL A 1055 22.22 -1.81 38.81
N ARG A 1056 20.96 -1.49 39.07
CA ARG A 1056 20.13 -2.25 39.98
C ARG A 1056 18.91 -2.74 39.24
N GLY A 1057 18.66 -4.03 39.29
CA GLY A 1057 17.54 -4.60 38.57
C GLY A 1057 16.22 -4.23 39.21
N GLY A 1058 15.16 -4.33 38.41
CA GLY A 1058 13.82 -4.05 38.88
C GLY A 1058 13.10 -5.28 39.37
N GLY A 1059 13.49 -6.43 38.87
CA GLY A 1059 12.93 -7.70 39.27
C GLY A 1059 11.98 -8.35 38.29
N ARG A 1060 11.48 -7.60 37.31
CA ARG A 1060 10.60 -8.20 36.33
C ARG A 1060 11.30 -8.45 35.00
N GLU A 1061 12.62 -8.33 34.97
CA GLU A 1061 13.38 -8.58 33.76
C GLU A 1061 13.50 -10.07 33.52
N VAL A 1062 13.26 -10.49 32.28
CA VAL A 1062 13.27 -11.90 31.93
C VAL A 1062 14.58 -12.33 31.28
N ILE A 1063 15.02 -11.62 30.25
CA ILE A 1063 16.23 -12.00 29.55
C ILE A 1063 17.43 -11.21 30.08
N PRO B 98 44.07 9.97 0.12
CA PRO B 98 43.21 9.58 -0.99
C PRO B 98 42.44 10.75 -1.61
N SER B 99 42.74 11.03 -2.88
CA SER B 99 42.12 12.15 -3.59
C SER B 99 42.27 11.89 -5.07
N MET B 100 41.15 11.75 -5.78
CA MET B 100 41.16 11.62 -7.22
C MET B 100 40.00 12.42 -7.78
N GLY B 101 40.16 12.87 -9.03
CA GLY B 101 39.29 13.87 -9.58
C GLY B 101 37.93 13.30 -9.98
N THR B 102 37.18 14.14 -10.69
CA THR B 102 35.85 13.75 -11.13
C THR B 102 35.92 12.78 -12.29
N LEU B 103 36.76 13.10 -13.27
CA LEU B 103 36.81 12.32 -14.50
C LEU B 103 37.14 10.87 -14.21
N MET B 104 38.36 10.61 -13.79
CA MET B 104 38.83 9.24 -13.61
C MET B 104 38.29 8.60 -12.36
N GLY B 105 37.32 9.21 -11.70
CA GLY B 105 36.78 8.60 -10.51
C GLY B 105 35.31 8.26 -10.64
N VAL B 106 34.57 9.03 -11.44
CA VAL B 106 33.16 8.79 -11.64
C VAL B 106 32.81 8.64 -13.10
N TYR B 107 33.35 9.50 -13.97
CA TYR B 107 32.88 9.53 -15.34
C TYR B 107 33.24 8.24 -16.06
N LEU B 108 34.51 7.91 -16.07
CA LEU B 108 34.93 6.75 -16.86
C LEU B 108 34.36 5.43 -16.36
N PRO B 109 34.26 5.16 -15.06
CA PRO B 109 33.58 3.92 -14.67
C PRO B 109 32.13 3.85 -15.11
N CYS B 110 31.39 4.94 -15.01
CA CYS B 110 30.00 4.88 -15.47
C CYS B 110 29.95 4.61 -16.97
N LEU B 111 30.84 5.25 -17.73
CA LEU B 111 30.89 5.01 -19.16
C LEU B 111 31.17 3.55 -19.44
N GLN B 112 32.11 2.98 -18.69
CA GLN B 112 32.45 1.58 -18.89
C GLN B 112 31.29 0.66 -18.58
N ASN B 113 30.43 1.07 -17.65
CA ASN B 113 29.28 0.22 -17.37
C ASN B 113 28.14 0.40 -18.34
N ILE B 114 27.99 1.56 -18.96
CA ILE B 114 26.83 1.73 -19.82
C ILE B 114 27.04 1.13 -21.19
N PHE B 115 28.12 1.49 -21.88
CA PHE B 115 28.32 0.93 -23.20
C PHE B 115 28.51 -0.57 -23.12
N GLY B 116 27.54 -1.32 -23.63
CA GLY B 116 27.54 -2.75 -23.47
C GLY B 116 27.47 -3.49 -24.78
N VAL B 117 26.89 -4.69 -24.74
CA VAL B 117 26.82 -5.52 -25.93
C VAL B 117 25.55 -5.28 -26.72
N ILE B 118 24.51 -4.75 -26.09
CA ILE B 118 23.27 -4.50 -26.80
C ILE B 118 23.50 -3.59 -28.00
N LEU B 119 24.42 -2.64 -27.87
CA LEU B 119 24.63 -1.70 -28.96
C LEU B 119 25.09 -2.44 -30.22
N PHE B 120 26.10 -3.28 -30.10
CA PHE B 120 26.59 -3.96 -31.30
C PHE B 120 25.60 -5.01 -31.77
N LEU B 121 25.23 -5.92 -30.89
CA LEU B 121 24.47 -7.10 -31.31
C LEU B 121 23.02 -6.81 -31.67
N ARG B 122 22.39 -5.83 -31.05
CA ARG B 122 20.97 -5.69 -31.28
C ARG B 122 20.53 -4.26 -31.55
N LEU B 123 21.39 -3.43 -32.10
CA LEU B 123 20.90 -2.11 -32.45
C LEU B 123 20.35 -2.08 -33.86
N THR B 124 21.13 -2.57 -34.82
CA THR B 124 20.71 -2.53 -36.20
C THR B 124 19.40 -3.28 -36.39
N TRP B 125 19.27 -4.43 -35.75
CA TRP B 125 18.05 -5.21 -35.91
C TRP B 125 16.87 -4.39 -35.41
N MET B 126 17.04 -3.72 -34.28
CA MET B 126 15.98 -2.90 -33.75
C MET B 126 15.64 -1.74 -34.66
N VAL B 127 16.65 -1.10 -35.25
CA VAL B 127 16.38 0.06 -36.09
C VAL B 127 15.64 -0.36 -37.33
N GLY B 128 16.10 -1.41 -37.98
CA GLY B 128 15.43 -1.85 -39.18
C GLY B 128 14.02 -2.34 -38.92
N THR B 129 13.83 -3.10 -37.84
CA THR B 129 12.51 -3.61 -37.56
C THR B 129 11.51 -2.52 -37.18
N ALA B 130 11.95 -1.48 -36.46
CA ALA B 130 10.99 -0.52 -35.96
C ALA B 130 10.97 0.81 -36.70
N GLY B 131 11.85 1.01 -37.65
CA GLY B 131 11.86 2.27 -38.36
C GLY B 131 12.71 3.26 -37.61
N VAL B 132 12.87 4.44 -38.21
CA VAL B 132 13.70 5.46 -37.57
C VAL B 132 12.92 6.23 -36.54
N LEU B 133 11.67 6.59 -36.86
CA LEU B 133 10.87 7.41 -35.97
C LEU B 133 10.64 6.73 -34.63
N GLN B 134 10.06 5.54 -34.66
CA GLN B 134 9.81 4.84 -33.41
C GLN B 134 11.09 4.50 -32.70
N ALA B 135 12.20 4.34 -33.43
CA ALA B 135 13.47 4.13 -32.77
C ALA B 135 13.86 5.35 -31.95
N LEU B 136 13.75 6.54 -32.54
CA LEU B 136 14.04 7.74 -31.76
C LEU B 136 13.14 7.81 -30.55
N LEU B 137 11.88 7.44 -30.71
CA LEU B 137 10.98 7.47 -29.56
C LEU B 137 11.42 6.50 -28.48
N ILE B 138 11.88 5.31 -28.87
CA ILE B 138 12.33 4.33 -27.89
C ILE B 138 13.53 4.87 -27.13
N VAL B 139 14.47 5.45 -27.85
CA VAL B 139 15.66 5.96 -27.18
C VAL B 139 15.29 7.07 -26.23
N LEU B 140 14.37 7.95 -26.64
CA LEU B 140 13.97 9.03 -25.75
C LEU B 140 13.28 8.50 -24.49
N ILE B 141 12.39 7.53 -24.65
CA ILE B 141 11.68 7.00 -23.49
C ILE B 141 12.64 6.31 -22.54
N CYS B 142 13.60 5.58 -23.08
CA CYS B 142 14.53 4.89 -22.18
C CYS B 142 15.56 5.83 -21.61
N CYS B 143 15.72 7.02 -22.17
CA CYS B 143 16.64 7.95 -21.53
C CYS B 143 15.96 8.82 -20.50
N CYS B 144 14.67 9.09 -20.64
CA CYS B 144 14.02 9.98 -19.66
C CYS B 144 13.92 9.34 -18.28
N CYS B 145 13.52 8.06 -18.19
CA CYS B 145 13.42 7.45 -16.88
C CYS B 145 14.78 7.43 -16.19
N THR B 146 15.81 7.11 -16.95
CA THR B 146 17.13 7.07 -16.35
C THR B 146 17.62 8.46 -15.97
N LEU B 147 17.18 9.49 -16.69
CA LEU B 147 17.60 10.84 -16.31
C LEU B 147 16.95 11.29 -15.01
N LEU B 148 15.65 11.04 -14.86
CA LEU B 148 15.01 11.40 -13.62
C LEU B 148 15.57 10.61 -12.45
N THR B 149 15.89 9.35 -12.67
CA THR B 149 16.53 8.61 -11.59
C THR B 149 17.90 9.16 -11.26
N ALA B 150 18.63 9.65 -12.25
CA ALA B 150 19.91 10.26 -11.94
C ALA B 150 19.76 11.52 -11.11
N ILE B 151 18.73 12.32 -11.41
CA ILE B 151 18.52 13.52 -10.59
C ILE B 151 18.17 13.16 -9.16
N SER B 152 17.30 12.18 -8.96
CA SER B 152 16.98 11.79 -7.59
C SER B 152 18.19 11.21 -6.88
N MET B 153 18.99 10.42 -7.58
CA MET B 153 20.19 9.89 -6.97
C MET B 153 21.15 10.99 -6.57
N SER B 154 21.22 12.06 -7.34
CA SER B 154 22.07 13.17 -6.93
C SER B 154 21.52 13.84 -5.69
N ALA B 155 20.21 14.04 -5.64
CA ALA B 155 19.61 14.62 -4.44
C ALA B 155 19.91 13.77 -3.22
N ILE B 156 19.95 12.45 -3.38
CA ILE B 156 20.34 11.61 -2.26
C ILE B 156 21.79 11.85 -1.91
N ALA B 157 22.64 11.94 -2.92
CA ALA B 157 24.05 12.04 -2.65
C ALA B 157 24.45 13.40 -2.11
N THR B 158 23.53 14.37 -2.09
CA THR B 158 23.92 15.67 -1.58
C THR B 158 23.53 15.95 -0.13
N ASN B 159 22.42 15.45 0.39
CA ASN B 159 22.06 15.81 1.75
C ASN B 159 23.09 15.26 2.73
N GLY B 160 23.65 16.15 3.53
CA GLY B 160 24.61 15.69 4.53
C GLY B 160 25.94 15.24 3.96
N VAL B 161 26.68 14.53 4.81
CA VAL B 161 27.91 13.88 4.40
C VAL B 161 27.59 12.59 3.65
N VAL B 162 28.52 12.16 2.80
CA VAL B 162 28.38 10.98 1.97
C VAL B 162 29.16 9.83 2.59
N PRO B 163 28.53 8.69 2.85
CA PRO B 163 29.25 7.57 3.44
C PRO B 163 30.32 7.08 2.48
N ALA B 164 31.45 6.66 3.04
CA ALA B 164 32.59 6.30 2.22
C ALA B 164 32.57 4.84 1.79
N GLY B 165 31.54 4.08 2.13
CA GLY B 165 31.56 2.66 1.84
C GLY B 165 31.41 2.32 0.37
N GLY B 166 30.38 2.83 -0.28
CA GLY B 166 30.13 2.44 -1.66
C GLY B 166 28.88 3.04 -2.22
N SER B 167 28.16 2.31 -3.07
CA SER B 167 26.93 2.82 -3.65
C SER B 167 25.69 2.34 -2.92
N TYR B 168 25.81 1.37 -2.02
CA TYR B 168 24.66 0.93 -1.26
C TYR B 168 24.53 1.63 0.09
N PHE B 169 25.64 2.06 0.68
CA PHE B 169 25.56 2.69 2.00
C PHE B 169 24.90 4.05 1.95
N MET B 170 25.07 4.79 0.86
CA MET B 170 24.44 6.10 0.77
C MET B 170 22.93 5.95 0.82
N ILE B 171 22.40 5.03 0.02
CA ILE B 171 20.95 4.83 -0.03
C ILE B 171 20.42 4.48 1.34
N SER B 172 21.08 3.55 2.04
CA SER B 172 20.57 3.15 3.35
C SER B 172 20.59 4.33 4.31
N ARG B 173 21.74 4.99 4.45
CA ARG B 173 21.83 6.09 5.41
C ARG B 173 20.86 7.20 5.10
N SER B 174 20.47 7.38 3.85
CA SER B 174 19.59 8.50 3.55
C SER B 174 18.14 8.11 3.40
N LEU B 175 17.79 6.83 3.42
CA LEU B 175 16.39 6.46 3.28
C LEU B 175 15.88 5.47 4.31
N GLY B 176 16.70 5.03 5.26
CA GLY B 176 16.21 4.15 6.28
C GLY B 176 16.47 2.71 5.93
N PRO B 177 16.59 1.87 6.96
CA PRO B 177 16.92 0.47 6.72
C PRO B 177 15.90 -0.26 5.88
N GLU B 178 14.61 0.03 6.00
CA GLU B 178 13.64 -0.70 5.20
C GLU B 178 13.91 -0.50 3.72
N PHE B 179 13.81 0.75 3.27
CA PHE B 179 14.03 1.04 1.87
C PHE B 179 15.38 0.56 1.42
N GLY B 180 16.44 0.94 2.14
CA GLY B 180 17.78 0.58 1.71
C GLY B 180 17.95 -0.92 1.55
N GLY B 181 17.41 -1.70 2.49
CA GLY B 181 17.49 -3.14 2.36
C GLY B 181 16.76 -3.64 1.12
N ALA B 182 15.57 -3.09 0.86
CA ALA B 182 14.82 -3.54 -0.31
C ALA B 182 15.56 -3.24 -1.59
N VAL B 183 16.19 -2.08 -1.69
CA VAL B 183 16.90 -1.72 -2.91
C VAL B 183 18.06 -2.67 -3.16
N GLY B 184 18.74 -3.08 -2.11
CA GLY B 184 19.93 -3.89 -2.30
C GLY B 184 19.66 -5.22 -2.98
N LEU B 185 18.52 -5.84 -2.68
CA LEU B 185 18.29 -7.15 -3.27
C LEU B 185 17.91 -7.05 -4.74
N CYS B 186 17.05 -6.12 -5.11
CA CYS B 186 16.73 -5.97 -6.52
C CYS B 186 17.97 -5.61 -7.34
N PHE B 187 18.82 -4.76 -6.79
CA PHE B 187 20.05 -4.43 -7.50
C PHE B 187 20.96 -5.62 -7.61
N TYR B 188 21.04 -6.44 -6.56
CA TYR B 188 21.87 -7.63 -6.61
C TYR B 188 21.41 -8.59 -7.70
N LEU B 189 20.10 -8.82 -7.76
CA LEU B 189 19.60 -9.72 -8.80
C LEU B 189 19.86 -9.15 -10.18
N GLY B 190 19.65 -7.85 -10.34
CA GLY B 190 19.96 -7.24 -11.61
C GLY B 190 21.40 -7.46 -12.02
N THR B 191 22.33 -7.32 -11.09
CA THR B 191 23.72 -7.47 -11.45
C THR B 191 24.05 -8.91 -11.84
N THR B 192 23.53 -9.89 -11.13
CA THR B 192 23.90 -11.26 -11.50
C THR B 192 23.28 -11.64 -12.84
N PHE B 193 22.05 -11.21 -13.10
CA PHE B 193 21.51 -11.52 -14.42
C PHE B 193 22.24 -10.77 -15.52
N ALA B 194 22.81 -9.60 -15.22
CA ALA B 194 23.61 -8.94 -16.23
C ALA B 194 24.84 -9.76 -16.55
N ALA B 195 25.44 -10.38 -15.55
CA ALA B 195 26.53 -11.30 -15.85
C ALA B 195 26.08 -12.41 -16.78
N ALA B 196 24.91 -12.98 -16.51
CA ALA B 196 24.39 -14.02 -17.38
C ALA B 196 24.22 -13.53 -18.82
N MET B 197 23.65 -12.34 -18.99
CA MET B 197 23.41 -11.84 -20.34
C MET B 197 24.71 -11.58 -21.10
N TYR B 198 25.72 -11.05 -20.42
CA TYR B 198 26.97 -10.84 -21.13
C TYR B 198 27.60 -12.17 -21.53
N ILE B 199 27.49 -13.18 -20.70
CA ILE B 199 28.04 -14.47 -21.11
C ILE B 199 27.32 -14.98 -22.35
N LEU B 200 25.99 -14.85 -22.38
CA LEU B 200 25.28 -15.26 -23.59
C LEU B 200 25.76 -14.49 -24.80
N GLY B 201 26.01 -13.20 -24.63
CA GLY B 201 26.48 -12.43 -25.77
C GLY B 201 27.81 -12.94 -26.27
N ALA B 202 28.72 -13.27 -25.35
CA ALA B 202 30.01 -13.80 -25.77
C ALA B 202 29.87 -15.12 -26.49
N ILE B 203 28.98 -15.99 -26.02
CA ILE B 203 28.77 -17.26 -26.72
C ILE B 203 28.21 -17.03 -28.11
N GLU B 204 27.20 -16.17 -28.24
CA GLU B 204 26.64 -15.93 -29.56
C GLU B 204 27.69 -15.36 -30.50
N ILE B 205 28.53 -14.44 -30.02
CA ILE B 205 29.56 -13.92 -30.90
C ILE B 205 30.60 -14.97 -31.21
N LEU B 206 30.73 -16.01 -30.38
CA LEU B 206 31.76 -16.99 -30.71
C LEU B 206 31.26 -17.99 -31.73
N LEU B 207 30.00 -18.37 -31.66
CA LEU B 207 29.51 -19.43 -32.51
C LEU B 207 29.00 -18.95 -33.87
N THR B 208 28.87 -17.64 -34.08
CA THR B 208 28.25 -17.17 -35.30
C THR B 208 29.21 -16.52 -36.26
N TYR B 209 30.13 -15.69 -35.79
CA TYR B 209 31.04 -15.00 -36.70
C TYR B 209 32.47 -15.45 -36.56
N ILE B 210 32.98 -15.60 -35.34
CA ILE B 210 34.39 -15.87 -35.17
C ILE B 210 34.75 -17.21 -35.78
N ALA B 211 34.08 -18.26 -35.34
CA ALA B 211 34.38 -19.61 -35.82
C ALA B 211 33.14 -20.46 -35.77
N PRO B 212 32.51 -20.70 -36.91
CA PRO B 212 31.36 -21.59 -36.95
C PRO B 212 31.71 -23.07 -36.91
N PRO B 213 32.92 -23.52 -37.33
CA PRO B 213 33.16 -24.97 -37.24
C PRO B 213 33.02 -25.52 -35.84
N ALA B 214 33.44 -24.77 -34.81
CA ALA B 214 33.38 -25.27 -33.44
C ALA B 214 31.97 -25.15 -32.87
N ALA B 215 31.06 -25.88 -33.49
CA ALA B 215 29.65 -26.01 -33.11
C ALA B 215 29.49 -27.51 -32.87
N ILE B 216 29.72 -27.94 -31.63
CA ILE B 216 29.76 -29.38 -31.36
C ILE B 216 28.43 -30.06 -31.67
N PHE B 217 27.32 -29.49 -31.21
CA PHE B 217 26.05 -30.17 -31.41
C PHE B 217 25.59 -30.17 -32.86
N TYR B 218 25.80 -29.07 -33.58
CA TYR B 218 25.34 -28.95 -34.97
C TYR B 218 23.84 -29.20 -35.10
N SER B 226 15.89 -24.69 -35.05
CA SER B 226 15.92 -25.94 -34.29
C SER B 226 16.46 -25.71 -32.88
N ASN B 227 16.78 -26.80 -32.19
CA ASN B 227 17.26 -26.75 -30.82
C ASN B 227 18.74 -27.04 -30.68
N ALA B 228 19.41 -27.42 -31.76
CA ALA B 228 20.86 -27.63 -31.70
C ALA B 228 21.58 -26.33 -31.35
N THR B 229 21.12 -25.21 -31.92
CA THR B 229 21.74 -23.94 -31.56
C THR B 229 21.55 -23.63 -30.08
N LEU B 230 20.35 -23.88 -29.55
CA LEU B 230 20.11 -23.62 -28.13
C LEU B 230 20.96 -24.51 -27.26
N ASN B 231 21.14 -25.77 -27.66
CA ASN B 231 21.91 -26.68 -26.84
C ASN B 231 23.38 -26.32 -26.87
N ASN B 232 23.89 -25.89 -28.03
CA ASN B 232 25.26 -25.41 -28.08
C ASN B 232 25.42 -24.22 -27.15
N MET B 233 24.43 -23.33 -27.17
CA MET B 233 24.47 -22.16 -26.30
C MET B 233 24.53 -22.58 -24.84
N ARG B 234 23.71 -23.55 -24.47
CA ARG B 234 23.70 -24.00 -23.08
C ARG B 234 25.05 -24.55 -22.66
N VAL B 235 25.61 -25.48 -23.44
CA VAL B 235 26.87 -26.10 -23.06
C VAL B 235 27.98 -25.07 -22.95
N TYR B 236 28.13 -24.24 -23.97
CA TYR B 236 29.26 -23.31 -23.94
C TYR B 236 29.08 -22.25 -22.86
N GLY B 237 27.83 -21.85 -22.60
CA GLY B 237 27.62 -20.90 -21.54
C GLY B 237 27.96 -21.49 -20.18
N THR B 238 27.65 -22.77 -19.98
CA THR B 238 28.02 -23.40 -18.72
C THR B 238 29.53 -23.48 -18.57
N ILE B 239 30.25 -23.85 -19.62
CA ILE B 239 31.70 -23.94 -19.50
C ILE B 239 32.29 -22.58 -19.17
N PHE B 240 31.86 -21.55 -19.88
CA PHE B 240 32.37 -20.22 -19.59
C PHE B 240 32.00 -19.76 -18.19
N LEU B 241 30.78 -20.04 -17.76
CA LEU B 241 30.40 -19.56 -16.43
C LEU B 241 31.31 -20.18 -15.38
N THR B 242 31.60 -21.47 -15.51
CA THR B 242 32.51 -22.10 -14.56
C THR B 242 33.88 -21.45 -14.61
N PHE B 243 34.43 -21.26 -15.81
CA PHE B 243 35.77 -20.71 -15.91
C PHE B 243 35.84 -19.28 -15.39
N MET B 244 34.82 -18.48 -15.65
CA MET B 244 34.85 -17.10 -15.18
C MET B 244 34.72 -17.05 -13.67
N THR B 245 33.92 -17.94 -13.08
CA THR B 245 33.84 -17.96 -11.63
C THR B 245 35.19 -18.31 -11.02
N LEU B 246 35.89 -19.28 -11.60
CA LEU B 246 37.19 -19.62 -11.03
C LEU B 246 38.18 -18.47 -11.17
N VAL B 247 38.18 -17.82 -12.33
CA VAL B 247 39.10 -16.70 -12.53
C VAL B 247 38.81 -15.60 -11.51
N VAL B 248 37.53 -15.27 -11.35
CA VAL B 248 37.17 -14.24 -10.39
C VAL B 248 37.55 -14.69 -8.99
N PHE B 249 37.53 -15.99 -8.73
CA PHE B 249 37.90 -16.50 -7.42
C PHE B 249 39.37 -16.24 -7.11
N VAL B 250 40.25 -16.41 -8.08
CA VAL B 250 41.67 -16.36 -7.78
C VAL B 250 42.30 -15.02 -8.11
N GLY B 251 41.87 -14.34 -9.16
CA GLY B 251 42.67 -13.25 -9.70
C GLY B 251 42.05 -11.87 -9.81
N VAL B 252 41.33 -11.45 -8.77
CA VAL B 252 40.65 -10.16 -8.80
C VAL B 252 41.62 -9.02 -9.09
N LYS B 253 42.85 -9.14 -8.61
CA LYS B 253 43.82 -8.05 -8.74
C LYS B 253 44.14 -7.73 -10.19
N TYR B 254 44.40 -8.75 -11.01
CA TYR B 254 44.71 -8.48 -12.40
C TYR B 254 43.50 -7.91 -13.14
N VAL B 255 42.30 -8.32 -12.76
CA VAL B 255 41.10 -7.74 -13.36
C VAL B 255 41.06 -6.24 -13.05
N ASN B 256 41.31 -5.91 -11.78
CA ASN B 256 41.29 -4.50 -11.40
C ASN B 256 42.38 -3.73 -12.11
N LYS B 257 43.46 -4.39 -12.48
CA LYS B 257 44.51 -3.72 -13.22
C LYS B 257 44.08 -3.48 -14.67
N PHE B 258 43.56 -4.52 -15.33
CA PHE B 258 43.26 -4.49 -16.75
C PHE B 258 41.89 -3.91 -17.11
N ALA B 259 41.14 -3.40 -16.13
CA ALA B 259 39.80 -2.92 -16.45
C ALA B 259 39.79 -1.79 -17.48
N SER B 260 40.87 -1.02 -17.59
CA SER B 260 40.90 0.06 -18.58
C SER B 260 40.83 -0.45 -20.01
N LEU B 261 41.39 -1.63 -20.27
CA LEU B 261 41.47 -2.13 -21.63
C LEU B 261 40.09 -2.25 -22.26
N PHE B 262 39.11 -2.68 -21.48
CA PHE B 262 37.78 -2.89 -22.02
C PHE B 262 37.21 -1.59 -22.55
N LEU B 263 37.44 -0.50 -21.82
CA LEU B 263 36.98 0.81 -22.28
C LEU B 263 37.74 1.22 -23.53
N ALA B 264 39.03 0.91 -23.58
CA ALA B 264 39.77 1.25 -24.79
C ALA B 264 39.15 0.56 -26.00
N CYS B 265 38.79 -0.70 -25.84
CA CYS B 265 38.19 -1.43 -26.95
C CYS B 265 36.86 -0.81 -27.36
N VAL B 266 36.03 -0.45 -26.40
CA VAL B 266 34.74 0.13 -26.75
C VAL B 266 34.90 1.43 -27.52
N ILE B 267 35.78 2.32 -27.04
CA ILE B 267 35.92 3.60 -27.69
C ILE B 267 36.50 3.45 -29.09
N ILE B 268 37.49 2.59 -29.27
CA ILE B 268 38.04 2.42 -30.60
C ILE B 268 36.99 1.85 -31.54
N SER B 269 36.15 0.96 -31.02
CA SER B 269 35.10 0.39 -31.85
C SER B 269 34.16 1.47 -32.36
N ILE B 270 33.69 2.34 -31.47
CA ILE B 270 32.72 3.36 -31.91
C ILE B 270 33.37 4.35 -32.87
N LEU B 271 34.60 4.76 -32.60
CA LEU B 271 35.25 5.65 -33.53
C LEU B 271 35.37 5.00 -34.89
N SER B 272 35.66 3.69 -34.92
CA SER B 272 35.77 3.03 -36.22
C SER B 272 34.43 3.02 -36.94
N ILE B 273 33.34 2.81 -36.21
CA ILE B 273 32.03 2.84 -36.86
C ILE B 273 31.80 4.18 -37.53
N TYR B 274 32.08 5.26 -36.82
CA TYR B 274 31.80 6.56 -37.41
C TYR B 274 32.73 6.84 -38.58
N ALA B 275 33.98 6.40 -38.50
CA ALA B 275 34.88 6.56 -39.62
C ALA B 275 34.36 5.82 -40.83
N GLY B 276 33.83 4.62 -40.63
CA GLY B 276 33.28 3.88 -41.74
C GLY B 276 32.10 4.58 -42.38
N GLY B 277 31.24 5.18 -41.56
CA GLY B 277 30.12 5.91 -42.13
C GLY B 277 30.59 7.09 -42.96
N ILE B 278 31.50 7.88 -42.41
CA ILE B 278 32.00 9.05 -43.13
C ILE B 278 32.68 8.62 -44.42
N LYS B 279 33.32 7.45 -44.43
CA LYS B 279 33.86 6.99 -45.69
C LYS B 279 32.76 6.49 -46.60
N SER B 280 31.64 6.10 -46.03
CA SER B 280 30.53 5.63 -46.86
C SER B 280 29.94 6.78 -47.65
N ILE B 281 29.96 7.98 -47.07
CA ILE B 281 29.26 9.11 -47.69
C ILE B 281 29.80 9.38 -49.09
N PHE B 282 31.12 9.33 -49.27
CA PHE B 282 31.69 9.66 -50.56
C PHE B 282 32.32 8.48 -51.30
N ASP B 283 32.61 7.38 -50.62
CA ASP B 283 33.17 6.19 -51.29
C ASP B 283 32.81 4.97 -50.48
N PRO B 284 31.69 4.34 -50.79
CA PRO B 284 31.17 3.29 -49.94
C PRO B 284 31.84 1.96 -50.22
N PRO B 285 31.62 0.97 -49.38
CA PRO B 285 32.14 -0.37 -49.62
C PRO B 285 31.21 -1.14 -50.54
N VAL B 286 31.62 -2.35 -50.91
CA VAL B 286 30.83 -3.21 -51.79
C VAL B 286 30.41 -4.47 -51.03
N PHE B 287 29.09 -4.69 -50.97
CA PHE B 287 28.54 -5.88 -50.32
C PHE B 287 27.23 -6.24 -50.99
N PRO B 288 27.28 -6.91 -52.13
CA PRO B 288 26.05 -7.20 -52.87
C PRO B 288 25.21 -8.23 -52.14
N VAL B 289 23.93 -7.90 -51.97
CA VAL B 289 22.95 -8.83 -51.45
C VAL B 289 22.01 -9.17 -52.60
N CYS B 290 21.68 -10.45 -52.72
CA CYS B 290 20.93 -10.98 -53.85
C CYS B 290 19.44 -11.05 -53.52
N MET B 291 18.62 -10.95 -54.55
CA MET B 291 17.19 -10.81 -54.36
C MET B 291 16.44 -11.77 -55.28
N LEU B 292 15.24 -12.15 -54.84
CA LEU B 292 14.34 -13.01 -55.59
C LEU B 292 12.95 -12.40 -55.57
N GLY B 293 12.63 -11.63 -56.59
CA GLY B 293 11.36 -10.94 -56.59
C GLY B 293 11.46 -9.89 -55.52
N ASN B 294 10.80 -10.12 -54.39
CA ASN B 294 10.92 -9.18 -53.28
C ASN B 294 11.19 -9.89 -51.96
N ARG B 295 11.86 -11.04 -52.00
CA ARG B 295 12.32 -11.71 -50.81
C ARG B 295 13.84 -11.53 -50.69
N THR B 296 14.44 -12.17 -49.69
CA THR B 296 15.87 -12.05 -49.43
C THR B 296 16.51 -13.42 -49.27
N LEU B 297 17.41 -13.75 -50.18
CA LEU B 297 18.09 -15.04 -50.18
C LEU B 297 19.33 -15.02 -49.31
N SER B 298 19.57 -16.12 -48.61
CA SER B 298 20.80 -16.31 -47.85
C SER B 298 21.96 -16.55 -48.80
N ARG B 299 22.89 -15.60 -48.86
CA ARG B 299 24.01 -15.67 -49.79
C ARG B 299 25.07 -16.70 -49.40
N ASP B 300 24.88 -17.44 -48.31
CA ASP B 300 25.93 -18.35 -47.88
C ASP B 300 26.11 -19.51 -48.86
N GLN B 301 25.02 -20.14 -49.28
CA GLN B 301 25.14 -21.34 -50.10
C GLN B 301 25.54 -21.03 -51.54
N PHE B 302 24.80 -20.16 -52.22
CA PHE B 302 25.03 -19.99 -53.64
C PHE B 302 26.42 -19.44 -53.93
N ASP B 303 26.98 -19.86 -55.06
CA ASP B 303 28.24 -19.30 -55.51
C ASP B 303 28.02 -17.90 -56.07
N ILE B 304 27.04 -17.74 -56.95
CA ILE B 304 26.71 -16.46 -57.54
C ILE B 304 25.21 -16.42 -57.75
N CYS B 305 24.63 -15.23 -57.63
CA CYS B 305 23.19 -15.07 -57.82
C CYS B 305 22.91 -14.69 -59.26
N ALA B 306 22.62 -15.70 -60.06
CA ALA B 306 22.27 -15.51 -61.47
C ALA B 306 21.59 -16.79 -61.91
N LYS B 307 20.46 -16.67 -62.61
CA LYS B 307 19.71 -17.86 -62.98
C LYS B 307 20.52 -18.79 -63.86
N THR B 308 21.32 -18.23 -64.76
CA THR B 308 22.08 -19.02 -65.71
C THR B 308 23.45 -18.39 -65.90
N ALA B 309 24.43 -19.23 -66.16
CA ALA B 309 25.79 -18.78 -66.43
C ALA B 309 26.29 -19.44 -67.70
N VAL B 310 27.26 -18.79 -68.33
CA VAL B 310 27.80 -19.21 -69.61
C VAL B 310 29.13 -19.90 -69.35
N VAL B 311 29.16 -21.21 -69.57
CA VAL B 311 30.35 -22.01 -69.37
C VAL B 311 30.62 -22.80 -70.65
N ASP B 312 31.86 -22.72 -71.13
CA ASP B 312 32.28 -23.40 -72.38
C ASP B 312 31.41 -22.96 -73.55
N ASN B 313 31.30 -21.65 -73.74
CA ASN B 313 30.60 -21.05 -74.88
C ASN B 313 29.10 -21.34 -74.85
N GLU B 314 28.57 -21.77 -73.71
CA GLU B 314 27.17 -22.14 -73.61
C GLU B 314 26.65 -21.93 -72.20
N THR B 315 25.32 -21.86 -72.09
CA THR B 315 24.65 -21.60 -70.82
C THR B 315 24.39 -22.87 -70.02
N VAL B 316 24.52 -22.76 -68.71
CA VAL B 316 24.30 -23.90 -67.81
C VAL B 316 23.68 -23.40 -66.51
N ALA B 317 22.85 -24.25 -65.93
CA ALA B 317 22.18 -23.92 -64.68
C ALA B 317 23.22 -23.71 -63.57
N THR B 318 22.96 -22.73 -62.73
CA THR B 318 23.86 -22.40 -61.64
C THR B 318 23.45 -23.10 -60.37
N GLN B 319 24.25 -22.96 -59.33
CA GLN B 319 23.93 -23.61 -58.07
C GLN B 319 22.62 -23.10 -57.51
N LEU B 320 22.32 -21.83 -57.76
CA LEU B 320 21.05 -21.28 -57.30
C LEU B 320 19.88 -22.03 -57.91
N TRP B 321 19.99 -22.37 -59.19
CA TRP B 321 18.94 -23.16 -59.84
C TRP B 321 18.81 -24.52 -59.17
N SER B 322 19.93 -25.22 -59.00
CA SER B 322 19.88 -26.55 -58.40
C SER B 322 19.32 -26.50 -56.99
N PHE B 323 19.50 -25.39 -56.29
CA PHE B 323 18.93 -25.29 -54.96
C PHE B 323 17.44 -24.99 -55.01
N PHE B 324 17.01 -24.18 -55.97
CA PHE B 324 15.58 -23.92 -56.06
C PHE B 324 14.88 -24.93 -56.93
N CYS B 325 15.53 -25.39 -58.00
CA CYS B 325 14.93 -26.46 -58.79
C CYS B 325 15.81 -27.69 -58.67
N HIS B 326 15.20 -28.82 -58.29
CA HIS B 326 15.97 -30.03 -58.06
C HIS B 326 16.45 -30.67 -59.34
N SER B 327 15.93 -30.25 -60.47
CA SER B 327 16.34 -30.83 -61.74
C SER B 327 17.61 -30.14 -62.22
N PRO B 328 18.61 -30.88 -62.66
CA PRO B 328 19.85 -30.25 -63.17
C PRO B 328 19.83 -29.92 -64.65
N ASN B 329 18.66 -29.91 -65.28
CA ASN B 329 18.52 -29.55 -66.69
C ASN B 329 17.61 -28.35 -66.84
N LEU B 330 18.04 -27.38 -67.63
CA LEU B 330 17.25 -26.17 -67.82
C LEU B 330 15.90 -26.52 -68.43
N THR B 331 15.86 -27.52 -69.29
CA THR B 331 14.64 -27.92 -69.98
C THR B 331 13.78 -28.72 -69.00
N THR B 332 13.19 -28.00 -68.06
CA THR B 332 12.31 -28.60 -67.08
C THR B 332 11.22 -27.61 -66.72
N ASP B 333 10.05 -28.14 -66.36
CA ASP B 333 8.91 -27.32 -65.99
C ASP B 333 8.19 -27.97 -64.80
N SER B 334 8.96 -28.29 -63.76
CA SER B 334 8.41 -28.91 -62.56
C SER B 334 8.81 -28.16 -61.30
N CYS B 335 9.12 -26.89 -61.41
CA CYS B 335 9.54 -26.11 -60.26
C CYS B 335 8.40 -25.22 -59.77
N ASP B 336 8.64 -24.57 -58.62
CA ASP B 336 7.60 -23.73 -58.05
C ASP B 336 7.37 -22.53 -58.96
N PRO B 337 6.16 -21.98 -58.96
CA PRO B 337 5.88 -20.84 -59.84
C PRO B 337 6.63 -19.58 -59.45
N TYR B 338 7.03 -19.43 -58.19
CA TYR B 338 7.68 -18.18 -57.81
C TYR B 338 9.04 -18.03 -58.44
N PHE B 339 9.77 -19.11 -58.63
CA PHE B 339 11.10 -18.95 -59.19
C PHE B 339 11.03 -18.49 -60.64
N MET B 340 10.21 -19.15 -61.45
CA MET B 340 10.17 -18.79 -62.86
C MET B 340 9.41 -17.49 -63.10
N LEU B 341 8.46 -17.15 -62.24
CA LEU B 341 7.65 -15.98 -62.51
C LEU B 341 8.38 -14.67 -62.22
N ASN B 342 9.30 -14.64 -61.26
CA ASN B 342 9.98 -13.40 -60.88
C ASN B 342 11.43 -13.40 -61.32
N ASN B 343 12.09 -12.28 -61.07
CA ASN B 343 13.46 -12.08 -61.48
C ASN B 343 14.43 -12.33 -60.33
N VAL B 344 15.70 -12.05 -60.59
CA VAL B 344 16.77 -12.14 -59.60
C VAL B 344 17.62 -10.90 -59.77
N THR B 345 17.62 -10.03 -58.78
CA THR B 345 18.38 -8.80 -58.83
C THR B 345 19.49 -8.84 -57.78
N GLU B 346 20.44 -7.94 -57.94
CA GLU B 346 21.58 -7.84 -57.05
C GLU B 346 21.76 -6.37 -56.70
N ILE B 347 21.09 -5.92 -55.66
CA ILE B 347 21.15 -4.52 -55.27
C ILE B 347 22.30 -4.33 -54.31
N PRO B 348 22.94 -3.16 -54.28
CA PRO B 348 24.00 -2.93 -53.32
C PRO B 348 23.43 -2.82 -51.92
N GLY B 349 24.14 -3.41 -50.97
CA GLY B 349 23.64 -3.46 -49.61
C GLY B 349 24.07 -2.24 -48.84
N ILE B 350 25.17 -1.63 -49.25
CA ILE B 350 25.63 -0.42 -48.60
C ILE B 350 25.57 0.74 -49.59
N PRO B 351 24.44 1.39 -49.75
CA PRO B 351 24.41 2.57 -50.59
C PRO B 351 24.93 3.72 -49.76
N GLY B 352 25.80 4.54 -50.35
CA GLY B 352 26.41 5.59 -49.57
C GLY B 352 25.37 6.53 -49.00
N ALA B 353 25.72 7.17 -47.88
CA ALA B 353 24.76 7.98 -47.16
C ALA B 353 24.04 8.93 -48.09
N ALA B 354 22.72 8.93 -48.01
CA ALA B 354 21.90 9.78 -48.86
C ALA B 354 20.54 9.93 -48.20
N ALA B 355 19.74 10.81 -48.77
CA ALA B 355 18.42 11.06 -48.23
C ALA B 355 17.36 10.15 -48.81
N GLY B 356 17.71 9.32 -49.79
CA GLY B 356 16.74 8.42 -50.36
C GLY B 356 16.54 7.18 -49.52
N VAL B 357 17.59 6.72 -48.83
CA VAL B 357 17.44 5.54 -48.00
C VAL B 357 16.74 5.91 -46.70
N LEU B 358 17.11 7.04 -46.11
CA LEU B 358 16.44 7.48 -44.89
C LEU B 358 14.99 7.80 -45.18
N GLN B 359 14.68 8.05 -46.45
CA GLN B 359 13.28 8.20 -46.80
C GLN B 359 12.62 6.84 -46.90
N GLU B 360 13.36 5.82 -47.33
CA GLU B 360 12.80 4.49 -47.44
C GLU B 360 12.50 3.91 -46.07
N ASN B 361 13.52 3.73 -45.24
CA ASN B 361 13.35 3.08 -43.95
C ASN B 361 13.00 4.13 -42.92
N LEU B 362 11.74 4.54 -42.95
CA LEU B 362 11.26 5.54 -42.03
C LEU B 362 10.00 5.14 -41.31
N TRP B 363 9.32 4.08 -41.74
CA TRP B 363 8.10 3.65 -41.08
C TRP B 363 8.25 2.24 -40.57
N SER B 364 7.50 1.92 -39.52
CA SER B 364 7.66 0.64 -38.84
C SER B 364 7.38 -0.52 -39.81
N ALA B 365 8.01 -1.65 -39.56
CA ALA B 365 7.83 -2.83 -40.38
C ALA B 365 7.78 -4.09 -39.52
N TYR B 366 7.01 -4.05 -38.45
CA TYR B 366 6.96 -5.16 -37.52
C TYR B 366 6.52 -6.44 -38.22
N LEU B 367 7.40 -7.43 -38.25
CA LEU B 367 7.06 -8.70 -38.86
C LEU B 367 6.48 -9.66 -37.82
N GLU B 368 6.14 -10.86 -38.29
CA GLU B 368 5.64 -11.93 -37.44
C GLU B 368 6.59 -13.11 -37.49
N LYS B 369 6.35 -14.06 -36.61
CA LYS B 369 7.20 -15.24 -36.53
C LYS B 369 7.06 -16.06 -37.80
N GLY B 370 8.15 -16.26 -38.51
CA GLY B 370 8.13 -17.05 -39.71
C GLY B 370 7.89 -16.27 -40.98
N ASP B 371 7.63 -14.98 -40.91
CA ASP B 371 7.40 -14.22 -42.12
C ASP B 371 8.69 -14.08 -42.92
N ILE B 372 8.55 -13.49 -44.09
CA ILE B 372 9.68 -13.30 -44.99
C ILE B 372 10.03 -11.82 -45.07
N VAL B 373 11.32 -11.54 -45.06
CA VAL B 373 11.85 -10.18 -45.11
C VAL B 373 11.76 -9.64 -46.52
N GLU B 374 10.90 -8.65 -46.74
CA GLU B 374 10.60 -8.18 -48.09
C GLU B 374 11.06 -6.74 -48.26
N LYS B 375 11.54 -6.42 -49.45
CA LYS B 375 12.05 -5.08 -49.79
C LYS B 375 10.90 -4.31 -50.43
N HIS B 376 10.21 -3.50 -49.62
CA HIS B 376 9.06 -2.74 -50.11
C HIS B 376 9.47 -1.71 -51.16
N GLY B 377 9.00 -1.89 -52.40
CA GLY B 377 9.35 -0.93 -53.41
C GLY B 377 10.08 -1.55 -54.58
N LEU B 378 9.84 -2.83 -54.81
CA LEU B 378 10.42 -3.54 -55.94
C LEU B 378 9.35 -4.36 -56.63
N PRO B 379 9.47 -4.54 -57.96
CA PRO B 379 8.44 -5.30 -58.68
C PRO B 379 8.46 -6.75 -58.26
N SER B 380 7.29 -7.26 -57.90
CA SER B 380 7.14 -8.63 -57.43
C SER B 380 5.81 -9.20 -57.91
N ALA B 381 5.87 -10.30 -58.66
CA ALA B 381 4.68 -10.99 -59.12
C ALA B 381 4.48 -12.25 -58.27
N ASP B 382 3.41 -12.25 -57.47
CA ASP B 382 3.19 -13.32 -56.51
C ASP B 382 2.87 -14.64 -57.19
N ALA B 383 3.07 -15.73 -56.45
CA ALA B 383 2.85 -17.09 -56.93
C ALA B 383 3.04 -18.04 -55.75
N PRO B 384 2.46 -19.23 -55.82
CA PRO B 384 2.68 -20.21 -54.75
C PRO B 384 4.12 -20.69 -54.72
N SER B 385 4.45 -21.45 -53.68
CA SER B 385 5.80 -21.95 -53.51
C SER B 385 5.80 -23.27 -52.74
N LEU B 386 6.90 -24.00 -52.90
CA LEU B 386 7.05 -25.30 -52.27
C LEU B 386 7.39 -25.14 -50.80
N LYS B 387 7.54 -26.25 -50.09
CA LYS B 387 7.87 -26.25 -48.68
C LYS B 387 9.32 -26.64 -48.41
N GLU B 388 10.07 -26.99 -49.44
CA GLU B 388 11.51 -27.24 -49.33
C GLU B 388 12.34 -26.00 -49.67
N SER B 389 11.69 -24.84 -49.82
CA SER B 389 12.37 -23.60 -50.11
C SER B 389 12.54 -22.71 -48.90
N LEU B 390 11.77 -22.93 -47.86
CA LEU B 390 11.84 -22.12 -46.65
C LEU B 390 13.25 -22.07 -46.10
N PRO B 391 14.05 -23.12 -46.18
CA PRO B 391 15.45 -22.99 -45.72
C PRO B 391 16.30 -22.08 -46.58
N LEU B 392 15.75 -21.43 -47.59
CA LEU B 392 16.55 -20.57 -48.44
C LEU B 392 16.22 -19.09 -48.32
N TYR B 393 15.09 -18.75 -47.74
CA TYR B 393 14.82 -17.35 -47.44
C TYR B 393 15.29 -17.03 -46.04
N VAL B 394 15.62 -15.78 -45.82
CA VAL B 394 15.90 -15.31 -44.48
C VAL B 394 14.57 -15.11 -43.76
N VAL B 395 14.54 -15.46 -42.48
CA VAL B 395 13.29 -15.50 -41.74
C VAL B 395 13.41 -14.66 -40.49
N ALA B 396 12.29 -14.06 -40.08
CA ALA B 396 12.25 -13.39 -38.79
C ALA B 396 12.18 -14.43 -37.70
N ASP B 397 13.01 -14.27 -36.67
CA ASP B 397 13.17 -15.31 -35.66
C ASP B 397 12.14 -15.25 -34.56
N ILE B 398 11.80 -14.07 -34.07
CA ILE B 398 10.82 -13.93 -33.00
C ILE B 398 9.81 -12.88 -33.40
N ALA B 399 8.64 -12.95 -32.78
CA ALA B 399 7.60 -11.98 -33.04
C ALA B 399 8.06 -10.62 -32.54
N THR B 400 7.91 -9.61 -33.39
CA THR B 400 8.38 -8.27 -33.09
C THR B 400 7.19 -7.33 -32.87
N SER B 401 7.35 -6.40 -31.95
CA SER B 401 6.30 -5.43 -31.65
C SER B 401 6.99 -4.17 -31.17
N PHE B 402 6.23 -3.30 -30.51
CA PHE B 402 6.87 -2.16 -29.88
C PHE B 402 7.30 -2.45 -28.45
N THR B 403 6.44 -3.10 -27.67
CA THR B 403 6.78 -3.38 -26.29
C THR B 403 7.96 -4.32 -26.19
N VAL B 404 8.04 -5.27 -27.12
CA VAL B 404 9.19 -6.18 -27.12
C VAL B 404 10.47 -5.40 -27.31
N LEU B 405 10.47 -4.43 -28.23
CA LEU B 405 11.69 -3.69 -28.46
C LEU B 405 12.08 -2.83 -27.28
N VAL B 406 11.10 -2.22 -26.60
CA VAL B 406 11.46 -1.50 -25.39
C VAL B 406 12.10 -2.43 -24.38
N GLY B 407 11.49 -3.58 -24.17
CA GLY B 407 12.02 -4.51 -23.18
C GLY B 407 13.42 -5.00 -23.53
N ILE B 408 13.68 -5.27 -24.82
CA ILE B 408 15.00 -5.76 -25.15
C ILE B 408 16.03 -4.65 -25.09
N PHE B 409 15.66 -3.42 -25.40
CA PHE B 409 16.71 -2.42 -25.43
C PHE B 409 16.93 -1.71 -24.11
N PHE B 410 16.09 -1.92 -23.10
CA PHE B 410 16.31 -1.17 -21.86
C PHE B 410 17.61 -1.47 -21.14
N PRO B 411 18.14 -2.67 -21.12
CA PRO B 411 19.39 -2.90 -20.37
C PRO B 411 20.55 -2.06 -20.82
N SER B 412 20.56 -1.55 -22.05
CA SER B 412 21.71 -0.76 -22.47
C SER B 412 21.93 0.44 -21.57
N VAL B 413 20.87 1.11 -21.14
CA VAL B 413 21.06 2.35 -20.39
C VAL B 413 21.08 2.14 -18.88
N THR B 414 21.27 0.92 -18.43
CA THR B 414 21.33 0.68 -17.00
C THR B 414 22.76 0.72 -16.50
N GLY B 415 22.91 1.10 -15.24
CA GLY B 415 24.23 1.19 -14.66
C GLY B 415 24.60 2.55 -14.12
N ILE B 416 23.61 3.42 -13.92
CA ILE B 416 23.94 4.74 -13.40
C ILE B 416 24.25 4.73 -11.93
N MET B 417 23.99 3.63 -11.24
CA MET B 417 24.32 3.56 -9.83
C MET B 417 25.71 3.00 -9.64
N ALA B 418 26.36 2.59 -10.70
CA ALA B 418 27.72 2.09 -10.63
C ALA B 418 28.72 3.22 -10.66
N GLY B 419 28.29 4.42 -11.04
CA GLY B 419 29.22 5.54 -11.07
C GLY B 419 29.57 6.00 -9.67
N SER B 420 28.59 6.04 -8.78
CA SER B 420 28.83 6.45 -7.41
C SER B 420 29.25 5.22 -6.59
N ASN B 421 30.37 4.63 -7.01
CA ASN B 421 30.79 3.36 -6.47
C ASN B 421 32.20 3.40 -5.91
N ARG B 422 32.89 4.51 -6.05
CA ARG B 422 34.16 4.67 -5.38
C ARG B 422 34.06 5.90 -4.50
N SER B 423 32.93 5.99 -3.80
CA SER B 423 32.60 7.15 -2.98
C SER B 423 33.68 7.49 -1.98
N GLY B 424 34.32 6.48 -1.39
CA GLY B 424 35.31 6.76 -0.37
C GLY B 424 36.51 7.51 -0.88
N ASP B 425 37.01 7.15 -2.06
CA ASP B 425 38.21 7.77 -2.62
C ASP B 425 37.82 8.91 -3.55
N LEU B 426 37.18 9.92 -3.00
CA LEU B 426 36.77 11.06 -3.80
C LEU B 426 37.21 12.37 -3.15
N ARG B 427 37.52 13.34 -4.00
CA ARG B 427 37.98 14.64 -3.52
C ARG B 427 36.85 15.42 -2.86
N ASP B 428 35.81 15.76 -3.63
CA ASP B 428 34.67 16.50 -3.09
C ASP B 428 33.39 15.95 -3.72
N ALA B 429 32.78 14.98 -3.03
CA ALA B 429 31.71 14.21 -3.66
C ALA B 429 30.49 15.06 -3.95
N GLN B 430 30.16 16.01 -3.07
CA GLN B 430 28.93 16.77 -3.23
C GLN B 430 28.88 17.50 -4.55
N LYS B 431 30.04 17.87 -5.11
CA LYS B 431 30.07 18.63 -6.33
C LYS B 431 30.53 17.81 -7.51
N SER B 432 30.96 16.57 -7.27
CA SER B 432 31.57 15.75 -8.30
C SER B 432 30.71 14.58 -8.74
N ILE B 433 29.83 14.08 -7.88
CA ILE B 433 29.04 12.92 -8.28
C ILE B 433 27.91 13.31 -9.23
N PRO B 434 27.05 14.27 -8.89
CA PRO B 434 25.90 14.52 -9.77
C PRO B 434 26.31 14.97 -11.16
N VAL B 435 27.24 15.89 -11.25
CA VAL B 435 27.63 16.38 -12.56
C VAL B 435 28.26 15.27 -13.38
N GLY B 436 29.05 14.41 -12.74
CA GLY B 436 29.66 13.32 -13.49
C GLY B 436 28.63 12.34 -14.02
N THR B 437 27.70 11.93 -13.16
CA THR B 437 26.68 10.99 -13.62
C THR B 437 25.86 11.59 -14.75
N ILE B 438 25.42 12.83 -14.59
CA ILE B 438 24.55 13.39 -15.62
C ILE B 438 25.31 13.60 -16.92
N LEU B 439 26.58 13.96 -16.86
CA LEU B 439 27.32 14.08 -18.10
C LEU B 439 27.47 12.73 -18.78
N ALA B 440 27.67 11.67 -18.01
CA ALA B 440 27.75 10.36 -18.65
C ALA B 440 26.46 10.02 -19.34
N ILE B 441 25.33 10.30 -18.69
CA ILE B 441 24.04 10.00 -19.30
C ILE B 441 23.88 10.76 -20.60
N ILE B 442 24.18 12.05 -20.59
CA ILE B 442 24.01 12.84 -21.80
C ILE B 442 24.89 12.34 -22.92
N THR B 443 26.14 11.99 -22.61
CA THR B 443 27.01 11.50 -23.68
C THR B 443 26.47 10.21 -24.26
N THR B 444 25.99 9.30 -23.41
CA THR B 444 25.44 8.06 -23.95
C THR B 444 24.22 8.33 -24.81
N SER B 445 23.37 9.25 -24.39
CA SER B 445 22.18 9.51 -25.18
C SER B 445 22.54 10.09 -26.54
N LEU B 446 23.51 10.98 -26.59
CA LEU B 446 23.85 11.56 -27.88
C LEU B 446 24.50 10.52 -28.78
N VAL B 447 25.31 9.63 -28.22
CA VAL B 447 25.91 8.60 -29.07
C VAL B 447 24.83 7.70 -29.64
N TYR B 448 23.83 7.34 -28.84
CA TYR B 448 22.76 6.51 -29.39
C TYR B 448 21.96 7.23 -30.47
N PHE B 449 21.61 8.50 -30.24
CA PHE B 449 20.85 9.21 -31.27
C PHE B 449 21.64 9.30 -32.57
N SER B 450 22.90 9.72 -32.49
CA SER B 450 23.67 9.85 -33.70
C SER B 450 23.84 8.51 -34.40
N SER B 451 24.03 7.43 -33.65
CA SER B 451 24.20 6.14 -34.30
C SER B 451 22.89 5.66 -34.93
N VAL B 452 21.76 5.91 -34.30
CA VAL B 452 20.50 5.53 -34.90
C VAL B 452 20.30 6.24 -36.23
N VAL B 453 20.53 7.54 -36.26
CA VAL B 453 20.34 8.25 -37.52
C VAL B 453 21.34 7.77 -38.55
N LEU B 454 22.57 7.49 -38.14
CA LEU B 454 23.57 7.07 -39.12
C LEU B 454 23.19 5.73 -39.74
N PHE B 455 22.79 4.77 -38.92
CA PHE B 455 22.33 3.50 -39.48
C PHE B 455 21.16 3.70 -40.41
N GLY B 456 20.16 4.46 -39.96
CA GLY B 456 19.01 4.68 -40.80
C GLY B 456 19.38 5.24 -42.16
N ALA B 457 20.39 6.11 -42.19
CA ALA B 457 20.71 6.83 -43.40
C ALA B 457 21.83 6.18 -44.19
N CYS B 458 22.38 5.08 -43.73
CA CYS B 458 23.48 4.49 -44.47
C CYS B 458 23.26 3.07 -44.98
N ILE B 459 22.28 2.33 -44.45
CA ILE B 459 22.14 0.93 -44.82
C ILE B 459 20.76 0.66 -45.39
N GLU B 460 20.70 -0.32 -46.28
CA GLU B 460 19.42 -0.72 -46.87
C GLU B 460 18.48 -1.29 -45.83
N GLY B 461 17.19 -1.08 -46.05
CA GLY B 461 16.19 -1.54 -45.12
C GLY B 461 15.99 -3.03 -45.10
N VAL B 462 16.66 -3.79 -45.96
CA VAL B 462 16.46 -5.22 -46.00
C VAL B 462 17.57 -5.99 -45.31
N VAL B 463 18.76 -5.42 -45.18
CA VAL B 463 19.84 -6.11 -44.49
C VAL B 463 19.87 -5.77 -43.01
N LEU B 464 19.10 -4.79 -42.57
CA LEU B 464 19.02 -4.55 -41.14
C LEU B 464 18.23 -5.63 -40.44
N ARG B 465 17.29 -6.27 -41.12
CA ARG B 465 16.42 -7.22 -40.47
C ARG B 465 16.98 -8.63 -40.38
N ASP B 466 18.16 -8.90 -40.92
CA ASP B 466 18.78 -10.21 -40.71
C ASP B 466 19.46 -10.21 -39.36
N LYS B 467 18.79 -10.81 -38.37
CA LYS B 467 19.31 -10.76 -37.01
C LYS B 467 20.70 -11.34 -36.91
N TYR B 468 21.03 -12.35 -37.72
CA TYR B 468 22.35 -12.96 -37.71
C TYR B 468 23.14 -12.66 -38.98
N GLY B 469 22.74 -11.64 -39.71
CA GLY B 469 23.46 -11.26 -40.91
C GLY B 469 23.57 -12.34 -41.95
N ASP B 470 22.43 -12.81 -42.43
CA ASP B 470 22.44 -13.86 -43.44
C ASP B 470 22.50 -13.28 -44.85
N GLY B 471 21.83 -12.15 -45.08
CA GLY B 471 21.89 -11.54 -46.39
C GLY B 471 23.31 -11.27 -46.83
N VAL B 472 24.08 -10.65 -45.96
CA VAL B 472 25.50 -10.58 -46.21
C VAL B 472 26.13 -11.93 -45.87
N SER B 473 27.36 -12.12 -46.32
CA SER B 473 27.97 -13.43 -46.24
C SER B 473 28.38 -13.77 -44.82
N ARG B 474 27.40 -13.90 -43.93
CA ARG B 474 27.61 -14.21 -42.52
C ARG B 474 28.66 -13.29 -41.90
N ASN B 475 28.36 -12.00 -41.93
CA ASN B 475 29.18 -10.98 -41.30
C ASN B 475 28.38 -10.28 -40.21
N LEU B 476 29.10 -9.54 -39.38
CA LEU B 476 28.42 -8.68 -38.42
C LEU B 476 27.80 -7.52 -39.18
N VAL B 477 26.48 -7.41 -39.12
CA VAL B 477 25.77 -6.40 -39.90
C VAL B 477 26.30 -5.00 -39.63
N VAL B 478 26.58 -4.68 -38.37
CA VAL B 478 27.16 -3.37 -38.08
C VAL B 478 28.61 -3.31 -38.50
N GLY B 479 29.23 -4.46 -38.71
CA GLY B 479 30.61 -4.47 -39.15
C GLY B 479 30.81 -4.25 -40.62
N THR B 480 29.72 -4.19 -41.39
CA THR B 480 29.89 -3.95 -42.82
C THR B 480 30.49 -2.58 -43.08
N LEU B 481 30.01 -1.57 -42.36
CA LEU B 481 30.58 -0.23 -42.45
C LEU B 481 31.55 -0.04 -41.30
N ALA B 482 32.84 -0.18 -41.60
CA ALA B 482 33.91 0.07 -40.64
C ALA B 482 35.17 0.19 -41.47
N TRP B 483 35.94 1.24 -41.23
CA TRP B 483 37.00 1.59 -42.18
C TRP B 483 38.07 0.51 -42.30
N PRO B 484 38.79 0.15 -41.24
CA PRO B 484 39.92 -0.76 -41.45
C PRO B 484 39.47 -2.11 -41.98
N SER B 485 38.55 -2.76 -41.29
CA SER B 485 38.00 -4.05 -41.69
C SER B 485 36.87 -4.38 -40.74
N PRO B 486 35.93 -5.19 -41.15
CA PRO B 486 34.89 -5.64 -40.22
C PRO B 486 35.45 -6.45 -39.08
N TRP B 487 36.76 -6.64 -39.03
CA TRP B 487 37.35 -7.46 -38.00
C TRP B 487 37.63 -6.71 -36.70
N VAL B 488 37.56 -5.38 -36.70
CA VAL B 488 37.83 -4.69 -35.45
C VAL B 488 36.62 -4.75 -34.53
N ILE B 489 35.42 -4.67 -35.10
CA ILE B 489 34.25 -4.65 -34.23
C ILE B 489 33.99 -6.02 -33.61
N VAL B 490 34.28 -7.10 -34.33
CA VAL B 490 34.03 -8.41 -33.77
C VAL B 490 34.89 -8.64 -32.54
N ILE B 491 36.19 -8.44 -32.69
CA ILE B 491 37.10 -8.64 -31.56
C ILE B 491 36.81 -7.63 -30.46
N GLY B 492 36.48 -6.40 -30.84
CA GLY B 492 36.15 -5.40 -29.84
C GLY B 492 34.97 -5.81 -28.99
N SER B 493 33.90 -6.27 -29.63
CA SER B 493 32.73 -6.68 -28.87
C SER B 493 33.02 -7.91 -28.04
N PHE B 494 33.85 -8.82 -28.53
CA PHE B 494 34.18 -9.99 -27.73
C PHE B 494 34.88 -9.59 -26.44
N PHE B 495 35.92 -8.77 -26.55
CA PHE B 495 36.63 -8.38 -25.34
C PHE B 495 35.76 -7.52 -24.44
N SER B 496 34.94 -6.64 -25.01
CA SER B 496 34.06 -5.84 -24.17
C SER B 496 33.09 -6.72 -23.38
N THR B 497 32.52 -7.72 -24.02
CA THR B 497 31.57 -8.57 -23.31
C THR B 497 32.27 -9.36 -22.22
N CYS B 498 33.43 -9.91 -22.51
CA CYS B 498 34.14 -10.64 -21.45
C CYS B 498 34.47 -9.73 -20.28
N GLY B 499 34.93 -8.50 -20.56
CA GLY B 499 35.27 -7.61 -19.46
C GLY B 499 34.07 -7.19 -18.64
N ALA B 500 32.95 -6.90 -19.29
CA ALA B 500 31.77 -6.52 -18.53
C ALA B 500 31.27 -7.68 -17.70
N GLY B 501 31.31 -8.89 -18.25
CA GLY B 501 30.93 -10.05 -17.48
C GLY B 501 31.82 -10.22 -16.26
N LEU B 502 33.13 -10.06 -16.44
CA LEU B 502 34.02 -10.21 -15.32
C LEU B 502 33.71 -9.18 -14.23
N GLN B 503 33.45 -7.93 -14.62
CA GLN B 503 33.19 -6.96 -13.56
C GLN B 503 31.85 -7.19 -12.89
N SER B 504 30.85 -7.67 -13.60
CA SER B 504 29.61 -7.95 -12.90
C SER B 504 29.78 -9.10 -11.92
N LEU B 505 30.58 -10.10 -12.33
CA LEU B 505 30.88 -11.27 -11.47
C LEU B 505 31.68 -10.80 -10.26
N THR B 506 32.42 -9.70 -10.40
CA THR B 506 33.21 -9.19 -9.28
C THR B 506 32.37 -8.33 -8.35
N GLY B 507 31.45 -7.57 -8.91
CA GLY B 507 30.70 -6.61 -8.10
C GLY B 507 29.43 -7.12 -7.49
N ALA B 508 28.93 -8.27 -7.89
CA ALA B 508 27.71 -8.72 -7.21
C ALA B 508 27.96 -9.36 -5.85
N PRO B 509 28.89 -10.30 -5.73
CA PRO B 509 29.12 -10.91 -4.41
C PRO B 509 29.57 -9.92 -3.37
N ARG B 510 30.30 -8.88 -3.78
CA ARG B 510 30.71 -7.88 -2.80
C ARG B 510 29.50 -7.17 -2.22
N LEU B 511 28.53 -6.84 -3.07
CA LEU B 511 27.31 -6.22 -2.56
C LEU B 511 26.56 -7.15 -1.63
N LEU B 512 26.50 -8.44 -1.98
CA LEU B 512 25.82 -9.36 -1.08
C LEU B 512 26.53 -9.43 0.26
N GLN B 513 27.84 -9.41 0.24
CA GLN B 513 28.58 -9.44 1.50
C GLN B 513 28.30 -8.21 2.34
N ALA B 514 28.18 -7.06 1.69
CA ALA B 514 27.84 -5.86 2.44
C ALA B 514 26.48 -6.00 3.11
N ILE B 515 25.48 -6.47 2.36
CA ILE B 515 24.15 -6.64 2.97
C ILE B 515 24.20 -7.63 4.11
N ALA B 516 25.01 -8.68 3.98
CA ALA B 516 25.02 -9.68 5.04
C ALA B 516 25.70 -9.16 6.30
N LYS B 517 26.74 -8.35 6.15
CA LYS B 517 27.38 -7.83 7.35
C LYS B 517 26.59 -6.68 7.96
N ASP B 518 25.65 -6.11 7.23
CA ASP B 518 24.81 -5.08 7.84
C ASP B 518 23.80 -5.65 8.82
N ASN B 519 23.60 -6.97 8.81
CA ASN B 519 22.77 -7.65 9.80
C ASN B 519 21.33 -7.16 9.77
N ILE B 520 20.83 -6.86 8.58
CA ILE B 520 19.44 -6.47 8.45
C ILE B 520 18.54 -7.70 8.34
N ILE B 521 18.80 -8.54 7.36
CA ILE B 521 18.02 -9.78 7.21
C ILE B 521 18.74 -10.89 7.93
N PRO B 522 18.07 -11.64 8.80
CA PRO B 522 18.79 -12.57 9.66
C PRO B 522 19.10 -13.90 9.00
N PHE B 523 18.32 -14.36 8.02
CA PHE B 523 18.58 -15.72 7.58
C PHE B 523 19.78 -15.83 6.64
N LEU B 524 20.34 -14.72 6.18
CA LEU B 524 21.52 -14.75 5.34
C LEU B 524 22.73 -14.16 6.05
N ARG B 525 22.89 -14.50 7.33
CA ARG B 525 24.07 -14.07 8.06
C ARG B 525 25.31 -14.81 7.59
N VAL B 526 25.16 -16.03 7.10
CA VAL B 526 26.31 -16.84 6.72
C VAL B 526 27.06 -16.23 5.55
N PHE B 527 26.37 -15.54 4.66
CA PHE B 527 27.03 -15.00 3.47
C PHE B 527 28.03 -13.92 3.78
N GLY B 528 28.24 -13.54 5.04
CA GLY B 528 29.28 -12.59 5.34
C GLY B 528 30.59 -13.22 5.73
N HIS B 529 30.72 -14.54 5.61
CA HIS B 529 31.94 -15.23 6.05
C HIS B 529 32.99 -15.13 4.94
N GLY B 530 33.49 -13.93 4.75
CA GLY B 530 34.48 -13.69 3.72
C GLY B 530 35.75 -14.47 3.95
N LYS B 531 36.62 -14.45 2.95
CA LYS B 531 37.90 -15.12 3.07
C LYS B 531 38.82 -14.31 3.98
N VAL B 532 40.07 -14.77 4.08
CA VAL B 532 41.05 -14.08 4.90
C VAL B 532 41.35 -12.70 4.32
N ASN B 533 41.20 -12.55 3.01
CA ASN B 533 41.50 -11.31 2.34
C ASN B 533 40.30 -10.37 2.26
N GLY B 534 39.10 -10.87 2.49
CA GLY B 534 37.90 -10.08 2.32
C GLY B 534 37.07 -10.50 1.13
N GLU B 535 37.66 -11.29 0.24
CA GLU B 535 36.94 -11.75 -0.92
C GLU B 535 35.82 -12.70 -0.48
N PRO B 536 34.60 -12.48 -0.93
CA PRO B 536 33.48 -13.30 -0.43
C PRO B 536 33.69 -14.76 -0.76
N THR B 537 33.09 -15.64 0.05
CA THR B 537 33.26 -17.08 -0.18
C THR B 537 31.96 -17.76 -0.55
N TRP B 538 30.92 -17.70 0.28
CA TRP B 538 29.67 -18.37 -0.06
C TRP B 538 28.69 -17.42 -0.69
N ALA B 539 29.16 -16.28 -1.17
CA ALA B 539 28.31 -15.40 -1.94
C ALA B 539 28.59 -15.55 -3.41
N LEU B 540 29.83 -15.88 -3.73
CA LEU B 540 30.20 -16.14 -5.11
C LEU B 540 29.50 -17.38 -5.63
N LEU B 541 29.42 -18.43 -4.81
CA LEU B 541 28.76 -19.65 -5.26
C LEU B 541 27.28 -19.41 -5.51
N LEU B 542 26.60 -18.71 -4.61
CA LEU B 542 25.19 -18.41 -4.84
C LEU B 542 25.01 -17.57 -6.09
N THR B 543 25.90 -16.62 -6.30
CA THR B 543 25.77 -15.79 -7.49
C THR B 543 25.97 -16.62 -8.74
N ALA B 544 26.95 -17.52 -8.74
CA ALA B 544 27.14 -18.37 -9.91
C ALA B 544 25.93 -19.26 -10.16
N LEU B 545 25.28 -19.75 -9.09
CA LEU B 545 24.10 -20.57 -9.33
C LEU B 545 22.97 -19.77 -9.93
N ILE B 546 22.76 -18.54 -9.46
CA ILE B 546 21.71 -17.74 -10.06
C ILE B 546 22.04 -17.44 -11.52
N ALA B 547 23.32 -17.19 -11.81
CA ALA B 547 23.69 -16.93 -13.19
C ALA B 547 23.44 -18.13 -14.07
N GLU B 548 23.68 -19.35 -13.55
CA GLU B 548 23.39 -20.54 -14.35
C GLU B 548 21.90 -20.71 -14.59
N LEU B 549 21.10 -20.54 -13.54
CA LEU B 549 19.66 -20.64 -13.72
C LEU B 549 19.18 -19.62 -14.75
N GLY B 550 19.87 -18.49 -14.86
CA GLY B 550 19.50 -17.54 -15.90
C GLY B 550 20.00 -17.95 -17.26
N ILE B 551 21.15 -18.61 -17.33
CA ILE B 551 21.68 -19.05 -18.61
C ILE B 551 20.80 -20.13 -19.22
N LEU B 552 20.17 -20.96 -18.39
CA LEU B 552 19.37 -22.05 -18.96
C LEU B 552 18.29 -21.56 -19.92
N ILE B 553 17.99 -20.27 -19.94
CA ILE B 553 17.08 -19.78 -20.96
C ILE B 553 17.80 -19.64 -22.28
N ALA B 554 19.03 -19.13 -22.24
CA ALA B 554 19.93 -19.16 -23.40
C ALA B 554 19.38 -18.40 -24.59
N SER B 555 18.93 -17.17 -24.36
CA SER B 555 18.51 -16.33 -25.47
C SER B 555 18.44 -14.89 -24.99
N LEU B 556 19.25 -14.02 -25.59
CA LEU B 556 19.22 -12.62 -25.18
C LEU B 556 17.82 -12.05 -25.24
N ASP B 557 17.08 -12.41 -26.28
CA ASP B 557 15.77 -11.85 -26.48
C ASP B 557 14.77 -12.30 -25.42
N MET B 558 15.12 -13.29 -24.60
CA MET B 558 14.28 -13.67 -23.49
C MET B 558 14.87 -13.32 -22.14
N VAL B 559 16.18 -13.18 -22.03
CA VAL B 559 16.76 -12.76 -20.76
C VAL B 559 16.64 -11.26 -20.55
N ALA B 560 16.65 -10.47 -21.62
CA ALA B 560 16.65 -9.02 -21.42
C ALA B 560 15.46 -8.51 -20.63
N PRO B 561 14.23 -8.98 -20.82
CA PRO B 561 13.13 -8.43 -20.03
C PRO B 561 13.24 -8.68 -18.54
N ILE B 562 13.80 -9.81 -18.10
CA ILE B 562 13.94 -10.04 -16.66
C ILE B 562 14.88 -9.01 -16.06
N LEU B 563 16.03 -8.84 -16.68
CA LEU B 563 16.96 -7.80 -16.28
C LEU B 563 16.26 -6.46 -16.21
N SER B 564 15.49 -6.11 -17.24
CA SER B 564 14.78 -4.83 -17.21
C SER B 564 13.82 -4.74 -16.06
N MET B 565 13.11 -5.82 -15.73
CA MET B 565 12.17 -5.76 -14.62
C MET B 565 12.88 -5.45 -13.33
N PHE B 566 13.98 -6.14 -13.07
CA PHE B 566 14.65 -5.89 -11.79
C PHE B 566 15.18 -4.47 -11.72
N PHE B 567 15.81 -3.99 -12.79
CA PHE B 567 16.36 -2.65 -12.70
C PHE B 567 15.26 -1.61 -12.60
N LEU B 568 14.15 -1.80 -13.30
CA LEU B 568 13.05 -0.84 -13.17
C LEU B 568 12.49 -0.84 -11.77
N MET B 569 12.44 -2.01 -11.13
CA MET B 569 11.95 -2.05 -9.76
C MET B 569 12.85 -1.21 -8.86
N CYS B 570 14.16 -1.37 -9.02
CA CYS B 570 15.09 -0.57 -8.22
C CYS B 570 14.88 0.92 -8.42
N TYR B 571 14.79 1.36 -9.67
CA TYR B 571 14.63 2.79 -9.90
C TYR B 571 13.30 3.31 -9.36
N LEU B 572 12.22 2.57 -9.56
CA LEU B 572 10.94 3.02 -9.06
C LEU B 572 10.99 3.18 -7.55
N PHE B 573 11.63 2.26 -6.86
CA PHE B 573 11.67 2.38 -5.41
C PHE B 573 12.49 3.59 -4.98
N VAL B 574 13.63 3.84 -5.62
CA VAL B 574 14.42 5.01 -5.25
C VAL B 574 13.62 6.28 -5.45
N ASN B 575 12.99 6.43 -6.61
CA ASN B 575 12.27 7.67 -6.87
C ASN B 575 11.11 7.86 -5.91
N LEU B 576 10.35 6.80 -5.67
CA LEU B 576 9.20 6.93 -4.78
C LEU B 576 9.65 7.30 -3.39
N ALA B 577 10.72 6.67 -2.89
CA ALA B 577 11.19 7.00 -1.55
C ALA B 577 11.59 8.47 -1.47
N CYS B 578 12.35 8.94 -2.45
CA CYS B 578 12.78 10.33 -2.40
C CYS B 578 11.58 11.28 -2.39
N ALA B 579 10.64 11.07 -3.30
CA ALA B 579 9.51 11.99 -3.38
C ALA B 579 8.71 12.00 -2.09
N VAL B 580 8.41 10.83 -1.54
CA VAL B 580 7.60 10.79 -0.33
C VAL B 580 8.31 11.45 0.82
N GLN B 581 9.59 11.16 1.00
CA GLN B 581 10.26 11.78 2.14
C GLN B 581 10.39 13.28 1.97
N THR B 582 10.43 13.77 0.74
CA THR B 582 10.42 15.22 0.60
C THR B 582 9.05 15.78 0.96
N LEU B 583 7.99 15.07 0.58
CA LEU B 583 6.65 15.58 0.86
C LEU B 583 6.38 15.62 2.35
N LEU B 584 6.54 14.49 3.04
CA LEU B 584 6.08 14.48 4.42
C LEU B 584 7.02 15.19 5.37
N ARG B 585 8.13 15.72 4.88
CA ARG B 585 9.06 16.49 5.69
C ARG B 585 9.60 15.66 6.85
N THR B 586 10.27 14.58 6.49
CA THR B 586 10.93 13.73 7.48
C THR B 586 12.02 14.56 8.17
N PRO B 587 12.27 14.31 9.45
CA PRO B 587 13.21 15.18 10.18
C PRO B 587 14.62 15.25 9.63
N ASN B 588 15.21 14.13 9.23
CA ASN B 588 16.62 14.13 8.87
C ASN B 588 16.90 14.20 7.38
N TRP B 589 15.93 14.65 6.59
CA TRP B 589 16.04 14.63 5.13
C TRP B 589 15.96 16.06 4.61
N ARG B 590 17.10 16.64 4.23
CA ARG B 590 17.15 17.95 3.60
C ARG B 590 18.16 17.95 2.47
N PRO B 591 17.72 17.84 1.23
CA PRO B 591 18.66 17.80 0.10
C PRO B 591 19.12 19.19 -0.33
N ARG B 592 20.36 19.25 -0.81
CA ARG B 592 20.96 20.51 -1.21
C ARG B 592 21.03 20.72 -2.72
N PHE B 593 20.59 19.76 -3.54
CA PHE B 593 20.63 19.96 -4.98
C PHE B 593 19.84 21.19 -5.39
N LYS B 594 20.36 21.92 -6.36
CA LYS B 594 19.68 23.13 -6.82
C LYS B 594 18.46 22.78 -7.65
N TYR B 595 18.65 22.08 -8.76
CA TYR B 595 17.54 21.72 -9.65
C TYR B 595 16.88 20.42 -9.18
N TYR B 596 16.24 20.51 -8.03
CA TYR B 596 15.53 19.36 -7.51
C TYR B 596 14.19 19.77 -6.94
N HIS B 597 13.16 18.99 -7.26
CA HIS B 597 11.81 19.24 -6.80
C HIS B 597 11.05 17.93 -6.79
N TRP B 598 10.27 17.71 -5.72
CA TRP B 598 9.61 16.43 -5.54
C TRP B 598 8.72 16.07 -6.72
N ALA B 599 8.28 17.05 -7.49
CA ALA B 599 7.51 16.73 -8.67
C ALA B 599 8.33 15.95 -9.69
N LEU B 600 9.62 16.26 -9.79
CA LEU B 600 10.44 15.54 -10.76
C LEU B 600 10.60 14.08 -10.39
N SER B 601 10.88 13.81 -9.12
CA SER B 601 11.00 12.42 -8.70
C SER B 601 9.67 11.70 -8.85
N PHE B 602 8.58 12.39 -8.56
CA PHE B 602 7.28 11.75 -8.75
C PHE B 602 7.04 11.41 -10.22
N LEU B 603 7.39 12.32 -11.12
CA LEU B 603 7.21 12.06 -12.54
C LEU B 603 8.08 10.89 -12.98
N GLY B 604 9.28 10.79 -12.43
CA GLY B 604 10.12 9.65 -12.73
C GLY B 604 9.51 8.36 -12.27
N MET B 605 8.96 8.36 -11.06
CA MET B 605 8.26 7.17 -10.58
C MET B 605 7.15 6.78 -11.53
N SER B 606 6.37 7.75 -11.98
CA SER B 606 5.26 7.43 -12.87
C SER B 606 5.75 6.81 -14.17
N LEU B 607 6.76 7.43 -14.76
CA LEU B 607 7.24 6.97 -16.06
C LEU B 607 7.85 5.58 -15.97
N CYS B 608 8.69 5.35 -14.96
CA CYS B 608 9.32 4.05 -14.86
C CYS B 608 8.32 2.97 -14.46
N LEU B 609 7.28 3.33 -13.72
CA LEU B 609 6.23 2.35 -13.49
C LEU B 609 5.51 2.02 -14.79
N ALA B 610 5.27 3.03 -15.62
CA ALA B 610 4.63 2.77 -16.91
C ALA B 610 5.45 1.81 -17.74
N LEU B 611 6.77 1.99 -17.73
CA LEU B 611 7.62 1.03 -18.44
C LEU B 611 7.48 -0.36 -17.85
N MET B 612 7.56 -0.44 -16.51
CA MET B 612 7.49 -1.75 -15.86
C MET B 612 6.21 -2.48 -16.21
N PHE B 613 5.16 -1.74 -16.53
CA PHE B 613 3.93 -2.44 -16.89
C PHE B 613 3.80 -2.65 -18.38
N VAL B 614 4.43 -1.80 -19.18
CA VAL B 614 4.38 -2.02 -20.63
C VAL B 614 5.11 -3.30 -20.99
N SER B 615 6.28 -3.53 -20.39
CA SER B 615 7.07 -4.69 -20.81
C SER B 615 6.31 -5.99 -20.56
N SER B 616 5.90 -6.23 -19.31
CA SER B 616 5.12 -7.42 -19.02
C SER B 616 4.44 -7.19 -17.67
N TRP B 617 3.12 -7.10 -17.65
CA TRP B 617 2.45 -6.79 -16.41
C TRP B 617 2.67 -7.86 -15.35
N TYR B 618 2.67 -9.14 -15.74
CA TYR B 618 2.75 -10.17 -14.71
C TYR B 618 4.09 -10.15 -14.01
N TYR B 619 5.17 -9.97 -14.77
CA TYR B 619 6.48 -9.86 -14.14
C TYR B 619 6.49 -8.68 -13.16
N ALA B 620 5.87 -7.58 -13.55
CA ALA B 620 5.83 -6.42 -12.67
C ALA B 620 5.09 -6.75 -11.37
N LEU B 621 4.02 -7.54 -11.47
CA LEU B 621 3.32 -7.91 -10.24
C LEU B 621 4.21 -8.77 -9.35
N VAL B 622 4.93 -9.73 -9.94
CA VAL B 622 5.80 -10.56 -9.12
C VAL B 622 6.89 -9.73 -8.46
N ALA B 623 7.50 -8.82 -9.21
CA ALA B 623 8.55 -7.99 -8.64
C ALA B 623 8.01 -7.13 -7.51
N MET B 624 6.84 -6.54 -7.72
CA MET B 624 6.27 -5.69 -6.67
C MET B 624 5.95 -6.49 -5.43
N LEU B 625 5.44 -7.71 -5.58
CA LEU B 625 5.16 -8.49 -4.39
C LEU B 625 6.44 -8.88 -3.66
N ILE B 626 7.50 -9.22 -4.39
CA ILE B 626 8.76 -9.51 -3.71
C ILE B 626 9.24 -8.29 -2.94
N ALA B 627 9.17 -7.13 -3.58
CA ALA B 627 9.63 -5.92 -2.91
C ALA B 627 8.80 -5.64 -1.67
N GLY B 628 7.48 -5.78 -1.77
CA GLY B 628 6.65 -5.53 -0.61
C GLY B 628 6.91 -6.50 0.52
N MET B 629 7.12 -7.77 0.19
CA MET B 629 7.38 -8.74 1.24
C MET B 629 8.68 -8.42 1.96
N ILE B 630 9.73 -8.09 1.21
CA ILE B 630 10.99 -7.80 1.87
C ILE B 630 10.90 -6.50 2.67
N TYR B 631 10.17 -5.52 2.17
CA TYR B 631 10.00 -4.28 2.92
C TYR B 631 9.35 -4.54 4.27
N LYS B 632 8.22 -5.25 4.27
CA LYS B 632 7.56 -5.50 5.54
C LYS B 632 8.39 -6.39 6.44
N TYR B 633 9.14 -7.32 5.87
CA TYR B 633 9.97 -8.18 6.71
C TYR B 633 11.08 -7.39 7.38
N ILE B 634 11.72 -6.47 6.65
CA ILE B 634 12.73 -5.63 7.27
C ILE B 634 12.11 -4.79 8.39
N GLU B 635 10.93 -4.23 8.13
CA GLU B 635 10.30 -3.42 9.17
C GLU B 635 10.06 -4.26 10.41
N TYR B 636 9.56 -5.48 10.23
CA TYR B 636 9.32 -6.35 11.37
C TYR B 636 10.60 -6.64 12.12
N GLN B 637 11.69 -6.89 11.41
CA GLN B 637 12.94 -7.18 12.11
C GLN B 637 13.42 -5.98 12.90
N GLY B 638 13.28 -4.78 12.34
CA GLY B 638 13.65 -3.59 13.09
C GLY B 638 12.83 -3.46 14.35
N ALA B 639 11.53 -3.75 14.26
CA ALA B 639 10.71 -3.72 15.45
C ALA B 639 11.19 -4.72 16.49
N GLU B 640 11.52 -5.94 16.05
CA GLU B 640 12.01 -6.92 17.01
C GLU B 640 13.31 -6.49 17.63
N LYS B 641 14.11 -5.70 16.93
CA LYS B 641 15.38 -5.34 17.52
C LYS B 641 15.27 -4.15 18.47
N GLU B 642 14.41 -3.19 18.20
CA GLU B 642 14.34 -2.05 19.09
C GLU B 642 13.50 -2.30 20.34
N TRP B 643 12.31 -2.89 20.18
CA TRP B 643 11.35 -2.91 21.28
C TRP B 643 11.25 -4.25 22.00
N GLY B 644 11.02 -5.34 21.28
CA GLY B 644 10.92 -6.62 21.96
C GLY B 644 9.83 -7.52 21.41
N ASP B 645 8.81 -6.92 20.81
CA ASP B 645 7.69 -7.64 20.23
C ASP B 645 7.60 -7.40 18.73
N GLY B 646 6.90 -8.30 18.06
CA GLY B 646 6.73 -8.15 16.63
C GLY B 646 5.63 -7.15 16.37
N ILE B 647 4.41 -7.50 16.77
CA ILE B 647 3.27 -6.65 16.48
C ILE B 647 3.26 -5.43 17.39
N ARG B 648 3.37 -5.66 18.69
CA ARG B 648 3.42 -4.55 19.63
C ARG B 648 4.62 -3.65 19.34
N GLY B 649 5.72 -4.25 18.90
CA GLY B 649 6.84 -3.43 18.49
C GLY B 649 6.54 -2.60 17.27
N LEU B 650 5.83 -3.18 16.30
CA LEU B 650 5.46 -2.41 15.12
C LEU B 650 4.62 -1.20 15.50
N SER B 651 3.66 -1.41 16.39
CA SER B 651 2.80 -0.30 16.78
C SER B 651 3.58 0.76 17.54
N LEU B 652 4.46 0.36 18.45
CA LEU B 652 5.25 1.33 19.16
C LEU B 652 6.10 2.16 18.20
N SER B 653 6.71 1.50 17.22
CA SER B 653 7.55 2.25 16.29
C SER B 653 6.74 3.21 15.46
N ALA B 654 5.56 2.80 15.01
CA ALA B 654 4.73 3.73 14.26
C ALA B 654 4.39 4.95 15.10
N ALA B 655 4.03 4.73 16.36
CA ALA B 655 3.68 5.86 17.21
C ALA B 655 4.85 6.80 17.40
N ARG B 656 6.03 6.25 17.66
CA ARG B 656 7.18 7.10 17.89
C ARG B 656 7.53 7.89 16.65
N TYR B 657 7.47 7.25 15.50
CA TYR B 657 7.77 7.95 14.26
C TYR B 657 6.81 9.10 14.04
N ALA B 658 5.51 8.87 14.27
CA ALA B 658 4.55 9.94 14.06
C ALA B 658 4.81 11.10 14.99
N LEU B 659 5.08 10.82 16.27
CA LEU B 659 5.31 11.93 17.19
C LEU B 659 6.58 12.71 16.83
N LEU B 660 7.65 12.00 16.49
CA LEU B 660 8.88 12.71 16.14
C LEU B 660 8.68 13.58 14.91
N ARG B 661 7.97 13.07 13.92
CA ARG B 661 7.77 13.89 12.72
C ARG B 661 6.91 15.09 13.05
N LEU B 662 5.92 14.93 13.91
CA LEU B 662 5.07 16.05 14.27
C LEU B 662 5.81 17.06 15.15
N GLU B 663 6.94 16.68 15.74
CA GLU B 663 7.65 17.60 16.62
C GLU B 663 8.04 18.88 15.90
N GLU B 664 8.73 18.77 14.78
CA GLU B 664 9.18 19.97 14.07
C GLU B 664 8.00 20.65 13.38
N GLY B 665 8.14 21.94 13.13
CA GLY B 665 7.09 22.69 12.48
C GLY B 665 6.37 23.67 13.38
N PRO B 666 5.59 24.56 12.78
CA PRO B 666 4.85 25.58 13.55
C PRO B 666 3.89 24.94 14.54
N PRO B 667 3.93 25.38 15.79
CA PRO B 667 3.14 24.72 16.84
C PRO B 667 1.75 25.34 17.02
N HIS B 668 1.23 26.01 16.01
CA HIS B 668 -0.09 26.63 16.10
C HIS B 668 -1.00 26.10 15.01
N THR B 669 -2.20 25.68 15.41
CA THR B 669 -3.19 25.19 14.48
C THR B 669 -4.14 26.31 14.07
N LYS B 670 -4.50 26.33 12.78
CA LYS B 670 -5.39 27.36 12.27
C LYS B 670 -6.78 27.27 12.89
N ASN B 671 -7.18 26.10 13.38
CA ASN B 671 -8.48 25.89 13.99
C ASN B 671 -8.31 25.54 15.46
N TRP B 672 -9.44 25.56 16.19
CA TRP B 672 -9.44 25.24 17.61
C TRP B 672 -10.51 24.19 17.86
N ARG B 673 -10.10 23.00 18.28
CA ARG B 673 -11.04 21.97 18.69
C ARG B 673 -10.75 21.54 20.13
N PRO B 674 -11.77 21.42 20.97
CA PRO B 674 -11.52 21.05 22.37
C PRO B 674 -10.97 19.64 22.50
N GLN B 675 -9.84 19.51 23.17
CA GLN B 675 -9.26 18.23 23.57
C GLN B 675 -9.23 18.16 25.08
N LEU B 676 -10.09 17.34 25.66
CA LEU B 676 -10.40 17.48 27.06
C LEU B 676 -9.46 16.68 27.94
N LEU B 677 -9.34 17.13 29.19
CA LEU B 677 -8.72 16.36 30.27
C LEU B 677 -9.73 16.34 31.41
N VAL B 678 -10.39 15.20 31.61
CA VAL B 678 -11.47 15.07 32.58
C VAL B 678 -10.92 14.73 33.94
N LEU B 679 -11.01 15.66 34.89
CA LEU B 679 -10.49 15.46 36.24
C LEU B 679 -11.50 14.73 37.13
N LEU B 680 -11.42 13.41 37.17
CA LEU B 680 -12.28 12.63 38.03
C LEU B 680 -11.78 12.72 39.47
N LYS B 681 -12.70 12.49 40.42
CA LYS B 681 -12.35 12.51 41.84
C LYS B 681 -12.79 11.20 42.50
N LEU B 682 -11.82 10.32 42.72
CA LEU B 682 -12.12 9.01 43.28
C LEU B 682 -12.53 9.10 44.74
N ASP B 683 -13.38 8.16 45.16
CA ASP B 683 -13.86 8.11 46.53
C ASP B 683 -12.86 7.40 47.44
N GLU B 684 -13.18 7.41 48.73
CA GLU B 684 -12.34 6.75 49.72
C GLU B 684 -12.33 5.25 49.53
N ASP B 685 -13.39 4.70 48.95
CA ASP B 685 -13.46 3.28 48.63
C ASP B 685 -13.06 3.02 47.20
N LEU B 686 -12.43 3.99 46.56
CA LEU B 686 -11.92 3.85 45.20
C LEU B 686 -13.05 3.54 44.22
N HIS B 687 -14.08 4.38 44.26
CA HIS B 687 -15.15 4.35 43.29
C HIS B 687 -15.31 5.73 42.68
N VAL B 688 -15.65 5.76 41.40
CA VAL B 688 -15.81 7.04 40.71
C VAL B 688 -16.97 7.79 41.36
N LYS B 689 -16.70 8.98 41.87
CA LYS B 689 -17.73 9.74 42.56
C LYS B 689 -18.82 10.21 41.60
N TYR B 690 -18.43 10.88 40.52
CA TYR B 690 -19.38 11.41 39.55
C TYR B 690 -19.13 10.74 38.21
N PRO B 691 -19.70 9.56 37.98
CA PRO B 691 -19.51 8.91 36.68
C PRO B 691 -20.26 9.59 35.56
N ARG B 692 -20.91 10.71 35.81
CA ARG B 692 -21.59 11.43 34.74
C ARG B 692 -20.66 12.34 33.96
N LEU B 693 -19.52 12.74 34.56
CA LEU B 693 -18.54 13.54 33.82
C LEU B 693 -18.03 12.80 32.61
N LEU B 694 -17.78 11.49 32.76
CA LEU B 694 -17.33 10.72 31.63
C LEU B 694 -18.40 10.65 30.55
N THR B 695 -19.64 10.53 30.97
CA THR B 695 -20.73 10.54 30.00
C THR B 695 -20.76 11.85 29.24
N PHE B 696 -20.61 12.97 29.96
CA PHE B 696 -20.64 14.26 29.31
C PHE B 696 -19.47 14.44 28.35
N ALA B 697 -18.29 13.96 28.74
CA ALA B 697 -17.15 14.05 27.84
C ALA B 697 -17.38 13.22 26.59
N SER B 698 -17.98 12.04 26.75
CA SER B 698 -18.25 11.22 25.59
C SER B 698 -19.27 11.87 24.68
N GLN B 699 -20.21 12.61 25.27
CA GLN B 699 -21.19 13.31 24.45
C GLN B 699 -20.55 14.49 23.72
N LEU B 700 -19.56 15.12 24.32
CA LEU B 700 -18.99 16.29 23.69
C LEU B 700 -17.95 15.95 22.64
N LYS B 701 -17.25 14.83 22.79
CA LYS B 701 -16.26 14.44 21.79
C LYS B 701 -16.81 13.49 20.73
N ALA B 702 -17.70 12.58 21.12
CA ALA B 702 -18.26 11.58 20.21
C ALA B 702 -17.19 10.61 19.72
N GLY B 703 -16.28 10.25 20.61
CA GLY B 703 -15.33 9.19 20.33
C GLY B 703 -14.24 9.50 19.34
N LYS B 704 -14.01 10.76 18.99
CA LYS B 704 -12.96 11.10 18.04
C LYS B 704 -12.20 12.32 18.58
N GLY B 705 -10.91 12.15 18.77
CA GLY B 705 -10.04 13.14 19.35
C GLY B 705 -9.28 12.51 20.50
N LEU B 706 -8.70 13.34 21.34
CA LEU B 706 -7.94 12.86 22.49
C LEU B 706 -8.68 13.17 23.78
N THR B 707 -8.74 12.19 24.68
CA THR B 707 -9.42 12.36 25.96
C THR B 707 -8.63 11.63 27.03
N ILE B 708 -7.91 12.38 27.83
CA ILE B 708 -7.15 11.84 28.97
C ILE B 708 -7.95 12.01 30.24
N VAL B 709 -7.85 11.04 31.13
CA VAL B 709 -8.66 10.99 32.35
C VAL B 709 -7.70 10.87 33.54
N GLY B 710 -7.43 11.98 34.21
CA GLY B 710 -6.52 11.97 35.33
C GLY B 710 -7.23 11.93 36.67
N SER B 711 -6.46 11.64 37.71
CA SER B 711 -6.97 11.58 39.07
C SER B 711 -5.82 11.50 40.05
N VAL B 712 -5.97 12.17 41.19
CA VAL B 712 -4.95 12.21 42.22
C VAL B 712 -5.42 11.38 43.41
N ILE B 713 -4.49 10.65 44.02
CA ILE B 713 -4.78 9.82 45.18
C ILE B 713 -3.86 10.25 46.31
N GLN B 714 -4.45 10.74 47.40
CA GLN B 714 -3.64 11.22 48.51
C GLN B 714 -2.91 10.07 49.21
N GLY B 715 -1.70 10.37 49.68
CA GLY B 715 -0.90 9.42 50.41
C GLY B 715 0.58 9.56 50.15
N SER B 716 1.31 8.44 50.21
CA SER B 716 2.74 8.40 49.97
C SER B 716 3.00 7.36 48.89
N PHE B 717 3.93 7.67 47.97
CA PHE B 717 4.20 6.73 46.90
C PHE B 717 4.86 5.45 47.40
N LEU B 718 5.73 5.56 48.40
CA LEU B 718 6.55 4.43 48.80
C LEU B 718 5.71 3.21 49.16
N GLU B 719 4.54 3.41 49.76
CA GLU B 719 3.71 2.30 50.22
C GLU B 719 2.33 2.23 49.60
N SER B 720 2.08 2.88 48.47
CA SER B 720 0.71 2.87 47.92
C SER B 720 0.69 2.61 46.42
N TYR B 721 1.46 1.63 45.95
CA TYR B 721 1.48 1.35 44.52
C TYR B 721 0.29 0.52 44.08
N GLY B 722 -0.08 -0.47 44.89
CA GLY B 722 -1.15 -1.37 44.50
C GLY B 722 -2.48 -0.66 44.42
N GLU B 723 -2.71 0.28 45.33
CA GLU B 723 -3.94 1.05 45.28
C GLU B 723 -4.05 1.81 43.98
N ALA B 724 -2.94 2.39 43.53
CA ALA B 724 -2.95 3.12 42.27
C ALA B 724 -3.24 2.20 41.11
N GLN B 725 -2.63 1.02 41.07
CA GLN B 725 -2.86 0.13 39.95
C GLN B 725 -4.30 -0.36 39.93
N ALA B 726 -4.85 -0.69 41.09
CA ALA B 726 -6.23 -1.13 41.16
C ALA B 726 -7.16 -0.02 40.68
N ALA B 727 -6.90 1.21 41.12
CA ALA B 727 -7.73 2.32 40.68
C ALA B 727 -7.61 2.53 39.19
N GLU B 728 -6.43 2.27 38.63
CA GLU B 728 -6.26 2.40 37.19
C GLU B 728 -7.16 1.41 36.47
N GLN B 729 -7.21 0.17 36.94
CA GLN B 729 -8.12 -0.78 36.31
C GLN B 729 -9.57 -0.35 36.48
N THR B 730 -9.91 0.18 37.65
CA THR B 730 -11.29 0.62 37.88
C THR B 730 -11.69 1.70 36.90
N ILE B 731 -10.83 2.71 36.72
CA ILE B 731 -11.16 3.79 35.81
C ILE B 731 -11.24 3.27 34.38
N LYS B 732 -10.36 2.32 34.02
CA LYS B 732 -10.44 1.78 32.68
C LYS B 732 -11.76 1.07 32.44
N ASN B 733 -12.23 0.28 33.40
CA ASN B 733 -13.51 -0.39 33.21
C ASN B 733 -14.66 0.61 33.12
N MET B 734 -14.71 1.55 34.06
CA MET B 734 -15.79 2.54 34.05
C MET B 734 -15.78 3.36 32.76
N MET B 735 -14.61 3.57 32.19
CA MET B 735 -14.53 4.31 30.95
C MET B 735 -14.93 3.45 29.76
N GLU B 736 -14.65 2.14 29.84
CA GLU B 736 -15.12 1.24 28.79
C GLU B 736 -16.64 1.16 28.77
N ILE B 737 -17.30 1.27 29.93
CA ILE B 737 -18.75 1.16 29.94
C ILE B 737 -19.38 2.33 29.17
N GLU B 738 -18.95 3.55 29.46
CA GLU B 738 -19.56 4.72 28.84
C GLU B 738 -19.15 4.93 27.39
N LYS B 739 -18.35 4.04 26.82
CA LYS B 739 -17.95 4.11 25.43
C LYS B 739 -17.26 5.44 25.12
N VAL B 740 -16.12 5.65 25.77
CA VAL B 740 -15.23 6.77 25.48
C VAL B 740 -13.82 6.20 25.40
N LYS B 741 -13.15 6.44 24.29
CA LYS B 741 -11.85 5.86 24.02
C LYS B 741 -10.76 6.82 24.48
N GLY B 742 -10.10 6.49 25.59
CA GLY B 742 -9.08 7.38 26.09
C GLY B 742 -8.12 6.66 27.01
N PHE B 743 -7.05 7.37 27.32
CA PHE B 743 -5.98 6.93 28.20
C PHE B 743 -6.30 7.31 29.64
N CYS B 744 -5.58 6.73 30.58
CA CYS B 744 -5.88 6.98 31.99
C CYS B 744 -4.60 7.14 32.77
N GLN B 745 -4.43 8.31 33.39
CA GLN B 745 -3.28 8.59 34.24
C GLN B 745 -3.71 8.70 35.68
N VAL B 746 -2.95 8.06 36.57
CA VAL B 746 -3.17 8.20 38.01
C VAL B 746 -1.83 8.47 38.70
N VAL B 747 -1.78 9.52 39.50
CA VAL B 747 -0.55 9.86 40.21
C VAL B 747 -0.84 9.80 41.70
N VAL B 748 0.19 9.53 42.48
CA VAL B 748 0.06 9.44 43.93
C VAL B 748 0.87 10.56 44.54
N ALA B 749 0.20 11.58 45.05
CA ALA B 749 0.84 12.75 45.64
C ALA B 749 0.61 12.79 47.13
N SER B 750 1.23 13.78 47.77
CA SER B 750 1.07 13.96 49.22
C SER B 750 -0.18 14.79 49.50
N LYS B 751 -0.21 16.03 49.01
CA LYS B 751 -1.36 16.90 49.16
C LYS B 751 -2.05 17.02 47.81
N VAL B 752 -3.36 16.81 47.81
CA VAL B 752 -4.10 16.74 46.55
C VAL B 752 -3.92 18.00 45.72
N ARG B 753 -3.97 19.16 46.38
CA ARG B 753 -3.83 20.43 45.68
C ARG B 753 -2.57 20.43 44.82
N GLU B 754 -1.45 20.01 45.41
CA GLU B 754 -0.19 20.03 44.68
C GLU B 754 -0.22 19.03 43.53
N GLY B 755 -0.78 17.84 43.76
CA GLY B 755 -0.80 16.84 42.72
C GLY B 755 -1.56 17.31 41.51
N LEU B 756 -2.68 17.99 41.73
CA LEU B 756 -3.48 18.49 40.61
C LEU B 756 -2.63 19.28 39.64
N ALA B 757 -1.95 20.31 40.12
CA ALA B 757 -1.12 21.15 39.27
C ALA B 757 -0.22 20.33 38.36
N HIS B 758 0.51 19.38 38.95
CA HIS B 758 1.41 18.55 38.17
C HIS B 758 0.65 17.73 37.16
N LEU B 759 -0.59 17.38 37.47
CA LEU B 759 -1.37 16.65 36.49
C LEU B 759 -1.78 17.55 35.34
N ILE B 760 -2.05 18.81 35.63
CA ILE B 760 -2.50 19.74 34.60
C ILE B 760 -1.38 20.05 33.64
N GLN B 761 -0.19 20.29 34.16
CA GLN B 761 0.89 20.76 33.29
C GLN B 761 1.75 19.66 32.71
N SER B 762 1.55 18.39 33.07
CA SER B 762 2.37 17.32 32.50
C SER B 762 1.46 16.13 32.22
N CYS B 763 0.87 16.12 31.03
CA CYS B 763 0.05 15.01 30.58
C CYS B 763 0.08 15.03 29.06
N GLY B 764 0.67 13.99 28.47
CA GLY B 764 0.85 13.94 27.04
C GLY B 764 2.30 13.70 26.69
N LEU B 765 2.56 13.71 25.39
CA LEU B 765 3.92 13.45 24.93
C LEU B 765 4.25 14.39 23.78
N GLY B 766 4.94 15.48 24.09
CA GLY B 766 5.35 16.36 23.02
C GLY B 766 4.20 17.13 22.43
N GLY B 767 3.81 16.79 21.22
CA GLY B 767 2.73 17.50 20.55
C GLY B 767 1.35 17.00 20.84
N MET B 768 1.22 15.83 21.47
CA MET B 768 -0.10 15.28 21.79
C MET B 768 -0.52 15.80 23.16
N ARG B 769 -0.87 17.07 23.20
CA ARG B 769 -1.22 17.71 24.45
C ARG B 769 -2.70 18.05 24.46
N HIS B 770 -3.22 18.17 25.66
CA HIS B 770 -4.59 18.62 25.88
C HIS B 770 -4.62 20.14 25.86
N ASN B 771 -5.82 20.70 25.67
CA ASN B 771 -5.95 22.15 25.79
C ASN B 771 -7.27 22.56 26.42
N SER B 772 -7.81 21.74 27.31
CA SER B 772 -9.07 22.07 27.97
C SER B 772 -9.24 21.19 29.18
N VAL B 773 -9.65 21.78 30.28
CA VAL B 773 -9.79 21.09 31.55
C VAL B 773 -11.23 21.20 32.00
N VAL B 774 -11.91 20.07 32.10
CA VAL B 774 -13.31 20.03 32.51
C VAL B 774 -13.36 19.43 33.92
N LEU B 775 -13.60 20.29 34.91
CA LEU B 775 -13.69 19.88 36.30
C LEU B 775 -15.10 20.13 36.82
N GLY B 776 -15.51 19.34 37.80
CA GLY B 776 -16.84 19.47 38.36
C GLY B 776 -16.95 20.63 39.33
N TRP B 777 -18.12 20.72 39.95
CA TRP B 777 -18.45 21.77 40.89
C TRP B 777 -18.29 21.30 42.32
N PRO B 778 -17.81 22.16 43.24
CA PRO B 778 -17.69 21.74 44.64
C PRO B 778 -19.04 21.86 45.33
N TYR B 779 -19.57 20.74 45.79
CA TYR B 779 -20.86 20.73 46.45
C TYR B 779 -20.72 20.85 47.95
N GLY B 780 -21.64 21.57 48.56
CA GLY B 780 -21.59 21.71 50.00
C GLY B 780 -20.41 22.51 50.50
N TRP B 781 -19.94 23.49 49.73
CA TRP B 781 -18.79 24.27 50.16
C TRP B 781 -19.15 25.19 51.32
N ARG B 782 -20.30 25.86 51.23
CA ARG B 782 -20.72 26.71 52.33
C ARG B 782 -21.40 25.91 53.42
N GLN B 783 -22.02 24.79 53.07
CA GLN B 783 -22.67 23.96 54.09
C GLN B 783 -21.63 23.22 54.92
N SER B 784 -20.59 22.71 54.27
CA SER B 784 -19.54 21.98 54.98
C SER B 784 -18.84 22.88 55.99
N GLU B 785 -18.60 22.31 57.18
CA GLU B 785 -17.92 23.06 58.23
C GLU B 785 -16.48 23.40 57.84
N ASP B 786 -15.77 22.43 57.27
CA ASP B 786 -14.39 22.69 56.89
C ASP B 786 -14.39 23.49 55.58
N PRO B 787 -13.38 24.36 55.37
CA PRO B 787 -13.33 25.14 54.12
C PRO B 787 -12.37 24.57 53.08
N ARG B 788 -12.00 23.30 53.26
CA ARG B 788 -11.00 22.65 52.42
C ARG B 788 -11.40 22.53 50.95
N ALA B 789 -12.69 22.37 50.64
CA ALA B 789 -13.04 22.13 49.23
C ALA B 789 -12.88 23.39 48.36
N TRP B 790 -13.47 24.51 48.78
CA TRP B 790 -13.41 25.66 47.88
C TRP B 790 -11.96 26.13 47.72
N LYS B 791 -11.13 25.89 48.74
CA LYS B 791 -9.73 26.26 48.65
C LYS B 791 -9.02 25.47 47.57
N THR B 792 -9.55 24.30 47.22
CA THR B 792 -8.99 23.45 46.18
C THR B 792 -9.53 23.84 44.83
N PHE B 793 -10.82 24.11 44.78
CA PHE B 793 -11.44 24.54 43.54
C PHE B 793 -10.83 25.82 43.02
N ILE B 794 -10.69 26.82 43.89
CA ILE B 794 -10.13 28.10 43.46
C ILE B 794 -8.70 27.92 43.01
N ASP B 795 -7.96 27.03 43.65
CA ASP B 795 -6.58 26.84 43.26
C ASP B 795 -6.48 26.21 41.88
N THR B 796 -7.34 25.23 41.59
CA THR B 796 -7.30 24.65 40.26
C THR B 796 -7.74 25.66 39.21
N VAL B 797 -8.72 26.50 39.54
CA VAL B 797 -9.15 27.52 38.59
C VAL B 797 -8.03 28.50 38.30
N ARG B 798 -7.36 28.98 39.34
CA ARG B 798 -6.30 29.94 39.13
C ARG B 798 -5.13 29.32 38.38
N CYS B 799 -4.88 28.03 38.59
CA CYS B 799 -3.77 27.40 37.90
C CYS B 799 -4.09 27.06 36.46
N THR B 800 -5.35 26.82 36.12
CA THR B 800 -5.67 26.52 34.74
C THR B 800 -5.90 27.76 33.89
N THR B 801 -6.05 28.93 34.48
CA THR B 801 -6.12 30.14 33.68
C THR B 801 -4.75 30.74 33.39
N ALA B 802 -3.74 30.38 34.17
CA ALA B 802 -2.39 30.86 33.95
C ALA B 802 -1.62 29.99 32.99
N ALA B 803 -2.16 28.86 32.59
CA ALA B 803 -1.54 28.00 31.60
C ALA B 803 -2.15 28.22 30.23
N HIS B 804 -3.02 29.22 30.09
CA HIS B 804 -3.71 29.51 28.83
C HIS B 804 -4.47 28.27 28.35
N LEU B 805 -5.41 27.82 29.17
CA LEU B 805 -6.27 26.71 28.83
C LEU B 805 -7.73 27.11 28.95
N ALA B 806 -8.57 26.52 28.10
CA ALA B 806 -9.99 26.75 28.23
C ALA B 806 -10.49 26.04 29.48
N LEU B 807 -11.73 26.30 29.84
CA LEU B 807 -12.25 25.79 31.10
C LEU B 807 -13.73 25.49 30.95
N LEU B 808 -14.15 24.30 31.37
CA LEU B 808 -15.54 23.88 31.28
C LEU B 808 -15.97 23.38 32.64
N VAL B 809 -16.90 24.08 33.28
CA VAL B 809 -17.31 23.76 34.63
C VAL B 809 -18.76 23.30 34.66
N PRO B 810 -19.08 22.07 34.31
CA PRO B 810 -20.48 21.64 34.34
C PRO B 810 -21.04 21.60 35.74
N LYS B 811 -21.96 22.51 36.04
CA LYS B 811 -22.60 22.54 37.35
C LYS B 811 -23.80 21.62 37.38
N ASN B 812 -24.11 21.11 38.57
CA ASN B 812 -25.22 20.19 38.77
C ASN B 812 -25.14 18.98 37.83
N ILE B 813 -24.07 18.21 38.03
CA ILE B 813 -23.81 17.05 37.19
C ILE B 813 -24.77 15.89 37.44
N ALA B 814 -25.56 15.96 38.51
CA ALA B 814 -26.47 14.87 38.80
C ALA B 814 -27.74 14.89 37.96
N PHE B 815 -28.01 15.97 37.23
CA PHE B 815 -29.20 16.06 36.40
C PHE B 815 -28.91 15.94 34.92
N TYR B 816 -27.67 15.66 34.56
CA TYR B 816 -27.40 15.58 33.14
C TYR B 816 -27.90 14.26 32.55
N PRO B 817 -28.35 14.28 31.31
CA PRO B 817 -28.91 13.07 30.71
C PRO B 817 -27.85 12.02 30.45
N SER B 818 -28.31 10.79 30.33
CA SER B 818 -27.47 9.66 29.96
C SER B 818 -27.56 9.46 28.46
N ASN B 819 -26.90 8.42 27.96
CA ASN B 819 -26.93 8.15 26.53
C ASN B 819 -28.23 7.51 26.06
N HIS B 820 -28.90 6.73 26.91
CA HIS B 820 -30.13 6.10 26.45
C HIS B 820 -31.28 7.10 26.35
N GLU B 821 -31.24 8.17 27.14
CA GLU B 821 -32.28 9.18 27.05
C GLU B 821 -32.23 9.90 25.71
N ARG B 822 -33.38 10.49 25.36
CA ARG B 822 -33.51 11.27 24.15
C ARG B 822 -34.33 12.52 24.44
N TYR B 823 -34.07 13.57 23.67
CA TYR B 823 -34.76 14.84 23.83
C TYR B 823 -35.61 15.12 22.59
N LEU B 824 -36.85 15.50 22.83
CA LEU B 824 -37.80 15.82 21.79
C LEU B 824 -38.19 17.30 21.81
N GLU B 825 -38.47 17.83 22.99
CA GLU B 825 -38.81 19.24 23.17
C GLU B 825 -37.84 19.90 24.12
N GLY B 826 -37.30 21.04 23.72
CA GLY B 826 -36.36 21.79 24.50
C GLY B 826 -35.59 22.74 23.62
N HIS B 827 -34.93 23.70 24.25
CA HIS B 827 -34.17 24.68 23.48
C HIS B 827 -32.94 25.09 24.27
N ILE B 828 -31.77 24.87 23.67
CA ILE B 828 -30.52 25.27 24.29
C ILE B 828 -30.43 26.79 24.32
N ASP B 829 -29.89 27.32 25.40
CA ASP B 829 -29.74 28.76 25.55
C ASP B 829 -28.27 29.10 25.72
N VAL B 830 -27.81 30.05 24.92
CA VAL B 830 -26.46 30.58 24.99
C VAL B 830 -26.58 32.02 25.42
N TRP B 831 -25.74 32.44 26.35
CA TRP B 831 -25.87 33.77 26.90
C TRP B 831 -24.55 34.50 26.83
N TRP B 832 -23.93 34.47 25.66
CA TRP B 832 -22.62 35.07 25.46
C TRP B 832 -22.67 36.53 25.89
N ILE B 833 -21.83 36.87 26.86
CA ILE B 833 -21.95 38.20 27.46
C ILE B 833 -21.05 39.19 26.77
N VAL B 834 -19.73 39.00 26.81
CA VAL B 834 -18.85 39.93 26.12
C VAL B 834 -17.84 39.23 25.25
N HIS B 835 -16.95 38.46 25.86
CA HIS B 835 -15.85 37.85 25.15
C HIS B 835 -16.09 36.37 24.88
N ASP B 836 -15.09 35.75 24.27
CA ASP B 836 -15.08 34.32 24.03
C ASP B 836 -16.28 33.87 23.20
N GLY B 837 -16.53 34.61 22.13
CA GLY B 837 -17.68 34.32 21.29
C GLY B 837 -17.44 33.11 20.40
N GLY B 838 -16.24 33.01 19.84
CA GLY B 838 -15.93 31.88 18.95
C GLY B 838 -16.18 30.54 19.60
N MET B 839 -15.58 30.30 20.76
CA MET B 839 -15.76 29.02 21.40
C MET B 839 -17.16 28.88 21.98
N LEU B 840 -17.76 29.99 22.41
CA LEU B 840 -19.12 29.94 22.92
C LEU B 840 -20.10 29.55 21.83
N MET B 841 -19.75 29.77 20.57
CA MET B 841 -20.59 29.32 19.47
C MET B 841 -20.18 27.96 18.96
N LEU B 842 -18.93 27.57 19.14
CA LEU B 842 -18.50 26.27 18.66
C LEU B 842 -18.94 25.15 19.59
N LEU B 843 -19.16 25.46 20.86
CA LEU B 843 -19.58 24.41 21.79
C LEU B 843 -20.97 23.88 21.46
N PRO B 844 -22.00 24.71 21.26
CA PRO B 844 -23.33 24.15 21.01
C PRO B 844 -23.40 23.35 19.73
N PHE B 845 -22.63 23.73 18.71
CA PHE B 845 -22.64 22.97 17.47
C PHE B 845 -22.09 21.56 17.68
N LEU B 846 -20.89 21.46 18.26
CA LEU B 846 -20.32 20.15 18.56
C LEU B 846 -21.21 19.37 19.50
N LEU B 847 -21.98 20.05 20.34
CA LEU B 847 -22.87 19.32 21.22
C LEU B 847 -24.03 18.73 20.45
N ARG B 848 -24.74 19.55 19.69
CA ARG B 848 -25.87 19.05 18.92
C ARG B 848 -25.43 18.03 17.88
N GLN B 849 -24.14 17.95 17.56
CA GLN B 849 -23.73 16.93 16.61
C GLN B 849 -23.99 15.51 17.12
N HIS B 850 -24.31 15.33 18.39
CA HIS B 850 -24.63 14.02 18.94
C HIS B 850 -26.13 13.77 18.89
N LYS B 851 -26.50 12.50 18.81
CA LYS B 851 -27.91 12.14 18.70
C LYS B 851 -28.71 12.51 19.93
N VAL B 852 -28.07 12.66 21.08
CA VAL B 852 -28.83 12.99 22.29
C VAL B 852 -29.40 14.40 22.20
N TRP B 853 -28.66 15.32 21.61
CA TRP B 853 -29.14 16.67 21.36
C TRP B 853 -29.41 16.88 19.88
N ARG B 854 -29.89 15.83 19.21
CA ARG B 854 -29.95 15.83 17.76
C ARG B 854 -30.81 16.96 17.19
N LYS B 855 -31.87 17.36 17.88
CA LYS B 855 -32.73 18.39 17.31
C LYS B 855 -33.14 19.48 18.30
N CYS B 856 -32.36 19.71 19.34
CA CYS B 856 -32.66 20.78 20.28
C CYS B 856 -32.45 22.15 19.65
N ARG B 857 -33.48 23.00 19.76
CA ARG B 857 -33.43 24.35 19.22
C ARG B 857 -32.37 25.18 19.93
N MET B 858 -31.59 25.95 19.17
CA MET B 858 -30.60 26.83 19.74
C MET B 858 -31.11 28.26 19.71
N ARG B 859 -30.98 28.96 20.83
CA ARG B 859 -31.37 30.36 20.93
C ARG B 859 -30.20 31.18 21.46
N ILE B 860 -29.72 32.12 20.65
CA ILE B 860 -28.58 32.95 21.01
C ILE B 860 -29.11 34.25 21.63
N PHE B 861 -28.85 34.45 22.92
CA PHE B 861 -29.24 35.69 23.58
C PHE B 861 -27.98 36.48 23.81
N THR B 862 -27.94 37.72 23.34
CA THR B 862 -26.76 38.58 23.44
C THR B 862 -27.08 39.87 24.18
N VAL B 863 -26.49 40.03 25.36
CA VAL B 863 -26.67 41.23 26.17
C VAL B 863 -26.42 42.49 25.38
N ASN B 869 -23.62 49.04 16.98
CA ASN B 869 -24.95 49.04 16.40
C ASN B 869 -25.57 47.65 16.46
N SER B 870 -26.85 47.58 16.87
CA SER B 870 -27.51 46.30 16.96
C SER B 870 -27.62 45.62 15.60
N ILE B 871 -27.93 46.39 14.56
CA ILE B 871 -28.02 45.81 13.22
C ILE B 871 -26.68 45.27 12.78
N GLN B 872 -25.60 46.01 13.06
CA GLN B 872 -24.27 45.55 12.69
C GLN B 872 -23.91 44.28 13.44
N MET B 873 -24.23 44.24 14.74
CA MET B 873 -23.94 43.04 15.53
C MET B 873 -24.71 41.85 14.99
N LYS B 874 -25.98 42.03 14.67
CA LYS B 874 -26.78 40.93 14.13
C LYS B 874 -26.22 40.47 12.79
N LYS B 875 -25.82 41.42 11.94
CA LYS B 875 -25.25 41.06 10.65
C LYS B 875 -23.96 40.27 10.82
N ASP B 876 -23.16 40.64 11.83
CA ASP B 876 -21.92 39.92 12.08
C ASP B 876 -22.21 38.50 12.54
N LEU B 877 -23.09 38.36 13.53
CA LEU B 877 -23.48 37.04 13.99
C LEU B 877 -24.01 36.18 12.85
N ALA B 878 -24.82 36.77 11.96
CA ALA B 878 -25.38 36.01 10.85
C ALA B 878 -24.30 35.60 9.85
N VAL B 879 -23.41 36.52 9.47
CA VAL B 879 -22.36 36.18 8.52
C VAL B 879 -21.45 35.10 9.10
N PHE B 880 -21.12 35.21 10.39
CA PHE B 880 -20.33 34.16 11.03
C PHE B 880 -21.10 32.84 11.02
N LEU B 881 -22.40 32.90 11.27
CA LEU B 881 -23.23 31.71 11.29
C LEU B 881 -23.33 31.05 9.94
N TYR B 882 -23.12 31.80 8.86
CA TYR B 882 -23.23 31.21 7.54
C TYR B 882 -22.17 30.13 7.33
N HIS B 883 -20.93 30.40 7.74
CA HIS B 883 -19.89 29.39 7.59
C HIS B 883 -20.17 28.18 8.46
N LEU B 884 -20.56 28.42 9.72
CA LEU B 884 -20.90 27.32 10.62
C LEU B 884 -22.16 26.59 10.16
N ARG B 885 -23.14 27.32 9.62
CA ARG B 885 -24.43 26.85 9.11
C ARG B 885 -25.45 26.48 10.19
N LEU B 886 -25.22 26.88 11.45
CA LEU B 886 -26.21 26.58 12.48
C LEU B 886 -27.51 27.33 12.22
N GLU B 887 -27.42 28.55 11.71
CA GLU B 887 -28.56 29.38 11.34
C GLU B 887 -29.53 29.61 12.50
N ALA B 888 -29.03 29.51 13.73
CA ALA B 888 -29.86 29.71 14.91
C ALA B 888 -30.35 31.14 15.04
N GLU B 889 -31.57 31.28 15.55
CA GLU B 889 -32.20 32.58 15.75
C GLU B 889 -31.39 33.43 16.73
N VAL B 890 -31.27 34.71 16.44
CA VAL B 890 -30.48 35.64 17.24
C VAL B 890 -31.41 36.66 17.89
N GLU B 891 -31.36 36.75 19.21
CA GLU B 891 -32.15 37.70 19.99
C GLU B 891 -31.23 38.53 20.85
N VAL B 892 -31.13 39.82 20.55
CA VAL B 892 -30.23 40.73 21.25
C VAL B 892 -31.01 41.51 22.30
N VAL B 893 -30.74 41.22 23.56
CA VAL B 893 -31.32 41.96 24.68
C VAL B 893 -30.45 43.18 24.89
N GLU B 894 -30.91 44.14 25.69
CA GLU B 894 -30.15 45.36 25.93
C GLU B 894 -28.79 45.06 26.55
N MET B 895 -27.80 45.85 26.14
CA MET B 895 -26.43 45.74 26.63
C MET B 895 -26.13 46.96 27.49
N HIS B 896 -26.07 46.77 28.81
CA HIS B 896 -25.74 47.83 29.75
C HIS B 896 -24.28 47.72 30.18
N ASN B 897 -23.50 48.76 29.90
CA ASN B 897 -22.10 48.75 30.31
C ASN B 897 -21.97 48.69 31.82
N SER B 898 -22.82 49.43 32.53
CA SER B 898 -22.77 49.43 33.99
C SER B 898 -23.07 48.05 34.56
N ASP B 899 -23.96 47.30 33.92
CA ASP B 899 -24.34 46.00 34.44
C ASP B 899 -23.22 44.98 34.23
N ILE B 900 -22.55 45.04 33.09
CA ILE B 900 -21.49 44.09 32.77
C ILE B 900 -20.13 44.57 33.26
N SER B 901 -20.09 45.72 33.95
CA SER B 901 -18.84 46.30 34.42
C SER B 901 -17.92 45.28 35.07
N ALA B 902 -18.48 44.26 35.74
CA ALA B 902 -17.64 43.27 36.40
C ALA B 902 -16.78 42.52 35.40
N TYR B 903 -17.39 42.08 34.29
CA TYR B 903 -16.63 41.34 33.28
C TYR B 903 -15.60 42.22 32.59
N THR B 904 -15.98 43.46 32.27
CA THR B 904 -15.04 44.36 31.60
C THR B 904 -13.88 44.71 32.51
N TYR B 905 -14.16 44.87 33.80
CA TYR B 905 -13.15 45.27 34.76
C TYR B 905 -12.22 44.10 35.07
N GLU B 906 -12.73 42.88 35.03
CA GLU B 906 -11.87 41.74 35.31
C GLU B 906 -11.04 41.39 34.08
N ARG B 907 -11.60 41.59 32.88
CA ARG B 907 -10.89 41.28 31.65
C ARG B 907 -9.83 42.33 31.36
N THR B 908 -10.25 43.57 31.18
CA THR B 908 -9.32 44.65 30.84
C THR B 908 -9.27 45.69 31.95
N SER B 996 -15.78 47.59 45.85
CA SER B 996 -16.94 47.46 44.96
C SER B 996 -17.57 46.09 45.12
N ASN B 997 -17.34 45.47 46.28
CA ASN B 997 -17.90 44.15 46.54
C ASN B 997 -19.43 44.18 46.54
N VAL B 998 -20.01 45.23 47.13
CA VAL B 998 -21.46 45.35 47.16
C VAL B 998 -22.04 45.46 45.76
N ARG B 999 -21.38 46.21 44.89
CA ARG B 999 -21.86 46.34 43.51
C ARG B 999 -21.88 45.00 42.80
N ARG B 1000 -20.85 44.18 43.03
CA ARG B 1000 -20.77 42.86 42.43
C ARG B 1000 -22.07 42.08 42.62
N MET B 1001 -22.51 41.96 43.87
CA MET B 1001 -23.73 41.24 44.18
C MET B 1001 -24.94 41.87 43.49
N HIS B 1002 -25.01 43.19 43.45
CA HIS B 1002 -26.16 43.84 42.81
C HIS B 1002 -26.24 43.47 41.33
N THR B 1003 -25.11 43.53 40.62
CA THR B 1003 -25.12 43.17 39.21
C THR B 1003 -25.43 41.69 39.04
N ALA B 1004 -24.93 40.86 39.95
CA ALA B 1004 -25.16 39.43 39.81
C ALA B 1004 -26.62 39.09 40.06
N VAL B 1005 -27.27 39.83 40.96
CA VAL B 1005 -28.66 39.52 41.27
C VAL B 1005 -29.57 40.06 40.18
N LYS B 1006 -29.21 41.19 39.56
CA LYS B 1006 -30.02 41.67 38.44
C LYS B 1006 -29.88 40.74 37.24
N LEU B 1007 -28.65 40.32 36.94
CA LEU B 1007 -28.43 39.36 35.87
C LEU B 1007 -29.16 38.05 36.14
N ASN B 1008 -29.15 37.59 37.39
CA ASN B 1008 -29.85 36.36 37.73
C ASN B 1008 -31.34 36.53 37.53
N GLU B 1009 -31.87 37.69 37.93
CA GLU B 1009 -33.27 37.98 37.70
C GLU B 1009 -33.62 37.91 36.22
N VAL B 1010 -32.81 38.56 35.38
CA VAL B 1010 -33.09 38.58 33.95
C VAL B 1010 -33.07 37.16 33.37
N ILE B 1011 -32.02 36.40 33.69
CA ILE B 1011 -31.88 35.06 33.12
C ILE B 1011 -32.98 34.15 33.61
N VAL B 1012 -33.39 34.30 34.88
CA VAL B 1012 -34.39 33.39 35.42
C VAL B 1012 -35.78 33.76 34.93
N THR B 1013 -36.00 35.01 34.55
CA THR B 1013 -37.29 35.36 33.99
C THR B 1013 -37.39 35.14 32.49
N ARG B 1014 -36.27 35.08 31.78
CA ARG B 1014 -36.35 34.85 30.35
C ARG B 1014 -35.77 33.52 29.90
N SER B 1015 -35.17 32.74 30.81
CA SER B 1015 -34.59 31.47 30.39
C SER B 1015 -34.76 30.38 31.42
N HIS B 1016 -35.78 30.46 32.27
CA HIS B 1016 -35.89 29.50 33.37
C HIS B 1016 -36.16 28.10 32.83
N ASP B 1017 -37.03 27.96 31.85
CA ASP B 1017 -37.44 26.67 31.35
C ASP B 1017 -36.49 26.11 30.31
N ALA B 1018 -35.28 26.66 30.21
CA ALA B 1018 -34.33 26.22 29.20
C ALA B 1018 -33.76 24.86 29.55
N ARG B 1019 -33.36 24.12 28.51
CA ARG B 1019 -32.77 22.80 28.73
C ARG B 1019 -31.33 22.89 29.23
N LEU B 1020 -30.45 23.47 28.44
CA LEU B 1020 -29.07 23.67 28.84
C LEU B 1020 -28.70 25.12 28.65
N VAL B 1021 -28.09 25.74 29.65
CA VAL B 1021 -27.69 27.13 29.60
C VAL B 1021 -26.18 27.22 29.68
N LEU B 1022 -25.57 27.92 28.72
CA LEU B 1022 -24.13 28.15 28.69
C LEU B 1022 -23.90 29.64 28.79
N LEU B 1023 -23.15 30.06 29.80
CA LEU B 1023 -22.80 31.46 29.91
C LEU B 1023 -21.37 31.56 30.41
N ASN B 1024 -20.65 32.58 29.94
CA ASN B 1024 -19.28 32.76 30.36
C ASN B 1024 -19.24 33.46 31.71
N MET B 1025 -18.41 32.94 32.59
CA MET B 1025 -18.16 33.36 33.96
C MET B 1025 -17.01 34.37 34.02
N PRO B 1026 -17.04 35.27 34.98
CA PRO B 1026 -15.92 36.19 35.16
C PRO B 1026 -14.75 35.47 35.81
N GLY B 1027 -13.56 36.00 35.56
CA GLY B 1027 -12.36 35.42 36.11
C GLY B 1027 -12.28 35.57 37.61
N PRO B 1028 -11.57 34.68 38.26
CA PRO B 1028 -11.40 34.77 39.70
C PRO B 1028 -10.55 35.98 40.05
N PRO B 1029 -10.66 36.50 41.25
CA PRO B 1029 -9.92 37.72 41.60
C PRO B 1029 -8.42 37.45 41.70
N ARG B 1030 -7.66 38.54 41.54
CA ARG B 1030 -6.22 38.45 41.70
C ARG B 1030 -5.84 38.32 43.16
N ASN B 1031 -6.62 38.92 44.04
CA ASN B 1031 -6.38 38.80 45.47
C ASN B 1031 -6.82 37.43 45.95
N SER B 1032 -5.93 36.77 46.68
CA SER B 1032 -6.17 35.41 47.16
C SER B 1032 -7.15 35.34 48.32
N GLU B 1033 -7.60 36.47 48.85
CA GLU B 1033 -8.49 36.43 50.01
C GLU B 1033 -9.96 36.63 49.68
N GLY B 1034 -10.30 37.24 48.56
CA GLY B 1034 -11.69 37.46 48.23
C GLY B 1034 -12.37 36.24 47.62
N ASP B 1035 -11.86 35.06 47.93
CA ASP B 1035 -12.43 33.86 47.34
C ASP B 1035 -13.83 33.58 47.86
N GLU B 1036 -14.09 33.88 49.13
CA GLU B 1036 -15.44 33.67 49.65
C GLU B 1036 -16.45 34.53 48.91
N ASN B 1037 -16.11 35.80 48.69
CA ASN B 1037 -17.02 36.67 47.96
C ASN B 1037 -17.16 36.20 46.53
N TYR B 1038 -16.07 35.72 45.93
CA TYR B 1038 -16.14 35.24 44.57
C TYR B 1038 -17.07 34.03 44.47
N MET B 1039 -16.99 33.15 45.47
CA MET B 1039 -17.87 31.99 45.50
C MET B 1039 -19.32 32.40 45.70
N GLU B 1040 -19.56 33.40 46.55
CA GLU B 1040 -20.93 33.87 46.75
C GLU B 1040 -21.48 34.44 45.45
N PHE B 1041 -20.66 35.18 44.72
CA PHE B 1041 -21.05 35.70 43.42
C PHE B 1041 -21.42 34.57 42.48
N LEU B 1042 -20.53 33.59 42.34
CA LEU B 1042 -20.78 32.48 41.43
C LEU B 1042 -22.00 31.68 41.83
N GLU B 1043 -22.32 31.67 43.13
CA GLU B 1043 -23.47 30.90 43.58
C GLU B 1043 -24.78 31.64 43.32
N VAL B 1044 -24.81 32.94 43.63
CA VAL B 1044 -26.03 33.71 43.44
C VAL B 1044 -26.28 34.03 41.97
N LEU B 1045 -25.27 33.95 41.12
CA LEU B 1045 -25.52 34.23 39.71
C LEU B 1045 -26.36 33.15 39.07
N THR B 1046 -25.95 31.89 39.23
CA THR B 1046 -26.69 30.78 38.67
C THR B 1046 -27.57 30.15 39.75
N GLU B 1047 -28.59 30.90 40.12
CA GLU B 1047 -29.54 30.49 41.14
C GLU B 1047 -30.88 30.21 40.47
N GLY B 1048 -31.30 28.95 40.49
CA GLY B 1048 -32.56 28.52 39.92
C GLY B 1048 -32.41 27.65 38.69
N LEU B 1049 -31.40 27.91 37.86
CA LEU B 1049 -31.22 27.13 36.65
C LEU B 1049 -30.91 25.68 36.99
N GLU B 1050 -31.65 24.76 36.35
CA GLU B 1050 -31.44 23.34 36.62
C GLU B 1050 -30.08 22.86 36.13
N ARG B 1051 -29.69 23.21 34.92
CA ARG B 1051 -28.44 22.73 34.36
C ARG B 1051 -27.69 23.86 33.68
N VAL B 1052 -26.51 24.17 34.19
CA VAL B 1052 -25.74 25.33 33.73
C VAL B 1052 -24.28 24.92 33.57
N LEU B 1053 -23.72 25.23 32.41
CA LEU B 1053 -22.32 24.96 32.11
C LEU B 1053 -21.61 26.28 31.86
N LEU B 1054 -20.51 26.53 32.55
CA LEU B 1054 -19.77 27.77 32.42
C LEU B 1054 -18.44 27.54 31.73
N VAL B 1055 -18.13 28.36 30.74
CA VAL B 1055 -16.89 28.26 29.97
C VAL B 1055 -16.12 29.56 30.10
N ARG B 1056 -14.80 29.44 30.27
CA ARG B 1056 -13.89 30.56 30.34
C ARG B 1056 -12.82 30.38 29.28
N GLY B 1057 -12.65 31.39 28.44
CA GLY B 1057 -11.68 31.28 27.37
C GLY B 1057 -10.25 31.36 27.86
N GLY B 1058 -9.34 30.84 27.04
CA GLY B 1058 -7.93 30.86 27.35
C GLY B 1058 -7.21 32.04 26.72
N GLY B 1059 -7.74 32.56 25.62
CA GLY B 1059 -7.21 33.70 24.95
C GLY B 1059 -6.45 33.43 23.65
N ARG B 1060 -6.05 32.18 23.41
CA ARG B 1060 -5.39 31.87 22.15
C ARG B 1060 -6.31 31.17 21.17
N GLU B 1061 -7.61 31.17 21.43
CA GLU B 1061 -8.58 30.55 20.53
C GLU B 1061 -8.76 31.42 19.30
N VAL B 1062 -8.77 30.80 18.12
CA VAL B 1062 -8.84 31.55 16.88
C VAL B 1062 -10.28 31.63 16.35
N ILE B 1063 -10.96 30.50 16.22
CA ILE B 1063 -12.30 30.54 15.68
C ILE B 1063 -13.30 30.57 16.82
#